data_7H3E
# 
_entry.id   7H3E 
# 
_audit_conform.dict_name       mmcif_pdbx.dic 
_audit_conform.dict_version    5.397 
_audit_conform.dict_location   http://mmcif.pdb.org/dictionaries/ascii/mmcif_pdbx.dic 
# 
loop_
_database_2.database_id 
_database_2.database_code 
_database_2.pdbx_database_accession 
_database_2.pdbx_DOI 
PDB   7H3E         pdb_00007h3e 10.2210/pdb7h3e/pdb 
WWPDB D_1001406973 ?            ?                   
# 
loop_
_pdbx_audit_revision_history.ordinal 
_pdbx_audit_revision_history.data_content_type 
_pdbx_audit_revision_history.major_revision 
_pdbx_audit_revision_history.minor_revision 
_pdbx_audit_revision_history.revision_date 
1 'Structure model' 1 0 2024-04-24 
2 'Structure model' 1 1 2024-10-16 
# 
_pdbx_audit_revision_details.ordinal             1 
_pdbx_audit_revision_details.revision_ordinal    1 
_pdbx_audit_revision_details.data_content_type   'Structure model' 
_pdbx_audit_revision_details.provider            repository 
_pdbx_audit_revision_details.type                'Initial release' 
_pdbx_audit_revision_details.description         ? 
_pdbx_audit_revision_details.details             ? 
# 
loop_
_pdbx_audit_revision_group.ordinal 
_pdbx_audit_revision_group.revision_ordinal 
_pdbx_audit_revision_group.data_content_type 
_pdbx_audit_revision_group.group 
1 2 'Structure model' 'Database references' 
2 2 'Structure model' 'Structure summary'   
# 
loop_
_pdbx_audit_revision_category.ordinal 
_pdbx_audit_revision_category.revision_ordinal 
_pdbx_audit_revision_category.data_content_type 
_pdbx_audit_revision_category.category 
1 2 'Structure model' citation           
2 2 'Structure model' citation_author    
3 2 'Structure model' pdbx_entry_details 
# 
loop_
_pdbx_audit_revision_item.ordinal 
_pdbx_audit_revision_item.revision_ordinal 
_pdbx_audit_revision_item.data_content_type 
_pdbx_audit_revision_item.item 
1 2 'Structure model' '_citation.country'                 
2 2 'Structure model' '_citation.journal_abbrev'          
3 2 'Structure model' '_citation.journal_id_CSD'          
4 2 'Structure model' '_citation.journal_id_ISSN'         
5 2 'Structure model' '_citation.pdbx_database_id_DOI'    
6 2 'Structure model' '_citation.pdbx_database_id_PubMed' 
7 2 'Structure model' '_citation.title'                   
8 2 'Structure model' '_citation.year'                    
# 
_pdbx_database_status.entry_id                        7H3E 
_pdbx_database_status.status_code                     REL 
_pdbx_database_status.status_code_sf                  REL 
_pdbx_database_status.status_code_mr                  ? 
_pdbx_database_status.status_code_cs                  ? 
_pdbx_database_status.recvd_initial_deposition_date   2024-04-04 
_pdbx_database_status.status_code_nmr_data            ? 
_pdbx_database_status.deposit_site                    RCSB 
_pdbx_database_status.process_site                    RCSB 
_pdbx_database_status.SG_entry                        ? 
_pdbx_database_status.pdb_format_compatible           N 
_pdbx_database_status.methods_development_category    ? 
# 
_pdbx_contact_author.id                 1 
_pdbx_contact_author.email              frank.von-delft@diamond.ac.uk 
_pdbx_contact_author.name_first         Frank 
_pdbx_contact_author.name_last          'von Delft' 
_pdbx_contact_author.role               'principal investigator/group leader' 
_pdbx_contact_author.identifier_ORCID   0000-0003-0378-0017 
_pdbx_contact_author.name_mi            ? 
# 
loop_
_audit_author.name 
_audit_author.pdbx_ordinal 
'Lithgo, R.M.'        1  
'Fairhead, M.'        2  
'Koekemoer, L.'       3  
'Balcomb, B.H.'       4  
'Capkin, E.'          5  
'Chandran, A.V.'      6  
'Golding, M.'         7  
'Godoy, A.S.'         8  
'Aschenbrenner, J.C.' 9  
'Marples, P.G.'       10 
'Ni, X.'              11 
'Thompson, W.'        12 
'Tomlinson, C.W.E.'   13 
'Wild, C.'            14 
'Winokan, M.'         15 
'Xavier, M.-A.E.'     16 
'Fearon, D.'          17 
'von Delft, F.'       18 
# 
_citation.id                        primary 
_citation.title                     
;Crystallographic Fragment Screen of Coxsackievirus A16 2A Protease identifies new opportunities for the development of broad-spectrum anti-enterovirals.
;
_citation.journal_abbrev            Biorxiv 
_citation.journal_volume            ? 
_citation.page_first                ? 
_citation.page_last                 ? 
_citation.year                      2024 
_citation.journal_id_ASTM           ? 
_citation.country                   US 
_citation.journal_id_ISSN           2692-8205 
_citation.journal_id_CSD            ? 
_citation.book_publisher            ? 
_citation.pdbx_database_id_PubMed   38746446 
_citation.pdbx_database_id_DOI      10.1101/2024.04.29.591684 
# 
loop_
_citation_author.citation_id 
_citation_author.name 
_citation_author.identifier_ORCID 
_citation_author.ordinal 
primary 'Lithgo, R.M.'        0000-0002-4706-9916 1  
primary 'Tomlinson, C.W.E.'   0000-0002-1845-6028 2  
primary 'Fairhead, M.'        0000-0001-5361-3933 3  
primary 'Winokan, M.'         ?                   4  
primary 'Thompson, W.'        0000-0003-1474-7810 5  
primary 'Wild, C.'            0000-0003-0654-8141 6  
primary 'Aschenbrenner, J.C.' 0000-0002-4318-0481 7  
primary 'Balcomb, B.H.'       0000-0001-7599-8467 8  
primary 'Marples, P.G.'       0000-0002-8787-7969 9  
primary 'Chandran, A.V.'      0000-0001-9942-2614 10 
primary 'Golding, M.'         0009-0004-7472-8333 11 
primary 'Koekemoer, L.'       0000-0001-9226-9127 12 
primary 'Williams, E.P.'      0000-0002-1331-9518 13 
primary 'Wang, S.'            ?                   14 
primary 'Ni, X.'              0000-0002-7769-8297 15 
primary 'MacLean, E.'         0000-0003-1680-4292 16 
primary 'Giroud, C.'          0000-0002-1629-1581 17 
primary 'Godoy, A.S.'         0000-0002-0613-9164 18 
primary 'Xavier, M.A.'        0000-0002-1709-9479 19 
primary 'Walsh, M.'           0000-0001-5683-1151 20 
primary 'Fearon, D.'          0000-0003-3529-7863 21 
primary 'von Delft, F.'       0000-0003-0378-0017 22 
# 
loop_
_entity.id 
_entity.type 
_entity.src_method 
_entity.pdbx_description 
_entity.formula_weight 
_entity.pdbx_number_of_molecules 
_entity.pdbx_ec 
_entity.pdbx_mutation 
_entity.pdbx_fragment 
_entity.details 
1 polymer     man 'Protease 2A'                 16493.311 1   3.4.22.29 ? ? ? 
2 non-polymer man 'N-(2-methoxyphenyl)thiourea' 182.243   3   ?         ? ? ? 
3 non-polymer syn 'ZINC ION'                    65.409    1   ?         ? ? ? 
4 non-polymer syn 'DIMETHYL SULFOXIDE'          78.133    3   ?         ? ? ? 
5 non-polymer syn 'SULFATE ION'                 96.063    1   ?         ? ? ? 
6 water       nat water                         18.015    206 ?         ? ? ? 
# 
_entity_name_com.entity_id   1 
_entity_name_com.name        'P2A,Picornain 2A,Protein 2A' 
# 
_entity_poly.entity_id                      1 
_entity_poly.type                           'polypeptide(L)' 
_entity_poly.nstd_linkage                   no 
_entity_poly.nstd_monomer                   no 
_entity_poly.pdbx_seq_one_letter_code       
;QEQTGGSGAIYVGNYRVVNRHLATHNDWANLVWEDSSRDLLVSSTTAQGCDTIARCDCQTGVYYCSSRRKHYPVSFSKPS
LIFVEASEYYPARYQSHLMLAVGHSEPGDCGGILRCQHGVVGIVSTGGNGLVGFADVRDLLWLDEEAMEQ
;
_entity_poly.pdbx_seq_one_letter_code_can   
;QEQTGGSGAIYVGNYRVVNRHLATHNDWANLVWEDSSRDLLVSSTTAQGCDTIARCDCQTGVYYCSSRRKHYPVSFSKPS
LIFVEASEYYPARYQSHLMLAVGHSEPGDCGGILRCQHGVVGIVSTGGNGLVGFADVRDLLWLDEEAMEQ
;
_entity_poly.pdbx_strand_id                 A 
_entity_poly.pdbx_target_identifier         ? 
# 
loop_
_pdbx_entity_nonpoly.entity_id 
_pdbx_entity_nonpoly.name 
_pdbx_entity_nonpoly.comp_id 
2 'N-(2-methoxyphenyl)thiourea' A1AM4 
3 'ZINC ION'                    ZN    
4 'DIMETHYL SULFOXIDE'          DMS   
5 'SULFATE ION'                 SO4   
6 water                         HOH   
# 
loop_
_entity_poly_seq.entity_id 
_entity_poly_seq.num 
_entity_poly_seq.mon_id 
_entity_poly_seq.hetero 
1 1   GLN n 
1 2   GLU n 
1 3   GLN n 
1 4   THR n 
1 5   GLY n 
1 6   GLY n 
1 7   SER n 
1 8   GLY n 
1 9   ALA n 
1 10  ILE n 
1 11  TYR n 
1 12  VAL n 
1 13  GLY n 
1 14  ASN n 
1 15  TYR n 
1 16  ARG n 
1 17  VAL n 
1 18  VAL n 
1 19  ASN n 
1 20  ARG n 
1 21  HIS n 
1 22  LEU n 
1 23  ALA n 
1 24  THR n 
1 25  HIS n 
1 26  ASN n 
1 27  ASP n 
1 28  TRP n 
1 29  ALA n 
1 30  ASN n 
1 31  LEU n 
1 32  VAL n 
1 33  TRP n 
1 34  GLU n 
1 35  ASP n 
1 36  SER n 
1 37  SER n 
1 38  ARG n 
1 39  ASP n 
1 40  LEU n 
1 41  LEU n 
1 42  VAL n 
1 43  SER n 
1 44  SER n 
1 45  THR n 
1 46  THR n 
1 47  ALA n 
1 48  GLN n 
1 49  GLY n 
1 50  CYS n 
1 51  ASP n 
1 52  THR n 
1 53  ILE n 
1 54  ALA n 
1 55  ARG n 
1 56  CYS n 
1 57  ASP n 
1 58  CYS n 
1 59  GLN n 
1 60  THR n 
1 61  GLY n 
1 62  VAL n 
1 63  TYR n 
1 64  TYR n 
1 65  CYS n 
1 66  SER n 
1 67  SER n 
1 68  ARG n 
1 69  ARG n 
1 70  LYS n 
1 71  HIS n 
1 72  TYR n 
1 73  PRO n 
1 74  VAL n 
1 75  SER n 
1 76  PHE n 
1 77  SER n 
1 78  LYS n 
1 79  PRO n 
1 80  SER n 
1 81  LEU n 
1 82  ILE n 
1 83  PHE n 
1 84  VAL n 
1 85  GLU n 
1 86  ALA n 
1 87  SER n 
1 88  GLU n 
1 89  TYR n 
1 90  TYR n 
1 91  PRO n 
1 92  ALA n 
1 93  ARG n 
1 94  TYR n 
1 95  GLN n 
1 96  SER n 
1 97  HIS n 
1 98  LEU n 
1 99  MET n 
1 100 LEU n 
1 101 ALA n 
1 102 VAL n 
1 103 GLY n 
1 104 HIS n 
1 105 SER n 
1 106 GLU n 
1 107 PRO n 
1 108 GLY n 
1 109 ASP n 
1 110 CYS n 
1 111 GLY n 
1 112 GLY n 
1 113 ILE n 
1 114 LEU n 
1 115 ARG n 
1 116 CYS n 
1 117 GLN n 
1 118 HIS n 
1 119 GLY n 
1 120 VAL n 
1 121 VAL n 
1 122 GLY n 
1 123 ILE n 
1 124 VAL n 
1 125 SER n 
1 126 THR n 
1 127 GLY n 
1 128 GLY n 
1 129 ASN n 
1 130 GLY n 
1 131 LEU n 
1 132 VAL n 
1 133 GLY n 
1 134 PHE n 
1 135 ALA n 
1 136 ASP n 
1 137 VAL n 
1 138 ARG n 
1 139 ASP n 
1 140 LEU n 
1 141 LEU n 
1 142 TRP n 
1 143 LEU n 
1 144 ASP n 
1 145 GLU n 
1 146 GLU n 
1 147 ALA n 
1 148 MET n 
1 149 GLU n 
1 150 GLN n 
# 
loop_
_entity_src_gen.entity_id 
_entity_src_gen.pdbx_src_id 
_entity_src_gen.pdbx_alt_source_flag 
_entity_src_gen.pdbx_seq_type 
_entity_src_gen.pdbx_beg_seq_num 
_entity_src_gen.pdbx_end_seq_num 
_entity_src_gen.gene_src_common_name 
_entity_src_gen.gene_src_genus 
_entity_src_gen.pdbx_gene_src_gene 
_entity_src_gen.gene_src_species 
_entity_src_gen.gene_src_strain 
_entity_src_gen.gene_src_tissue 
_entity_src_gen.gene_src_tissue_fraction 
_entity_src_gen.gene_src_details 
_entity_src_gen.pdbx_gene_src_fragment 
_entity_src_gen.pdbx_gene_src_scientific_name 
_entity_src_gen.pdbx_gene_src_ncbi_taxonomy_id 
_entity_src_gen.pdbx_gene_src_variant 
_entity_src_gen.pdbx_gene_src_cell_line 
_entity_src_gen.pdbx_gene_src_atcc 
_entity_src_gen.pdbx_gene_src_organ 
_entity_src_gen.pdbx_gene_src_organelle 
_entity_src_gen.pdbx_gene_src_cell 
_entity_src_gen.pdbx_gene_src_cellular_location 
_entity_src_gen.host_org_common_name 
_entity_src_gen.pdbx_host_org_scientific_name 
_entity_src_gen.pdbx_host_org_ncbi_taxonomy_id 
_entity_src_gen.host_org_genus 
_entity_src_gen.pdbx_host_org_gene 
_entity_src_gen.pdbx_host_org_organ 
_entity_src_gen.host_org_species 
_entity_src_gen.pdbx_host_org_tissue 
_entity_src_gen.pdbx_host_org_tissue_fraction 
_entity_src_gen.pdbx_host_org_strain 
_entity_src_gen.pdbx_host_org_variant 
_entity_src_gen.pdbx_host_org_cell_line 
_entity_src_gen.pdbx_host_org_atcc 
_entity_src_gen.pdbx_host_org_culture_collection 
_entity_src_gen.pdbx_host_org_cell 
_entity_src_gen.pdbx_host_org_organelle 
_entity_src_gen.pdbx_host_org_cellular_location 
_entity_src_gen.pdbx_host_org_vector_type 
_entity_src_gen.pdbx_host_org_vector 
_entity_src_gen.host_org_details 
_entity_src_gen.expression_system_id 
_entity_src_gen.plasmid_name 
_entity_src_gen.plasmid_details 
_entity_src_gen.pdbx_description 
1 1 sample 'Biological sequence' 1 150 ? ? ? ? ? ? ? ? ? 'Coxsackievirus A16' 31704 ? ? ? ? ? ? ? ? 'Escherichia coli' 562 ? ? ? ? 
? ? ? ? ? ? ? ? ? ? ? ? ? ? ? ? ? 
2 1 sample ?                     ? ?   ? ? ? ? ? ? ? ? ? 'Coxsackievirus A16' 31704 ? ? ? ? ? ? ? ? 'Escherichia coli' 562 ? ? ? ? 
? ? ? ? ? ? ? ? ? ? ? ? ? ? ? ? ? 
# 
loop_
_chem_comp.id 
_chem_comp.type 
_chem_comp.mon_nstd_flag 
_chem_comp.name 
_chem_comp.pdbx_synonyms 
_chem_comp.formula 
_chem_comp.formula_weight 
A1AM4 non-polymer         . 'N-(2-methoxyphenyl)thiourea' ? 'C8 H10 N2 O S'  182.243 
ALA   'L-peptide linking' y ALANINE                       ? 'C3 H7 N O2'     89.093  
ARG   'L-peptide linking' y ARGININE                      ? 'C6 H15 N4 O2 1' 175.209 
ASN   'L-peptide linking' y ASPARAGINE                    ? 'C4 H8 N2 O3'    132.118 
ASP   'L-peptide linking' y 'ASPARTIC ACID'               ? 'C4 H7 N O4'     133.103 
CYS   'L-peptide linking' y CYSTEINE                      ? 'C3 H7 N O2 S'   121.158 
DMS   non-polymer         . 'DIMETHYL SULFOXIDE'          ? 'C2 H6 O S'      78.133  
GLN   'L-peptide linking' y GLUTAMINE                     ? 'C5 H10 N2 O3'   146.144 
GLU   'L-peptide linking' y 'GLUTAMIC ACID'               ? 'C5 H9 N O4'     147.129 
GLY   'peptide linking'   y GLYCINE                       ? 'C2 H5 N O2'     75.067  
HIS   'L-peptide linking' y HISTIDINE                     ? 'C6 H10 N3 O2 1' 156.162 
HOH   non-polymer         . WATER                         ? 'H2 O'           18.015  
ILE   'L-peptide linking' y ISOLEUCINE                    ? 'C6 H13 N O2'    131.173 
LEU   'L-peptide linking' y LEUCINE                       ? 'C6 H13 N O2'    131.173 
LYS   'L-peptide linking' y LYSINE                        ? 'C6 H15 N2 O2 1' 147.195 
MET   'L-peptide linking' y METHIONINE                    ? 'C5 H11 N O2 S'  149.211 
PHE   'L-peptide linking' y PHENYLALANINE                 ? 'C9 H11 N O2'    165.189 
PRO   'L-peptide linking' y PROLINE                       ? 'C5 H9 N O2'     115.130 
SER   'L-peptide linking' y SERINE                        ? 'C3 H7 N O3'     105.093 
SO4   non-polymer         . 'SULFATE ION'                 ? 'O4 S -2'        96.063  
THR   'L-peptide linking' y THREONINE                     ? 'C4 H9 N O3'     119.119 
TRP   'L-peptide linking' y TRYPTOPHAN                    ? 'C11 H12 N2 O2'  204.225 
TYR   'L-peptide linking' y TYROSINE                      ? 'C9 H11 N O3'    181.189 
VAL   'L-peptide linking' y VALINE                        ? 'C5 H11 N O2'    117.146 
ZN    non-polymer         . 'ZINC ION'                    ? 'Zn 2'           65.409  
# 
loop_
_pdbx_poly_seq_scheme.asym_id 
_pdbx_poly_seq_scheme.entity_id 
_pdbx_poly_seq_scheme.seq_id 
_pdbx_poly_seq_scheme.mon_id 
_pdbx_poly_seq_scheme.ndb_seq_num 
_pdbx_poly_seq_scheme.pdb_seq_num 
_pdbx_poly_seq_scheme.auth_seq_num 
_pdbx_poly_seq_scheme.pdb_mon_id 
_pdbx_poly_seq_scheme.auth_mon_id 
_pdbx_poly_seq_scheme.pdb_strand_id 
_pdbx_poly_seq_scheme.pdb_ins_code 
_pdbx_poly_seq_scheme.hetero 
A 1 1   GLN 1   1   ?   ?   ?   A . n 
A 1 2   GLU 2   2   ?   ?   ?   A . n 
A 1 3   GLN 3   3   ?   ?   ?   A . n 
A 1 4   THR 4   4   ?   ?   ?   A . n 
A 1 5   GLY 5   5   ?   ?   ?   A . n 
A 1 6   GLY 6   6   ?   ?   ?   A . n 
A 1 7   SER 7   7   7   SER SER A . n 
A 1 8   GLY 8   8   8   GLY GLY A . n 
A 1 9   ALA 9   9   9   ALA ALA A . n 
A 1 10  ILE 10  10  10  ILE ILE A . n 
A 1 11  TYR 11  11  11  TYR TYR A . n 
A 1 12  VAL 12  12  12  VAL VAL A . n 
A 1 13  GLY 13  13  13  GLY GLY A . n 
A 1 14  ASN 14  14  14  ASN ASN A . n 
A 1 15  TYR 15  15  15  TYR TYR A . n 
A 1 16  ARG 16  16  16  ARG ARG A . n 
A 1 17  VAL 17  17  17  VAL VAL A . n 
A 1 18  VAL 18  18  18  VAL VAL A . n 
A 1 19  ASN 19  19  19  ASN ASN A . n 
A 1 20  ARG 20  20  20  ARG ARG A . n 
A 1 21  HIS 21  21  21  HIS HIS A . n 
A 1 22  LEU 22  22  22  LEU LEU A . n 
A 1 23  ALA 23  23  23  ALA ALA A . n 
A 1 24  THR 24  24  24  THR THR A . n 
A 1 25  HIS 25  25  25  HIS HIS A . n 
A 1 26  ASN 26  26  26  ASN ASN A . n 
A 1 27  ASP 27  27  27  ASP ASP A . n 
A 1 28  TRP 28  28  28  TRP TRP A . n 
A 1 29  ALA 29  29  29  ALA ALA A . n 
A 1 30  ASN 30  30  30  ASN ASN A . n 
A 1 31  LEU 31  31  31  LEU LEU A . n 
A 1 32  VAL 32  32  32  VAL VAL A . n 
A 1 33  TRP 33  33  33  TRP TRP A . n 
A 1 34  GLU 34  34  34  GLU GLU A . n 
A 1 35  ASP 35  35  35  ASP ASP A . n 
A 1 36  SER 36  36  36  SER SER A . n 
A 1 37  SER 37  37  37  SER SER A . n 
A 1 38  ARG 38  38  38  ARG ARG A . n 
A 1 39  ASP 39  39  39  ASP ASP A . n 
A 1 40  LEU 40  40  40  LEU LEU A . n 
A 1 41  LEU 41  41  41  LEU LEU A . n 
A 1 42  VAL 42  42  42  VAL VAL A . n 
A 1 43  SER 43  43  43  SER SER A . n 
A 1 44  SER 44  44  44  SER SER A . n 
A 1 45  THR 45  45  45  THR THR A . n 
A 1 46  THR 46  46  46  THR THR A . n 
A 1 47  ALA 47  47  47  ALA ALA A . n 
A 1 48  GLN 48  48  48  GLN GLN A . n 
A 1 49  GLY 49  49  49  GLY GLY A . n 
A 1 50  CYS 50  50  50  CYS CYS A . n 
A 1 51  ASP 51  51  51  ASP ASP A . n 
A 1 52  THR 52  52  52  THR THR A . n 
A 1 53  ILE 53  53  53  ILE ILE A . n 
A 1 54  ALA 54  54  54  ALA ALA A . n 
A 1 55  ARG 55  55  55  ARG ARG A . n 
A 1 56  CYS 56  56  56  CYS CYS A . n 
A 1 57  ASP 57  57  57  ASP ASP A . n 
A 1 58  CYS 58  58  58  CYS CYS A . n 
A 1 59  GLN 59  59  59  GLN GLN A . n 
A 1 60  THR 60  60  60  THR THR A . n 
A 1 61  GLY 61  61  61  GLY GLY A . n 
A 1 62  VAL 62  62  62  VAL VAL A . n 
A 1 63  TYR 63  63  63  TYR TYR A . n 
A 1 64  TYR 64  64  64  TYR TYR A . n 
A 1 65  CYS 65  65  65  CYS CYS A . n 
A 1 66  SER 66  66  66  SER SER A . n 
A 1 67  SER 67  67  67  SER SER A . n 
A 1 68  ARG 68  68  68  ARG ARG A . n 
A 1 69  ARG 69  69  69  ARG ARG A . n 
A 1 70  LYS 70  70  70  LYS LYS A . n 
A 1 71  HIS 71  71  71  HIS HIS A . n 
A 1 72  TYR 72  72  72  TYR TYR A . n 
A 1 73  PRO 73  73  73  PRO PRO A . n 
A 1 74  VAL 74  74  74  VAL VAL A . n 
A 1 75  SER 75  75  75  SER SER A . n 
A 1 76  PHE 76  76  76  PHE PHE A . n 
A 1 77  SER 77  77  77  SER SER A . n 
A 1 78  LYS 78  78  78  LYS LYS A . n 
A 1 79  PRO 79  79  79  PRO PRO A . n 
A 1 80  SER 80  80  80  SER SER A . n 
A 1 81  LEU 81  81  81  LEU LEU A . n 
A 1 82  ILE 82  82  82  ILE ILE A . n 
A 1 83  PHE 83  83  83  PHE PHE A . n 
A 1 84  VAL 84  84  84  VAL VAL A . n 
A 1 85  GLU 85  85  85  GLU GLU A . n 
A 1 86  ALA 86  86  86  ALA ALA A . n 
A 1 87  SER 87  87  87  SER SER A . n 
A 1 88  GLU 88  88  88  GLU GLU A . n 
A 1 89  TYR 89  89  89  TYR TYR A . n 
A 1 90  TYR 90  90  90  TYR TYR A . n 
A 1 91  PRO 91  91  91  PRO PRO A . n 
A 1 92  ALA 92  92  92  ALA ALA A . n 
A 1 93  ARG 93  93  93  ARG ARG A . n 
A 1 94  TYR 94  94  94  TYR TYR A . n 
A 1 95  GLN 95  95  95  GLN GLN A . n 
A 1 96  SER 96  96  96  SER SER A . n 
A 1 97  HIS 97  97  97  HIS HIS A . n 
A 1 98  LEU 98  98  98  LEU LEU A . n 
A 1 99  MET 99  99  99  MET MET A . n 
A 1 100 LEU 100 100 100 LEU LEU A . n 
A 1 101 ALA 101 101 101 ALA ALA A . n 
A 1 102 VAL 102 102 102 VAL VAL A . n 
A 1 103 GLY 103 103 103 GLY GLY A . n 
A 1 104 HIS 104 104 104 HIS HIS A . n 
A 1 105 SER 105 105 105 SER SER A . n 
A 1 106 GLU 106 106 106 GLU GLU A . n 
A 1 107 PRO 107 107 107 PRO PRO A . n 
A 1 108 GLY 108 108 108 GLY GLY A . n 
A 1 109 ASP 109 109 109 ASP ASP A . n 
A 1 110 CYS 110 110 110 CYS CYS A . n 
A 1 111 GLY 111 111 111 GLY GLY A . n 
A 1 112 GLY 112 112 112 GLY GLY A . n 
A 1 113 ILE 113 113 113 ILE ILE A . n 
A 1 114 LEU 114 114 114 LEU LEU A . n 
A 1 115 ARG 115 115 115 ARG ARG A . n 
A 1 116 CYS 116 116 116 CYS CYS A . n 
A 1 117 GLN 117 117 117 GLN GLN A . n 
A 1 118 HIS 118 118 118 HIS HIS A . n 
A 1 119 GLY 119 119 119 GLY GLY A . n 
A 1 120 VAL 120 120 120 VAL VAL A . n 
A 1 121 VAL 121 121 121 VAL VAL A . n 
A 1 122 GLY 122 122 122 GLY GLY A . n 
A 1 123 ILE 123 123 123 ILE ILE A . n 
A 1 124 VAL 124 124 124 VAL VAL A . n 
A 1 125 SER 125 125 125 SER SER A . n 
A 1 126 THR 126 126 126 THR THR A . n 
A 1 127 GLY 127 127 127 GLY GLY A . n 
A 1 128 GLY 128 128 128 GLY GLY A . n 
A 1 129 ASN 129 129 129 ASN ASN A . n 
A 1 130 GLY 130 130 130 GLY GLY A . n 
A 1 131 LEU 131 131 131 LEU LEU A . n 
A 1 132 VAL 132 132 132 VAL VAL A . n 
A 1 133 GLY 133 133 133 GLY GLY A . n 
A 1 134 PHE 134 134 134 PHE PHE A . n 
A 1 135 ALA 135 135 135 ALA ALA A . n 
A 1 136 ASP 136 136 136 ASP ASP A . n 
A 1 137 VAL 137 137 137 VAL VAL A . n 
A 1 138 ARG 138 138 138 ARG ARG A . n 
A 1 139 ASP 139 139 139 ASP ASP A . n 
A 1 140 LEU 140 140 140 LEU LEU A . n 
A 1 141 LEU 141 141 141 LEU LEU A . n 
A 1 142 TRP 142 142 142 TRP TRP A . n 
A 1 143 LEU 143 143 143 LEU LEU A . n 
A 1 144 ASP 144 144 144 ASP ASP A . n 
A 1 145 GLU 145 145 145 GLU GLU A . n 
A 1 146 GLU 146 146 146 GLU GLU A . n 
A 1 147 ALA 147 147 ?   ?   ?   A . n 
A 1 148 MET 148 148 ?   ?   ?   A . n 
A 1 149 GLU 149 149 ?   ?   ?   A . n 
A 1 150 GLN 150 150 ?   ?   ?   A . n 
# 
loop_
_pdbx_nonpoly_scheme.asym_id 
_pdbx_nonpoly_scheme.entity_id 
_pdbx_nonpoly_scheme.mon_id 
_pdbx_nonpoly_scheme.ndb_seq_num 
_pdbx_nonpoly_scheme.pdb_seq_num 
_pdbx_nonpoly_scheme.auth_seq_num 
_pdbx_nonpoly_scheme.pdb_mon_id 
_pdbx_nonpoly_scheme.auth_mon_id 
_pdbx_nonpoly_scheme.pdb_strand_id 
_pdbx_nonpoly_scheme.pdb_ins_code 
B 2 A1AM4 1   201 147 A1AM4 LIG A . 
C 2 A1AM4 1   202 201 A1AM4 LIG A . 
D 2 A1AM4 1   203 301 A1AM4 LIG A . 
E 3 ZN    1   204 1   ZN    ZN  A . 
F 4 DMS   1   205 0   DMS   DMS A . 
G 4 DMS   1   206 1   DMS   DMS A . 
H 4 DMS   1   207 3   DMS   DMS A . 
I 5 SO4   1   208 1   SO4   SO4 A . 
J 6 HOH   1   301 214 HOH   HOH A . 
J 6 HOH   2   302 182 HOH   HOH A . 
J 6 HOH   3   303 215 HOH   HOH A . 
J 6 HOH   4   304 46  HOH   HOH A . 
J 6 HOH   5   305 190 HOH   HOH A . 
J 6 HOH   6   306 231 HOH   HOH A . 
J 6 HOH   7   307 77  HOH   HOH A . 
J 6 HOH   8   308 108 HOH   HOH A . 
J 6 HOH   9   309 94  HOH   HOH A . 
J 6 HOH   10  310 34  HOH   HOH A . 
J 6 HOH   11  311 26  HOH   HOH A . 
J 6 HOH   12  312 30  HOH   HOH A . 
J 6 HOH   13  313 245 HOH   HOH A . 
J 6 HOH   14  314 70  HOH   HOH A . 
J 6 HOH   15  315 103 HOH   HOH A . 
J 6 HOH   16  316 229 HOH   HOH A . 
J 6 HOH   17  317 186 HOH   HOH A . 
J 6 HOH   18  318 100 HOH   HOH A . 
J 6 HOH   19  319 107 HOH   HOH A . 
J 6 HOH   20  320 110 HOH   HOH A . 
J 6 HOH   21  321 200 HOH   HOH A . 
J 6 HOH   22  322 142 HOH   HOH A . 
J 6 HOH   23  323 216 HOH   HOH A . 
J 6 HOH   24  324 68  HOH   HOH A . 
J 6 HOH   25  325 111 HOH   HOH A . 
J 6 HOH   26  326 21  HOH   HOH A . 
J 6 HOH   27  327 124 HOH   HOH A . 
J 6 HOH   28  328 3   HOH   HOH A . 
J 6 HOH   29  329 133 HOH   HOH A . 
J 6 HOH   30  330 181 HOH   HOH A . 
J 6 HOH   31  331 121 HOH   HOH A . 
J 6 HOH   32  332 178 HOH   HOH A . 
J 6 HOH   33  333 238 HOH   HOH A . 
J 6 HOH   34  334 249 HOH   HOH A . 
J 6 HOH   35  335 152 HOH   HOH A . 
J 6 HOH   36  336 4   HOH   HOH A . 
J 6 HOH   37  337 220 HOH   HOH A . 
J 6 HOH   38  338 247 HOH   HOH A . 
J 6 HOH   39  339 59  HOH   HOH A . 
J 6 HOH   40  340 101 HOH   HOH A . 
J 6 HOH   41  341 169 HOH   HOH A . 
J 6 HOH   42  342 37  HOH   HOH A . 
J 6 HOH   43  343 148 HOH   HOH A . 
J 6 HOH   44  344 29  HOH   HOH A . 
J 6 HOH   45  345 211 HOH   HOH A . 
J 6 HOH   46  346 25  HOH   HOH A . 
J 6 HOH   47  347 16  HOH   HOH A . 
J 6 HOH   48  348 98  HOH   HOH A . 
J 6 HOH   49  349 33  HOH   HOH A . 
J 6 HOH   50  350 81  HOH   HOH A . 
J 6 HOH   51  351 28  HOH   HOH A . 
J 6 HOH   52  352 137 HOH   HOH A . 
J 6 HOH   53  353 150 HOH   HOH A . 
J 6 HOH   54  354 19  HOH   HOH A . 
J 6 HOH   55  355 50  HOH   HOH A . 
J 6 HOH   56  356 104 HOH   HOH A . 
J 6 HOH   57  357 147 HOH   HOH A . 
J 6 HOH   58  358 45  HOH   HOH A . 
J 6 HOH   59  359 116 HOH   HOH A . 
J 6 HOH   60  360 161 HOH   HOH A . 
J 6 HOH   61  361 198 HOH   HOH A . 
J 6 HOH   62  362 205 HOH   HOH A . 
J 6 HOH   63  363 126 HOH   HOH A . 
J 6 HOH   64  364 55  HOH   HOH A . 
J 6 HOH   65  365 180 HOH   HOH A . 
J 6 HOH   66  366 106 HOH   HOH A . 
J 6 HOH   67  367 60  HOH   HOH A . 
J 6 HOH   68  368 7   HOH   HOH A . 
J 6 HOH   69  369 2   HOH   HOH A . 
J 6 HOH   70  370 191 HOH   HOH A . 
J 6 HOH   71  371 48  HOH   HOH A . 
J 6 HOH   72  372 40  HOH   HOH A . 
J 6 HOH   73  373 113 HOH   HOH A . 
J 6 HOH   74  374 24  HOH   HOH A . 
J 6 HOH   75  375 9   HOH   HOH A . 
J 6 HOH   76  376 12  HOH   HOH A . 
J 6 HOH   77  377 90  HOH   HOH A . 
J 6 HOH   78  378 20  HOH   HOH A . 
J 6 HOH   79  379 41  HOH   HOH A . 
J 6 HOH   80  380 167 HOH   HOH A . 
J 6 HOH   81  381 112 HOH   HOH A . 
J 6 HOH   82  382 27  HOH   HOH A . 
J 6 HOH   83  383 84  HOH   HOH A . 
J 6 HOH   84  384 72  HOH   HOH A . 
J 6 HOH   85  385 36  HOH   HOH A . 
J 6 HOH   86  386 57  HOH   HOH A . 
J 6 HOH   87  387 47  HOH   HOH A . 
J 6 HOH   88  388 49  HOH   HOH A . 
J 6 HOH   89  389 79  HOH   HOH A . 
J 6 HOH   90  390 65  HOH   HOH A . 
J 6 HOH   91  391 35  HOH   HOH A . 
J 6 HOH   92  392 71  HOH   HOH A . 
J 6 HOH   93  393 177 HOH   HOH A . 
J 6 HOH   94  394 120 HOH   HOH A . 
J 6 HOH   95  395 15  HOH   HOH A . 
J 6 HOH   96  396 13  HOH   HOH A . 
J 6 HOH   97  397 17  HOH   HOH A . 
J 6 HOH   98  398 91  HOH   HOH A . 
J 6 HOH   99  399 61  HOH   HOH A . 
J 6 HOH   100 400 82  HOH   HOH A . 
J 6 HOH   101 401 5   HOH   HOH A . 
J 6 HOH   102 402 155 HOH   HOH A . 
J 6 HOH   103 403 157 HOH   HOH A . 
J 6 HOH   104 404 174 HOH   HOH A . 
J 6 HOH   105 405 146 HOH   HOH A . 
J 6 HOH   106 406 80  HOH   HOH A . 
J 6 HOH   107 407 95  HOH   HOH A . 
J 6 HOH   108 408 138 HOH   HOH A . 
J 6 HOH   109 409 42  HOH   HOH A . 
J 6 HOH   110 410 197 HOH   HOH A . 
J 6 HOH   111 411 8   HOH   HOH A . 
J 6 HOH   112 412 131 HOH   HOH A . 
J 6 HOH   113 413 62  HOH   HOH A . 
J 6 HOH   114 414 53  HOH   HOH A . 
J 6 HOH   115 415 76  HOH   HOH A . 
J 6 HOH   116 416 132 HOH   HOH A . 
J 6 HOH   117 417 168 HOH   HOH A . 
J 6 HOH   118 418 51  HOH   HOH A . 
J 6 HOH   119 419 18  HOH   HOH A . 
J 6 HOH   120 420 128 HOH   HOH A . 
J 6 HOH   121 421 123 HOH   HOH A . 
J 6 HOH   122 422 224 HOH   HOH A . 
J 6 HOH   123 423 38  HOH   HOH A . 
J 6 HOH   124 424 230 HOH   HOH A . 
J 6 HOH   125 425 105 HOH   HOH A . 
J 6 HOH   126 426 89  HOH   HOH A . 
J 6 HOH   127 427 52  HOH   HOH A . 
J 6 HOH   128 428 141 HOH   HOH A . 
J 6 HOH   129 429 96  HOH   HOH A . 
J 6 HOH   130 430 10  HOH   HOH A . 
J 6 HOH   131 431 119 HOH   HOH A . 
J 6 HOH   132 432 54  HOH   HOH A . 
J 6 HOH   133 433 69  HOH   HOH A . 
J 6 HOH   134 434 23  HOH   HOH A . 
J 6 HOH   135 435 226 HOH   HOH A . 
J 6 HOH   136 436 11  HOH   HOH A . 
J 6 HOH   137 437 250 HOH   HOH A . 
J 6 HOH   138 438 117 HOH   HOH A . 
J 6 HOH   139 439 156 HOH   HOH A . 
J 6 HOH   140 440 192 HOH   HOH A . 
J 6 HOH   141 441 219 HOH   HOH A . 
J 6 HOH   142 442 159 HOH   HOH A . 
J 6 HOH   143 443 102 HOH   HOH A . 
J 6 HOH   144 444 39  HOH   HOH A . 
J 6 HOH   145 445 74  HOH   HOH A . 
J 6 HOH   146 446 93  HOH   HOH A . 
J 6 HOH   147 447 154 HOH   HOH A . 
J 6 HOH   148 448 248 HOH   HOH A . 
J 6 HOH   149 449 237 HOH   HOH A . 
J 6 HOH   150 450 162 HOH   HOH A . 
J 6 HOH   151 451 135 HOH   HOH A . 
J 6 HOH   152 452 217 HOH   HOH A . 
J 6 HOH   153 453 228 HOH   HOH A . 
J 6 HOH   154 454 234 HOH   HOH A . 
J 6 HOH   155 455 175 HOH   HOH A . 
J 6 HOH   156 456 158 HOH   HOH A . 
J 6 HOH   157 457 87  HOH   HOH A . 
J 6 HOH   158 458 134 HOH   HOH A . 
J 6 HOH   159 459 207 HOH   HOH A . 
J 6 HOH   160 460 176 HOH   HOH A . 
J 6 HOH   161 461 201 HOH   HOH A . 
J 6 HOH   162 462 213 HOH   HOH A . 
J 6 HOH   163 463 185 HOH   HOH A . 
J 6 HOH   164 464 233 HOH   HOH A . 
J 6 HOH   165 465 187 HOH   HOH A . 
J 6 HOH   166 466 203 HOH   HOH A . 
J 6 HOH   167 467 246 HOH   HOH A . 
J 6 HOH   168 468 243 HOH   HOH A . 
J 6 HOH   169 469 99  HOH   HOH A . 
J 6 HOH   170 470 85  HOH   HOH A . 
J 6 HOH   171 471 221 HOH   HOH A . 
J 6 HOH   172 472 173 HOH   HOH A . 
J 6 HOH   173 473 183 HOH   HOH A . 
J 6 HOH   174 474 122 HOH   HOH A . 
J 6 HOH   175 475 189 HOH   HOH A . 
J 6 HOH   176 476 239 HOH   HOH A . 
J 6 HOH   177 477 127 HOH   HOH A . 
J 6 HOH   178 478 232 HOH   HOH A . 
J 6 HOH   179 479 240 HOH   HOH A . 
J 6 HOH   180 480 164 HOH   HOH A . 
J 6 HOH   181 481 14  HOH   HOH A . 
J 6 HOH   182 482 86  HOH   HOH A . 
J 6 HOH   183 483 242 HOH   HOH A . 
J 6 HOH   184 484 225 HOH   HOH A . 
J 6 HOH   185 485 151 HOH   HOH A . 
J 6 HOH   186 486 56  HOH   HOH A . 
J 6 HOH   187 487 208 HOH   HOH A . 
J 6 HOH   188 488 223 HOH   HOH A . 
J 6 HOH   189 489 114 HOH   HOH A . 
J 6 HOH   190 490 165 HOH   HOH A . 
J 6 HOH   191 491 129 HOH   HOH A . 
J 6 HOH   192 492 209 HOH   HOH A . 
J 6 HOH   193 493 206 HOH   HOH A . 
J 6 HOH   194 494 73  HOH   HOH A . 
J 6 HOH   195 495 153 HOH   HOH A . 
J 6 HOH   196 496 92  HOH   HOH A . 
J 6 HOH   197 497 136 HOH   HOH A . 
J 6 HOH   198 498 83  HOH   HOH A . 
J 6 HOH   199 499 222 HOH   HOH A . 
J 6 HOH   200 500 199 HOH   HOH A . 
J 6 HOH   201 501 202 HOH   HOH A . 
J 6 HOH   202 502 125 HOH   HOH A . 
J 6 HOH   203 503 241 HOH   HOH A . 
J 6 HOH   204 504 235 HOH   HOH A . 
J 6 HOH   205 505 160 HOH   HOH A . 
J 6 HOH   206 506 244 HOH   HOH A . 
# 
loop_
_software.classification 
_software.name 
_software.version 
_software.citation_id 
_software.pdbx_ordinal 
refinement       REFMAC  5.8.0267 ? 1 
refinement       REFMAC5 .        ? 2 
'data scaling'   Aimless .        ? 3 
phasing          PHASER  .        ? 4 
'data reduction' XDS     .        ? 5 
# 
_cell.entry_id           7H3E 
_cell.length_a           85.920 
_cell.length_b           56.730 
_cell.length_c           32.420 
_cell.angle_alpha        90.00 
_cell.angle_beta         94.69 
_cell.angle_gamma        90.00 
_cell.Z_PDB              4 
_cell.pdbx_unique_axis   ? 
# 
_symmetry.entry_id                         7H3E 
_symmetry.space_group_name_H-M             'C 1 2 1' 
_symmetry.pdbx_full_space_group_name_H-M   ? 
_symmetry.cell_setting                     ? 
_symmetry.Int_Tables_number                5 
# 
_exptl.entry_id          7H3E 
_exptl.method            'X-RAY DIFFRACTION' 
_exptl.crystals_number   1 
# 
_exptl_crystal.id                    1 
_exptl_crystal.density_meas          ? 
_exptl_crystal.density_Matthews      2.39 
_exptl_crystal.density_percent_sol   48.48 
_exptl_crystal.description           ? 
# 
_exptl_crystal_grow.crystal_id      1 
_exptl_crystal_grow.method          'VAPOR DIFFUSION, SITTING DROP' 
_exptl_crystal_grow.pH              6.05 
_exptl_crystal_grow.temp            293.15 
_exptl_crystal_grow.pdbx_details    '0.1 M MES, pH 6.05, 16 % PEG 20,000' 
_exptl_crystal_grow.temp_details    ? 
_exptl_crystal_grow.pdbx_pH_range   ? 
# 
_diffrn.id                     1 
_diffrn.ambient_temp           100 
_diffrn.crystal_id             1 
_diffrn.ambient_temp_details   ? 
# 
_diffrn_detector.detector               PIXEL 
_diffrn_detector.type                   'DECTRIS EIGER2 XE 16M' 
_diffrn_detector.pdbx_collection_date   2023-10-10 
_diffrn_detector.diffrn_id              1 
_diffrn_detector.details                ? 
# 
_diffrn_radiation.diffrn_id                        1 
_diffrn_radiation.wavelength_id                    1 
_diffrn_radiation.pdbx_diffrn_protocol             'SINGLE WAVELENGTH' 
_diffrn_radiation.pdbx_monochromatic_or_laue_m_l   ? 
_diffrn_radiation.monochromator                    ? 
_diffrn_radiation.pdbx_scattering_type             x-ray 
# 
_diffrn_radiation_wavelength.id           1 
_diffrn_radiation_wavelength.wavelength   0.94055 
_diffrn_radiation_wavelength.wt           1.0 
# 
_diffrn_source.diffrn_id                   1 
_diffrn_source.source                      SYNCHROTRON 
_diffrn_source.type                        'DIAMOND BEAMLINE I03' 
_diffrn_source.pdbx_wavelength_list        0.94055 
_diffrn_source.pdbx_synchrotron_site       Diamond 
_diffrn_source.pdbx_synchrotron_beamline   I03 
_diffrn_source.pdbx_wavelength             ? 
# 
_reflns.entry_id                     7H3E 
_reflns.pdbx_diffrn_id               1 
_reflns.pdbx_ordinal                 1 
_reflns.d_resolution_low             32.31 
_reflns.d_resolution_high            1.39 
_reflns.number_obs                   30751 
_reflns.percent_possible_obs         98.5 
_reflns.pdbx_Rmerge_I_obs            0.076 
_reflns.pdbx_netI_over_sigmaI        12.0 
_reflns.pdbx_redundancy              7.0 
_reflns.pdbx_Rrim_I_all              0.082 
_reflns.pdbx_Rpim_I_all              0.031 
_reflns.pdbx_CC_half                 0.999 
_reflns.pdbx_number_measured_all     214327 
_reflns.pdbx_chi_squared             0.97 
_reflns.observed_criterion_sigma_I   ? 
_reflns.observed_criterion_sigma_F   ? 
_reflns.number_all                   ? 
_reflns.pdbx_Rsym_value              ? 
_reflns.B_iso_Wilson_estimate        ? 
# 
_reflns_shell.pdbx_diffrn_id              1 
_reflns_shell.pdbx_ordinal                1 
_reflns_shell.d_res_high                  1.39 
_reflns_shell.d_res_low                   1.43 
_reflns_shell.number_measured_all         14919 
_reflns_shell.number_unique_obs           2200 
_reflns_shell.Rmerge_I_obs                2.469 
_reflns_shell.pdbx_chi_squared            0.91 
_reflns_shell.pdbx_redundancy             6.8 
_reflns_shell.percent_possible_obs        96.4 
_reflns_shell.pdbx_netI_over_sigmaI_obs   0.8 
_reflns_shell.pdbx_Rrim_I_all             2.672 
_reflns_shell.pdbx_Rpim_I_all             1.010 
_reflns_shell.pdbx_CC_half                0.322 
_reflns_shell.percent_possible_all        ? 
_reflns_shell.pdbx_Rsym_value             ? 
_reflns_shell.meanI_over_sigI_obs         ? 
# 
_refine.pdbx_refine_id                           'X-RAY DIFFRACTION' 
_refine.entry_id                                 7H3E 
_refine.pdbx_diffrn_id                           1 
_refine.pdbx_TLS_residual_ADP_flag               ? 
_refine.ls_number_reflns_obs                     29188 
_refine.ls_number_reflns_all                     ? 
_refine.pdbx_ls_sigma_I                          ? 
_refine.pdbx_ls_sigma_F                          ? 
_refine.pdbx_data_cutoff_high_absF               ? 
_refine.pdbx_data_cutoff_low_absF                ? 
_refine.pdbx_data_cutoff_high_rms_absF           ? 
_refine.ls_d_res_low                             32.33 
_refine.ls_d_res_high                            1.39 
_refine.ls_percent_reflns_obs                    98.27 
_refine.ls_R_factor_obs                          0.20312 
_refine.ls_R_factor_all                          ? 
_refine.ls_R_factor_R_work                       0.20079 
_refine.ls_R_factor_R_free                       0.24598 
_refine.ls_R_factor_R_free_error                 ? 
_refine.ls_R_factor_R_free_error_details         ? 
_refine.ls_percent_reflns_R_free                 5.0 
_refine.ls_number_reflns_R_free                  1550 
_refine.ls_number_parameters                     ? 
_refine.ls_number_restraints                     ? 
_refine.occupancy_min                            ? 
_refine.occupancy_max                            ? 
_refine.correlation_coeff_Fo_to_Fc               0.969 
_refine.correlation_coeff_Fo_to_Fc_free          0.953 
_refine.B_iso_mean                               25.722 
_refine.aniso_B[1][1]                            -0.09 
_refine.aniso_B[2][2]                            0.50 
_refine.aniso_B[3][3]                            -0.37 
_refine.aniso_B[1][2]                            0.00 
_refine.aniso_B[1][3]                            -0.20 
_refine.aniso_B[2][3]                            0.00 
_refine.solvent_model_details                    MASK 
_refine.solvent_model_param_ksol                 ? 
_refine.solvent_model_param_bsol                 ? 
_refine.pdbx_solvent_vdw_probe_radii             1.20 
_refine.pdbx_solvent_ion_probe_radii             0.80 
_refine.pdbx_solvent_shrinkage_radii             0.80 
_refine.pdbx_ls_cross_valid_method               THROUGHOUT 
_refine.details                                  'HYDROGENS HAVE BEEN ADDED IN THE RIDING POSITIONS' 
_refine.pdbx_starting_model                      ? 
_refine.pdbx_method_to_determine_struct          'MOLECULAR REPLACEMENT' 
_refine.pdbx_isotropic_thermal_model             ? 
_refine.pdbx_stereochemistry_target_values       'MAXIMUM LIKELIHOOD' 
_refine.pdbx_stereochem_target_val_spec_case     ? 
_refine.pdbx_R_Free_selection_details            RANDOM 
_refine.pdbx_overall_ESU_R                       0.090 
_refine.pdbx_overall_ESU_R_Free                  0.093 
_refine.overall_SU_ML                            0.093 
_refine.pdbx_overall_phase_error                 ? 
_refine.overall_SU_B                             2.502 
_refine.overall_SU_R_Cruickshank_DPI             ? 
_refine.pdbx_overall_SU_R_free_Cruickshank_DPI   ? 
_refine.pdbx_overall_SU_R_Blow_DPI               ? 
_refine.pdbx_overall_SU_R_free_Blow_DPI          ? 
# 
_refine_hist.pdbx_refine_id                   'X-RAY DIFFRACTION' 
_refine_hist.cycle_id                         1 
_refine_hist.pdbx_number_atoms_protein        1083 
_refine_hist.pdbx_number_atoms_nucleic_acid   0 
_refine_hist.pdbx_number_atoms_ligand         54 
_refine_hist.number_atoms_solvent             206 
_refine_hist.number_atoms_total               1343 
_refine_hist.d_res_high                       1.39 
_refine_hist.d_res_low                        32.33 
# 
loop_
_refine_ls_restr.type 
_refine_ls_restr.dev_ideal 
_refine_ls_restr.dev_ideal_target 
_refine_ls_restr.weight 
_refine_ls_restr.number 
_refine_ls_restr.pdbx_refine_id 
_refine_ls_restr.pdbx_restraint_function 
r_bond_refined_d             0.009  0.014  ? 2330 'X-RAY DIFFRACTION' ? 
r_bond_other_d               0.001  0.015  ? 1562 'X-RAY DIFFRACTION' ? 
r_angle_refined_deg          1.519  1.624  ? 2510 'X-RAY DIFFRACTION' ? 
r_angle_other_deg            1.370  1.612  ? 3591 'X-RAY DIFFRACTION' ? 
r_dihedral_angle_1_deg       6.843  5.000  ? 229  'X-RAY DIFFRACTION' ? 
r_dihedral_angle_2_deg       32.009 21.782 ? 101  'X-RAY DIFFRACTION' ? 
r_dihedral_angle_3_deg       14.167 15.000 ? 244  'X-RAY DIFFRACTION' ? 
r_dihedral_angle_4_deg       25.133 15.000 ? 12   'X-RAY DIFFRACTION' ? 
r_chiral_restr               0.066  0.200  ? 209  'X-RAY DIFFRACTION' ? 
r_gen_planes_refined         0.008  0.020  ? 2457 'X-RAY DIFFRACTION' ? 
r_gen_planes_other           0.002  0.020  ? 467  'X-RAY DIFFRACTION' ? 
r_nbd_refined                ?      ?      ? ?    'X-RAY DIFFRACTION' ? 
r_nbd_other                  ?      ?      ? ?    'X-RAY DIFFRACTION' ? 
r_nbtor_refined              ?      ?      ? ?    'X-RAY DIFFRACTION' ? 
r_nbtor_other                ?      ?      ? ?    'X-RAY DIFFRACTION' ? 
r_xyhbond_nbd_refined        ?      ?      ? ?    'X-RAY DIFFRACTION' ? 
r_xyhbond_nbd_other          ?      ?      ? ?    'X-RAY DIFFRACTION' ? 
r_metal_ion_refined          ?      ?      ? ?    'X-RAY DIFFRACTION' ? 
r_metal_ion_other            ?      ?      ? ?    'X-RAY DIFFRACTION' ? 
r_symmetry_vdw_refined       ?      ?      ? ?    'X-RAY DIFFRACTION' ? 
r_symmetry_vdw_other         ?      ?      ? ?    'X-RAY DIFFRACTION' ? 
r_symmetry_hbond_refined     ?      ?      ? ?    'X-RAY DIFFRACTION' ? 
r_symmetry_hbond_other       ?      ?      ? ?    'X-RAY DIFFRACTION' ? 
r_symmetry_metal_ion_refined ?      ?      ? ?    'X-RAY DIFFRACTION' ? 
r_symmetry_metal_ion_other   ?      ?      ? ?    'X-RAY DIFFRACTION' ? 
r_mcbond_it                  1.652  2.476  ? 1145 'X-RAY DIFFRACTION' ? 
r_mcbond_other               1.693  2.402  ? 1090 'X-RAY DIFFRACTION' ? 
r_mcangle_it                 2.778  3.567  ? 1117 'X-RAY DIFFRACTION' ? 
r_mcangle_other              2.777  3.568  ? 1118 'X-RAY DIFFRACTION' ? 
r_scbond_it                  1.754  2.715  ? 1184 'X-RAY DIFFRACTION' ? 
r_scbond_other               1.735  2.690  ? 1182 'X-RAY DIFFRACTION' ? 
r_scangle_it                 ?      ?      ? ?    'X-RAY DIFFRACTION' ? 
r_scangle_other              2.764  3.919  ? 1388 'X-RAY DIFFRACTION' ? 
r_long_range_B_refined       7.329  31.874 ? 2287 'X-RAY DIFFRACTION' ? 
r_long_range_B_other         7.328  31.913 ? 2288 'X-RAY DIFFRACTION' ? 
r_rigid_bond_restr           ?      ?      ? ?    'X-RAY DIFFRACTION' ? 
r_sphericity_free            ?      ?      ? ?    'X-RAY DIFFRACTION' ? 
r_sphericity_bonded          ?      ?      ? ?    'X-RAY DIFFRACTION' ? 
# 
_refine_ls_shell.pdbx_refine_id                   'X-RAY DIFFRACTION' 
_refine_ls_shell.pdbx_total_number_of_bins_used   20 
_refine_ls_shell.d_res_high                       1.390 
_refine_ls_shell.d_res_low                        1.426 
_refine_ls_shell.number_reflns_R_work             2093 
_refine_ls_shell.R_factor_R_work                  0.354 
_refine_ls_shell.percent_reflns_obs               95.58 
_refine_ls_shell.R_factor_R_free                  0.366 
_refine_ls_shell.R_factor_R_free_error            ? 
_refine_ls_shell.percent_reflns_R_free            ? 
_refine_ls_shell.number_reflns_R_free             93 
_refine_ls_shell.number_reflns_all                ? 
_refine_ls_shell.R_factor_all                     ? 
# 
_struct.entry_id                  7H3E 
_struct.title                     
;Group deposition for crystallographic fragment screening of Coxsackievirus A16 (G-10) 2A protease -- Crystal structure of Coxsackievirus A16 (G-10) 2A protease in complex with Z56921372 (A71EV2A-x0375)
;
_struct.pdbx_model_details        ? 
_struct.pdbx_CASP_flag            ? 
_struct.pdbx_model_type_details   ? 
# 
_struct_keywords.entry_id        7H3E 
_struct_keywords.pdbx_keywords   HYDROLASE 
_struct_keywords.text            
;Diamond Light Source, I03, ASAP, Coxsackievirus A16, crystallographic fragment screening, PanDDA, Pandda2, XChemExplorer, viral protein, HYDROLASE
;
# 
loop_
_struct_asym.id 
_struct_asym.pdbx_blank_PDB_chainid_flag 
_struct_asym.pdbx_modified 
_struct_asym.entity_id 
_struct_asym.details 
A N N 1 ? 
B N N 2 ? 
C N N 2 ? 
D N N 2 ? 
E N N 3 ? 
F N N 4 ? 
G N N 4 ? 
H N N 4 ? 
I N N 5 ? 
J N N 6 ? 
# 
_struct_ref.id                         1 
_struct_ref.db_name                    UNP 
_struct_ref.db_code                    POLG_CX16G 
_struct_ref.pdbx_db_accession          Q65900 
_struct_ref.pdbx_db_isoform            ? 
_struct_ref.entity_id                  1 
_struct_ref.pdbx_seq_one_letter_code   
;SGAIYVGNYRVVNRHLATHNDWANLVWEDSSRDLLVSSTTAQGCDTIARCDCQTGVYYCSSRRKHYPVSFSKPSLIFVEA
SEYYPARYQSHLMLAVGHSEPGDCGGILRCQHGVVGIVSTGGNGLVGFADVRDLLWLDEEAMEQ
;
_struct_ref.pdbx_align_begin           869 
# 
_struct_ref_seq.align_id                      1 
_struct_ref_seq.ref_id                        1 
_struct_ref_seq.pdbx_PDB_id_code              7H3E 
_struct_ref_seq.pdbx_strand_id                A 
_struct_ref_seq.seq_align_beg                 7 
_struct_ref_seq.pdbx_seq_align_beg_ins_code   ? 
_struct_ref_seq.seq_align_end                 150 
_struct_ref_seq.pdbx_seq_align_end_ins_code   ? 
_struct_ref_seq.pdbx_db_accession             Q65900 
_struct_ref_seq.db_align_beg                  869 
_struct_ref_seq.pdbx_db_align_beg_ins_code    ? 
_struct_ref_seq.db_align_end                  1012 
_struct_ref_seq.pdbx_db_align_end_ins_code    ? 
_struct_ref_seq.pdbx_auth_seq_align_beg       7 
_struct_ref_seq.pdbx_auth_seq_align_end       150 
# 
loop_
_struct_ref_seq_dif.align_id 
_struct_ref_seq_dif.pdbx_pdb_id_code 
_struct_ref_seq_dif.mon_id 
_struct_ref_seq_dif.pdbx_pdb_strand_id 
_struct_ref_seq_dif.seq_num 
_struct_ref_seq_dif.pdbx_pdb_ins_code 
_struct_ref_seq_dif.pdbx_seq_db_name 
_struct_ref_seq_dif.pdbx_seq_db_accession_code 
_struct_ref_seq_dif.db_mon_id 
_struct_ref_seq_dif.pdbx_seq_db_seq_num 
_struct_ref_seq_dif.details 
_struct_ref_seq_dif.pdbx_auth_seq_num 
_struct_ref_seq_dif.pdbx_ordinal 
1 7H3E GLN A 1 ? UNP Q65900 ? ? 'expression tag' 1 1 
1 7H3E GLU A 2 ? UNP Q65900 ? ? 'expression tag' 2 2 
1 7H3E GLN A 3 ? UNP Q65900 ? ? 'expression tag' 3 3 
1 7H3E THR A 4 ? UNP Q65900 ? ? 'expression tag' 4 4 
1 7H3E GLY A 5 ? UNP Q65900 ? ? 'expression tag' 5 5 
1 7H3E GLY A 6 ? UNP Q65900 ? ? 'expression tag' 6 6 
# 
_pdbx_struct_assembly.id                   1 
_pdbx_struct_assembly.details              author_and_software_defined_assembly 
_pdbx_struct_assembly.method_details       PISA 
_pdbx_struct_assembly.oligomeric_details   monomeric 
_pdbx_struct_assembly.oligomeric_count     1 
# 
loop_
_pdbx_struct_assembly_prop.biol_id 
_pdbx_struct_assembly_prop.type 
_pdbx_struct_assembly_prop.value 
_pdbx_struct_assembly_prop.details 
1 'ABSA (A^2)' 1620 ? 
1 MORE         -1   ? 
1 'SSA (A^2)'  7380 ? 
# 
_pdbx_struct_assembly_gen.assembly_id       1 
_pdbx_struct_assembly_gen.oper_expression   1 
_pdbx_struct_assembly_gen.asym_id_list      A,B,C,D,E,F,G,H,I,J 
# 
_pdbx_struct_oper_list.id                   1 
_pdbx_struct_oper_list.type                 'identity operation' 
_pdbx_struct_oper_list.name                 1_555 
_pdbx_struct_oper_list.symmetry_operation   x,y,z 
_pdbx_struct_oper_list.matrix[1][1]         1.0000000000 
_pdbx_struct_oper_list.matrix[1][2]         0.0000000000 
_pdbx_struct_oper_list.matrix[1][3]         0.0000000000 
_pdbx_struct_oper_list.vector[1]            0.0000000000 
_pdbx_struct_oper_list.matrix[2][1]         0.0000000000 
_pdbx_struct_oper_list.matrix[2][2]         1.0000000000 
_pdbx_struct_oper_list.matrix[2][3]         0.0000000000 
_pdbx_struct_oper_list.vector[2]            0.0000000000 
_pdbx_struct_oper_list.matrix[3][1]         0.0000000000 
_pdbx_struct_oper_list.matrix[3][2]         0.0000000000 
_pdbx_struct_oper_list.matrix[3][3]         1.0000000000 
_pdbx_struct_oper_list.vector[3]            0.0000000000 
# 
loop_
_struct_conf.conf_type_id 
_struct_conf.id 
_struct_conf.pdbx_PDB_helix_id 
_struct_conf.beg_label_comp_id 
_struct_conf.beg_label_asym_id 
_struct_conf.beg_label_seq_id 
_struct_conf.pdbx_beg_PDB_ins_code 
_struct_conf.end_label_comp_id 
_struct_conf.end_label_asym_id 
_struct_conf.end_label_seq_id 
_struct_conf.pdbx_end_PDB_ins_code 
_struct_conf.beg_auth_comp_id 
_struct_conf.beg_auth_asym_id 
_struct_conf.beg_auth_seq_id 
_struct_conf.end_auth_comp_id 
_struct_conf.end_auth_asym_id 
_struct_conf.end_auth_seq_id 
_struct_conf.pdbx_PDB_helix_class 
_struct_conf.details 
_struct_conf.pdbx_PDB_helix_length 
HELX_P HELX_P1 AA1 HIS A 21  ? ALA A 23  ? HIS A 21  ALA A 23  5 ? 3 
HELX_P HELX_P2 AA2 THR A 24  ? ASN A 30  ? THR A 24  ASN A 30  1 ? 7 
HELX_P HELX_P3 AA3 SER A 66  ? ARG A 69  ? SER A 66  ARG A 69  5 ? 4 
HELX_P HELX_P4 AA4 GLU A 106 ? CYS A 110 ? GLU A 106 CYS A 110 5 ? 5 
HELX_P HELX_P5 AA5 LEU A 140 ? GLU A 145 ? LEU A 140 GLU A 145 5 ? 6 
# 
_struct_conf_type.id          HELX_P 
_struct_conf_type.criteria    ? 
_struct_conf_type.reference   ? 
# 
loop_
_struct_conn.id 
_struct_conn.conn_type_id 
_struct_conn.pdbx_leaving_atom_flag 
_struct_conn.pdbx_PDB_id 
_struct_conn.ptnr1_label_asym_id 
_struct_conn.ptnr1_label_comp_id 
_struct_conn.ptnr1_label_seq_id 
_struct_conn.ptnr1_label_atom_id 
_struct_conn.pdbx_ptnr1_label_alt_id 
_struct_conn.pdbx_ptnr1_PDB_ins_code 
_struct_conn.pdbx_ptnr1_standard_comp_id 
_struct_conn.ptnr1_symmetry 
_struct_conn.ptnr2_label_asym_id 
_struct_conn.ptnr2_label_comp_id 
_struct_conn.ptnr2_label_seq_id 
_struct_conn.ptnr2_label_atom_id 
_struct_conn.pdbx_ptnr2_label_alt_id 
_struct_conn.pdbx_ptnr2_PDB_ins_code 
_struct_conn.ptnr1_auth_asym_id 
_struct_conn.ptnr1_auth_comp_id 
_struct_conn.ptnr1_auth_seq_id 
_struct_conn.ptnr2_auth_asym_id 
_struct_conn.ptnr2_auth_comp_id 
_struct_conn.ptnr2_auth_seq_id 
_struct_conn.ptnr2_symmetry 
_struct_conn.pdbx_ptnr3_label_atom_id 
_struct_conn.pdbx_ptnr3_label_seq_id 
_struct_conn.pdbx_ptnr3_label_comp_id 
_struct_conn.pdbx_ptnr3_label_asym_id 
_struct_conn.pdbx_ptnr3_label_alt_id 
_struct_conn.pdbx_ptnr3_PDB_ins_code 
_struct_conn.details 
_struct_conn.pdbx_dist_value 
_struct_conn.pdbx_value_order 
_struct_conn.pdbx_role 
metalc1 metalc ? ? A CYS 56  SG  ? ? ? 1_555 E ZN . ZN ? ? A CYS 56  A ZN 204 1_555 ? ? ? ? ? ? ? 2.382 ? ? 
metalc2 metalc ? ? A CYS 58  SG  ? ? ? 1_555 E ZN . ZN ? ? A CYS 58  A ZN 204 1_555 ? ? ? ? ? ? ? 2.300 ? ? 
metalc3 metalc ? ? A CYS 116 SG  ? ? ? 1_555 E ZN . ZN ? ? A CYS 116 A ZN 204 1_555 ? ? ? ? ? ? ? 2.253 ? ? 
metalc4 metalc ? ? A HIS 118 ND1 ? ? ? 1_555 E ZN . ZN ? ? A HIS 118 A ZN 204 1_555 ? ? ? ? ? ? ? 2.121 ? ? 
# 
_struct_conn_type.id          metalc 
_struct_conn_type.criteria    ? 
_struct_conn_type.reference   ? 
# 
loop_
_pdbx_struct_conn_angle.id 
_pdbx_struct_conn_angle.ptnr1_label_atom_id 
_pdbx_struct_conn_angle.ptnr1_label_alt_id 
_pdbx_struct_conn_angle.ptnr1_label_asym_id 
_pdbx_struct_conn_angle.ptnr1_label_comp_id 
_pdbx_struct_conn_angle.ptnr1_label_seq_id 
_pdbx_struct_conn_angle.ptnr1_auth_atom_id 
_pdbx_struct_conn_angle.ptnr1_auth_asym_id 
_pdbx_struct_conn_angle.ptnr1_auth_comp_id 
_pdbx_struct_conn_angle.ptnr1_auth_seq_id 
_pdbx_struct_conn_angle.ptnr1_PDB_ins_code 
_pdbx_struct_conn_angle.ptnr1_symmetry 
_pdbx_struct_conn_angle.ptnr2_label_atom_id 
_pdbx_struct_conn_angle.ptnr2_label_alt_id 
_pdbx_struct_conn_angle.ptnr2_label_asym_id 
_pdbx_struct_conn_angle.ptnr2_label_comp_id 
_pdbx_struct_conn_angle.ptnr2_label_seq_id 
_pdbx_struct_conn_angle.ptnr2_auth_atom_id 
_pdbx_struct_conn_angle.ptnr2_auth_asym_id 
_pdbx_struct_conn_angle.ptnr2_auth_comp_id 
_pdbx_struct_conn_angle.ptnr2_auth_seq_id 
_pdbx_struct_conn_angle.ptnr2_PDB_ins_code 
_pdbx_struct_conn_angle.ptnr2_symmetry 
_pdbx_struct_conn_angle.ptnr3_label_atom_id 
_pdbx_struct_conn_angle.ptnr3_label_alt_id 
_pdbx_struct_conn_angle.ptnr3_label_asym_id 
_pdbx_struct_conn_angle.ptnr3_label_comp_id 
_pdbx_struct_conn_angle.ptnr3_label_seq_id 
_pdbx_struct_conn_angle.ptnr3_auth_atom_id 
_pdbx_struct_conn_angle.ptnr3_auth_asym_id 
_pdbx_struct_conn_angle.ptnr3_auth_comp_id 
_pdbx_struct_conn_angle.ptnr3_auth_seq_id 
_pdbx_struct_conn_angle.ptnr3_PDB_ins_code 
_pdbx_struct_conn_angle.ptnr3_symmetry 
_pdbx_struct_conn_angle.value 
_pdbx_struct_conn_angle.value_esd 
1 SG ? A CYS 56  ? A CYS 56  ? 1_555 ZN ? E ZN . ? A ZN 204 ? 1_555 SG  ? A CYS 58  ? A CYS 58  ? 1_555 108.3 ? 
2 SG ? A CYS 56  ? A CYS 56  ? 1_555 ZN ? E ZN . ? A ZN 204 ? 1_555 SG  ? A CYS 116 ? A CYS 116 ? 1_555 106.1 ? 
3 SG ? A CYS 58  ? A CYS 58  ? 1_555 ZN ? E ZN . ? A ZN 204 ? 1_555 SG  ? A CYS 116 ? A CYS 116 ? 1_555 118.9 ? 
4 SG ? A CYS 56  ? A CYS 56  ? 1_555 ZN ? E ZN . ? A ZN 204 ? 1_555 ND1 ? A HIS 118 ? A HIS 118 ? 1_555 106.8 ? 
5 SG ? A CYS 58  ? A CYS 58  ? 1_555 ZN ? E ZN . ? A ZN 204 ? 1_555 ND1 ? A HIS 118 ? A HIS 118 ? 1_555 101.3 ? 
6 SG ? A CYS 116 ? A CYS 116 ? 1_555 ZN ? E ZN . ? A ZN 204 ? 1_555 ND1 ? A HIS 118 ? A HIS 118 ? 1_555 114.7 ? 
# 
loop_
_struct_sheet.id 
_struct_sheet.type 
_struct_sheet.number_strands 
_struct_sheet.details 
AA1 ? 3 ? 
AA2 ? 7 ? 
# 
loop_
_struct_sheet_order.sheet_id 
_struct_sheet_order.range_id_1 
_struct_sheet_order.range_id_2 
_struct_sheet_order.offset 
_struct_sheet_order.sense 
AA1 1 2 ? anti-parallel 
AA1 2 3 ? anti-parallel 
AA2 1 2 ? anti-parallel 
AA2 2 3 ? anti-parallel 
AA2 3 4 ? anti-parallel 
AA2 4 5 ? anti-parallel 
AA2 5 6 ? anti-parallel 
AA2 6 7 ? anti-parallel 
# 
loop_
_struct_sheet_range.sheet_id 
_struct_sheet_range.id 
_struct_sheet_range.beg_label_comp_id 
_struct_sheet_range.beg_label_asym_id 
_struct_sheet_range.beg_label_seq_id 
_struct_sheet_range.pdbx_beg_PDB_ins_code 
_struct_sheet_range.end_label_comp_id 
_struct_sheet_range.end_label_asym_id 
_struct_sheet_range.end_label_seq_id 
_struct_sheet_range.pdbx_end_PDB_ins_code 
_struct_sheet_range.beg_auth_comp_id 
_struct_sheet_range.beg_auth_asym_id 
_struct_sheet_range.beg_auth_seq_id 
_struct_sheet_range.end_auth_comp_id 
_struct_sheet_range.end_auth_asym_id 
_struct_sheet_range.end_auth_seq_id 
AA1 1 LEU A 31  ? ASP A 35  ? LEU A 31  ASP A 35  
AA1 2 LEU A 40  ? CYS A 50  ? LEU A 40  CYS A 50  
AA1 3 ILE A 10  ? ASN A 19  ? ILE A 10  ASN A 19  
AA2 1 LYS A 70  ? SER A 75  ? LYS A 70  SER A 75  
AA2 2 THR A 60  ? CYS A 65  ? THR A 60  CYS A 65  
AA2 3 ILE A 113 ? CYS A 116 ? ILE A 113 CYS A 116 
AA2 4 GLY A 119 ? GLY A 128 ? GLY A 119 GLY A 128 
AA2 5 LEU A 131 ? ASP A 136 ? LEU A 131 ASP A 136 
AA2 6 ARG A 93  ? VAL A 102 ? ARG A 93  VAL A 102 
AA2 7 SER A 80  ? VAL A 84  ? SER A 80  VAL A 84  
# 
loop_
_pdbx_struct_sheet_hbond.sheet_id 
_pdbx_struct_sheet_hbond.range_id_1 
_pdbx_struct_sheet_hbond.range_id_2 
_pdbx_struct_sheet_hbond.range_1_label_atom_id 
_pdbx_struct_sheet_hbond.range_1_label_comp_id 
_pdbx_struct_sheet_hbond.range_1_label_asym_id 
_pdbx_struct_sheet_hbond.range_1_label_seq_id 
_pdbx_struct_sheet_hbond.range_1_PDB_ins_code 
_pdbx_struct_sheet_hbond.range_1_auth_atom_id 
_pdbx_struct_sheet_hbond.range_1_auth_comp_id 
_pdbx_struct_sheet_hbond.range_1_auth_asym_id 
_pdbx_struct_sheet_hbond.range_1_auth_seq_id 
_pdbx_struct_sheet_hbond.range_2_label_atom_id 
_pdbx_struct_sheet_hbond.range_2_label_comp_id 
_pdbx_struct_sheet_hbond.range_2_label_asym_id 
_pdbx_struct_sheet_hbond.range_2_label_seq_id 
_pdbx_struct_sheet_hbond.range_2_PDB_ins_code 
_pdbx_struct_sheet_hbond.range_2_auth_atom_id 
_pdbx_struct_sheet_hbond.range_2_auth_comp_id 
_pdbx_struct_sheet_hbond.range_2_auth_asym_id 
_pdbx_struct_sheet_hbond.range_2_auth_seq_id 
AA1 1 2 N TRP A 33  ? N TRP A 33  O VAL A 42  ? O VAL A 42  
AA1 2 3 N LEU A 41  ? N LEU A 41  O VAL A 18  ? O VAL A 18  
AA2 1 2 O LYS A 70  ? O LYS A 70  N CYS A 65  ? N CYS A 65  
AA2 2 3 N VAL A 62  ? N VAL A 62  O ARG A 115 ? O ARG A 115 
AA2 3 4 N LEU A 114 ? N LEU A 114 O VAL A 121 ? O VAL A 121 
AA2 4 5 N SER A 125 ? N SER A 125 O GLY A 133 ? O GLY A 133 
AA2 5 6 O VAL A 132 ? O VAL A 132 N ALA A 101 ? N ALA A 101 
AA2 6 7 O LEU A 98  ? O LEU A 98  N SER A 80  ? N SER A 80  
# 
_pdbx_entry_details.entry_id                   7H3E 
_pdbx_entry_details.compound_details           ? 
_pdbx_entry_details.source_details             ? 
_pdbx_entry_details.nonpolymer_details         ? 
_pdbx_entry_details.sequence_details           ? 
_pdbx_entry_details.has_ligand_of_interest     ? 
_pdbx_entry_details.has_protein_modification   N 
# 
loop_
_pdbx_validate_close_contact.id 
_pdbx_validate_close_contact.PDB_model_num 
_pdbx_validate_close_contact.auth_atom_id_1 
_pdbx_validate_close_contact.auth_asym_id_1 
_pdbx_validate_close_contact.auth_comp_id_1 
_pdbx_validate_close_contact.auth_seq_id_1 
_pdbx_validate_close_contact.PDB_ins_code_1 
_pdbx_validate_close_contact.label_alt_id_1 
_pdbx_validate_close_contact.auth_atom_id_2 
_pdbx_validate_close_contact.auth_asym_id_2 
_pdbx_validate_close_contact.auth_comp_id_2 
_pdbx_validate_close_contact.auth_seq_id_2 
_pdbx_validate_close_contact.PDB_ins_code_2 
_pdbx_validate_close_contact.label_alt_id_2 
_pdbx_validate_close_contact.dist 
1 1 O  A GLY 108 ? ? O   A HOH 301 ? ? 2.12 
2 1 N  A ASN 14  ? ? O   A HOH 302 ? ? 2.16 
3 1 O  A HOH 441 ? ? O   A HOH 471 ? ? 2.16 
4 1 OG A SER 66  ? ? OD1 A ASP 109 ? ? 2.17 
5 1 O  A HOH 480 ? ? O   A HOH 495 ? ? 2.19 
# 
loop_
_pdbx_validate_torsion.id 
_pdbx_validate_torsion.PDB_model_num 
_pdbx_validate_torsion.auth_comp_id 
_pdbx_validate_torsion.auth_asym_id 
_pdbx_validate_torsion.auth_seq_id 
_pdbx_validate_torsion.PDB_ins_code 
_pdbx_validate_torsion.label_alt_id 
_pdbx_validate_torsion.phi 
_pdbx_validate_torsion.psi 
1 1 PHE A 83  ? ? -60.87  92.58  
2 1 SER A 125 ? ? -131.75 -30.30 
# 
loop_
_pdbx_distant_solvent_atoms.id 
_pdbx_distant_solvent_atoms.PDB_model_num 
_pdbx_distant_solvent_atoms.auth_atom_id 
_pdbx_distant_solvent_atoms.label_alt_id 
_pdbx_distant_solvent_atoms.auth_asym_id 
_pdbx_distant_solvent_atoms.auth_comp_id 
_pdbx_distant_solvent_atoms.auth_seq_id 
_pdbx_distant_solvent_atoms.PDB_ins_code 
_pdbx_distant_solvent_atoms.neighbor_macromolecule_distance 
_pdbx_distant_solvent_atoms.neighbor_ligand_distance 
1 1 O ? A HOH 505 ? 6.44 . 
2 1 O ? A HOH 506 ? 7.24 . 
# 
loop_
_pdbx_unobs_or_zero_occ_residues.id 
_pdbx_unobs_or_zero_occ_residues.PDB_model_num 
_pdbx_unobs_or_zero_occ_residues.polymer_flag 
_pdbx_unobs_or_zero_occ_residues.occupancy_flag 
_pdbx_unobs_or_zero_occ_residues.auth_asym_id 
_pdbx_unobs_or_zero_occ_residues.auth_comp_id 
_pdbx_unobs_or_zero_occ_residues.auth_seq_id 
_pdbx_unobs_or_zero_occ_residues.PDB_ins_code 
_pdbx_unobs_or_zero_occ_residues.label_asym_id 
_pdbx_unobs_or_zero_occ_residues.label_comp_id 
_pdbx_unobs_or_zero_occ_residues.label_seq_id 
1  1 Y 1 A GLN 1   ? A GLN 1   
2  1 Y 1 A GLU 2   ? A GLU 2   
3  1 Y 1 A GLN 3   ? A GLN 3   
4  1 Y 1 A THR 4   ? A THR 4   
5  1 Y 1 A GLY 5   ? A GLY 5   
6  1 Y 1 A GLY 6   ? A GLY 6   
7  1 Y 1 A ALA 147 ? A ALA 147 
8  1 Y 1 A MET 148 ? A MET 148 
9  1 Y 1 A GLU 149 ? A GLU 149 
10 1 Y 1 A GLN 150 ? A GLN 150 
# 
loop_
_chem_comp_atom.comp_id 
_chem_comp_atom.atom_id 
_chem_comp_atom.type_symbol 
_chem_comp_atom.pdbx_aromatic_flag 
_chem_comp_atom.pdbx_stereo_config 
_chem_comp_atom.pdbx_ordinal 
A1AM4 N1   N  N N 1   
A1AM4 C4   C  Y N 2   
A1AM4 C5   C  Y N 3   
A1AM4 C6   C  Y N 4   
A1AM4 C7   C  N N 5   
A1AM4 N    N  N N 6   
A1AM4 C    C  N N 7   
A1AM4 O    O  N N 8   
A1AM4 C1   C  Y N 9   
A1AM4 C2   C  Y N 10  
A1AM4 C3   C  Y N 11  
A1AM4 S    S  N N 12  
A1AM4 H8   H  N N 13  
A1AM4 H9   H  N N 14  
A1AM4 H5   H  N N 15  
A1AM4 H6   H  N N 16  
A1AM4 H7   H  N N 17  
A1AM4 H1   H  N N 18  
A1AM4 H2   H  N N 19  
A1AM4 H    H  N N 20  
A1AM4 H3   H  N N 21  
A1AM4 H4   H  N N 22  
ALA   N    N  N N 23  
ALA   CA   C  N S 24  
ALA   C    C  N N 25  
ALA   O    O  N N 26  
ALA   CB   C  N N 27  
ALA   OXT  O  N N 28  
ALA   H    H  N N 29  
ALA   H2   H  N N 30  
ALA   HA   H  N N 31  
ALA   HB1  H  N N 32  
ALA   HB2  H  N N 33  
ALA   HB3  H  N N 34  
ALA   HXT  H  N N 35  
ARG   N    N  N N 36  
ARG   CA   C  N S 37  
ARG   C    C  N N 38  
ARG   O    O  N N 39  
ARG   CB   C  N N 40  
ARG   CG   C  N N 41  
ARG   CD   C  N N 42  
ARG   NE   N  N N 43  
ARG   CZ   C  N N 44  
ARG   NH1  N  N N 45  
ARG   NH2  N  N N 46  
ARG   OXT  O  N N 47  
ARG   H    H  N N 48  
ARG   H2   H  N N 49  
ARG   HA   H  N N 50  
ARG   HB2  H  N N 51  
ARG   HB3  H  N N 52  
ARG   HG2  H  N N 53  
ARG   HG3  H  N N 54  
ARG   HD2  H  N N 55  
ARG   HD3  H  N N 56  
ARG   HE   H  N N 57  
ARG   HH11 H  N N 58  
ARG   HH12 H  N N 59  
ARG   HH21 H  N N 60  
ARG   HH22 H  N N 61  
ARG   HXT  H  N N 62  
ASN   N    N  N N 63  
ASN   CA   C  N S 64  
ASN   C    C  N N 65  
ASN   O    O  N N 66  
ASN   CB   C  N N 67  
ASN   CG   C  N N 68  
ASN   OD1  O  N N 69  
ASN   ND2  N  N N 70  
ASN   OXT  O  N N 71  
ASN   H    H  N N 72  
ASN   H2   H  N N 73  
ASN   HA   H  N N 74  
ASN   HB2  H  N N 75  
ASN   HB3  H  N N 76  
ASN   HD21 H  N N 77  
ASN   HD22 H  N N 78  
ASN   HXT  H  N N 79  
ASP   N    N  N N 80  
ASP   CA   C  N S 81  
ASP   C    C  N N 82  
ASP   O    O  N N 83  
ASP   CB   C  N N 84  
ASP   CG   C  N N 85  
ASP   OD1  O  N N 86  
ASP   OD2  O  N N 87  
ASP   OXT  O  N N 88  
ASP   H    H  N N 89  
ASP   H2   H  N N 90  
ASP   HA   H  N N 91  
ASP   HB2  H  N N 92  
ASP   HB3  H  N N 93  
ASP   HD2  H  N N 94  
ASP   HXT  H  N N 95  
CYS   N    N  N N 96  
CYS   CA   C  N R 97  
CYS   C    C  N N 98  
CYS   O    O  N N 99  
CYS   CB   C  N N 100 
CYS   SG   S  N N 101 
CYS   OXT  O  N N 102 
CYS   H    H  N N 103 
CYS   H2   H  N N 104 
CYS   HA   H  N N 105 
CYS   HB2  H  N N 106 
CYS   HB3  H  N N 107 
CYS   HG   H  N N 108 
CYS   HXT  H  N N 109 
DMS   S    S  N N 110 
DMS   O    O  N N 111 
DMS   C1   C  N N 112 
DMS   C2   C  N N 113 
DMS   H11  H  N N 114 
DMS   H12  H  N N 115 
DMS   H13  H  N N 116 
DMS   H21  H  N N 117 
DMS   H22  H  N N 118 
DMS   H23  H  N N 119 
GLN   N    N  N N 120 
GLN   CA   C  N S 121 
GLN   C    C  N N 122 
GLN   O    O  N N 123 
GLN   CB   C  N N 124 
GLN   CG   C  N N 125 
GLN   CD   C  N N 126 
GLN   OE1  O  N N 127 
GLN   NE2  N  N N 128 
GLN   OXT  O  N N 129 
GLN   H    H  N N 130 
GLN   H2   H  N N 131 
GLN   HA   H  N N 132 
GLN   HB2  H  N N 133 
GLN   HB3  H  N N 134 
GLN   HG2  H  N N 135 
GLN   HG3  H  N N 136 
GLN   HE21 H  N N 137 
GLN   HE22 H  N N 138 
GLN   HXT  H  N N 139 
GLU   N    N  N N 140 
GLU   CA   C  N S 141 
GLU   C    C  N N 142 
GLU   O    O  N N 143 
GLU   CB   C  N N 144 
GLU   CG   C  N N 145 
GLU   CD   C  N N 146 
GLU   OE1  O  N N 147 
GLU   OE2  O  N N 148 
GLU   OXT  O  N N 149 
GLU   H    H  N N 150 
GLU   H2   H  N N 151 
GLU   HA   H  N N 152 
GLU   HB2  H  N N 153 
GLU   HB3  H  N N 154 
GLU   HG2  H  N N 155 
GLU   HG3  H  N N 156 
GLU   HE2  H  N N 157 
GLU   HXT  H  N N 158 
GLY   N    N  N N 159 
GLY   CA   C  N N 160 
GLY   C    C  N N 161 
GLY   O    O  N N 162 
GLY   OXT  O  N N 163 
GLY   H    H  N N 164 
GLY   H2   H  N N 165 
GLY   HA2  H  N N 166 
GLY   HA3  H  N N 167 
GLY   HXT  H  N N 168 
HIS   N    N  N N 169 
HIS   CA   C  N S 170 
HIS   C    C  N N 171 
HIS   O    O  N N 172 
HIS   CB   C  N N 173 
HIS   CG   C  Y N 174 
HIS   ND1  N  Y N 175 
HIS   CD2  C  Y N 176 
HIS   CE1  C  Y N 177 
HIS   NE2  N  Y N 178 
HIS   OXT  O  N N 179 
HIS   H    H  N N 180 
HIS   H2   H  N N 181 
HIS   HA   H  N N 182 
HIS   HB2  H  N N 183 
HIS   HB3  H  N N 184 
HIS   HD1  H  N N 185 
HIS   HD2  H  N N 186 
HIS   HE1  H  N N 187 
HIS   HE2  H  N N 188 
HIS   HXT  H  N N 189 
HOH   O    O  N N 190 
HOH   H1   H  N N 191 
HOH   H2   H  N N 192 
ILE   N    N  N N 193 
ILE   CA   C  N S 194 
ILE   C    C  N N 195 
ILE   O    O  N N 196 
ILE   CB   C  N S 197 
ILE   CG1  C  N N 198 
ILE   CG2  C  N N 199 
ILE   CD1  C  N N 200 
ILE   OXT  O  N N 201 
ILE   H    H  N N 202 
ILE   H2   H  N N 203 
ILE   HA   H  N N 204 
ILE   HB   H  N N 205 
ILE   HG12 H  N N 206 
ILE   HG13 H  N N 207 
ILE   HG21 H  N N 208 
ILE   HG22 H  N N 209 
ILE   HG23 H  N N 210 
ILE   HD11 H  N N 211 
ILE   HD12 H  N N 212 
ILE   HD13 H  N N 213 
ILE   HXT  H  N N 214 
LEU   N    N  N N 215 
LEU   CA   C  N S 216 
LEU   C    C  N N 217 
LEU   O    O  N N 218 
LEU   CB   C  N N 219 
LEU   CG   C  N N 220 
LEU   CD1  C  N N 221 
LEU   CD2  C  N N 222 
LEU   OXT  O  N N 223 
LEU   H    H  N N 224 
LEU   H2   H  N N 225 
LEU   HA   H  N N 226 
LEU   HB2  H  N N 227 
LEU   HB3  H  N N 228 
LEU   HG   H  N N 229 
LEU   HD11 H  N N 230 
LEU   HD12 H  N N 231 
LEU   HD13 H  N N 232 
LEU   HD21 H  N N 233 
LEU   HD22 H  N N 234 
LEU   HD23 H  N N 235 
LEU   HXT  H  N N 236 
LYS   N    N  N N 237 
LYS   CA   C  N S 238 
LYS   C    C  N N 239 
LYS   O    O  N N 240 
LYS   CB   C  N N 241 
LYS   CG   C  N N 242 
LYS   CD   C  N N 243 
LYS   CE   C  N N 244 
LYS   NZ   N  N N 245 
LYS   OXT  O  N N 246 
LYS   H    H  N N 247 
LYS   H2   H  N N 248 
LYS   HA   H  N N 249 
LYS   HB2  H  N N 250 
LYS   HB3  H  N N 251 
LYS   HG2  H  N N 252 
LYS   HG3  H  N N 253 
LYS   HD2  H  N N 254 
LYS   HD3  H  N N 255 
LYS   HE2  H  N N 256 
LYS   HE3  H  N N 257 
LYS   HZ1  H  N N 258 
LYS   HZ2  H  N N 259 
LYS   HZ3  H  N N 260 
LYS   HXT  H  N N 261 
MET   N    N  N N 262 
MET   CA   C  N S 263 
MET   C    C  N N 264 
MET   O    O  N N 265 
MET   CB   C  N N 266 
MET   CG   C  N N 267 
MET   SD   S  N N 268 
MET   CE   C  N N 269 
MET   OXT  O  N N 270 
MET   H    H  N N 271 
MET   H2   H  N N 272 
MET   HA   H  N N 273 
MET   HB2  H  N N 274 
MET   HB3  H  N N 275 
MET   HG2  H  N N 276 
MET   HG3  H  N N 277 
MET   HE1  H  N N 278 
MET   HE2  H  N N 279 
MET   HE3  H  N N 280 
MET   HXT  H  N N 281 
PHE   N    N  N N 282 
PHE   CA   C  N S 283 
PHE   C    C  N N 284 
PHE   O    O  N N 285 
PHE   CB   C  N N 286 
PHE   CG   C  Y N 287 
PHE   CD1  C  Y N 288 
PHE   CD2  C  Y N 289 
PHE   CE1  C  Y N 290 
PHE   CE2  C  Y N 291 
PHE   CZ   C  Y N 292 
PHE   OXT  O  N N 293 
PHE   H    H  N N 294 
PHE   H2   H  N N 295 
PHE   HA   H  N N 296 
PHE   HB2  H  N N 297 
PHE   HB3  H  N N 298 
PHE   HD1  H  N N 299 
PHE   HD2  H  N N 300 
PHE   HE1  H  N N 301 
PHE   HE2  H  N N 302 
PHE   HZ   H  N N 303 
PHE   HXT  H  N N 304 
PRO   N    N  N N 305 
PRO   CA   C  N S 306 
PRO   C    C  N N 307 
PRO   O    O  N N 308 
PRO   CB   C  N N 309 
PRO   CG   C  N N 310 
PRO   CD   C  N N 311 
PRO   OXT  O  N N 312 
PRO   H    H  N N 313 
PRO   HA   H  N N 314 
PRO   HB2  H  N N 315 
PRO   HB3  H  N N 316 
PRO   HG2  H  N N 317 
PRO   HG3  H  N N 318 
PRO   HD2  H  N N 319 
PRO   HD3  H  N N 320 
PRO   HXT  H  N N 321 
SER   N    N  N N 322 
SER   CA   C  N S 323 
SER   C    C  N N 324 
SER   O    O  N N 325 
SER   CB   C  N N 326 
SER   OG   O  N N 327 
SER   OXT  O  N N 328 
SER   H    H  N N 329 
SER   H2   H  N N 330 
SER   HA   H  N N 331 
SER   HB2  H  N N 332 
SER   HB3  H  N N 333 
SER   HG   H  N N 334 
SER   HXT  H  N N 335 
SO4   S    S  N N 336 
SO4   O1   O  N N 337 
SO4   O2   O  N N 338 
SO4   O3   O  N N 339 
SO4   O4   O  N N 340 
THR   N    N  N N 341 
THR   CA   C  N S 342 
THR   C    C  N N 343 
THR   O    O  N N 344 
THR   CB   C  N R 345 
THR   OG1  O  N N 346 
THR   CG2  C  N N 347 
THR   OXT  O  N N 348 
THR   H    H  N N 349 
THR   H2   H  N N 350 
THR   HA   H  N N 351 
THR   HB   H  N N 352 
THR   HG1  H  N N 353 
THR   HG21 H  N N 354 
THR   HG22 H  N N 355 
THR   HG23 H  N N 356 
THR   HXT  H  N N 357 
TRP   N    N  N N 358 
TRP   CA   C  N S 359 
TRP   C    C  N N 360 
TRP   O    O  N N 361 
TRP   CB   C  N N 362 
TRP   CG   C  Y N 363 
TRP   CD1  C  Y N 364 
TRP   CD2  C  Y N 365 
TRP   NE1  N  Y N 366 
TRP   CE2  C  Y N 367 
TRP   CE3  C  Y N 368 
TRP   CZ2  C  Y N 369 
TRP   CZ3  C  Y N 370 
TRP   CH2  C  Y N 371 
TRP   OXT  O  N N 372 
TRP   H    H  N N 373 
TRP   H2   H  N N 374 
TRP   HA   H  N N 375 
TRP   HB2  H  N N 376 
TRP   HB3  H  N N 377 
TRP   HD1  H  N N 378 
TRP   HE1  H  N N 379 
TRP   HE3  H  N N 380 
TRP   HZ2  H  N N 381 
TRP   HZ3  H  N N 382 
TRP   HH2  H  N N 383 
TRP   HXT  H  N N 384 
TYR   N    N  N N 385 
TYR   CA   C  N S 386 
TYR   C    C  N N 387 
TYR   O    O  N N 388 
TYR   CB   C  N N 389 
TYR   CG   C  Y N 390 
TYR   CD1  C  Y N 391 
TYR   CD2  C  Y N 392 
TYR   CE1  C  Y N 393 
TYR   CE2  C  Y N 394 
TYR   CZ   C  Y N 395 
TYR   OH   O  N N 396 
TYR   OXT  O  N N 397 
TYR   H    H  N N 398 
TYR   H2   H  N N 399 
TYR   HA   H  N N 400 
TYR   HB2  H  N N 401 
TYR   HB3  H  N N 402 
TYR   HD1  H  N N 403 
TYR   HD2  H  N N 404 
TYR   HE1  H  N N 405 
TYR   HE2  H  N N 406 
TYR   HH   H  N N 407 
TYR   HXT  H  N N 408 
VAL   N    N  N N 409 
VAL   CA   C  N S 410 
VAL   C    C  N N 411 
VAL   O    O  N N 412 
VAL   CB   C  N N 413 
VAL   CG1  C  N N 414 
VAL   CG2  C  N N 415 
VAL   OXT  O  N N 416 
VAL   H    H  N N 417 
VAL   H2   H  N N 418 
VAL   HA   H  N N 419 
VAL   HB   H  N N 420 
VAL   HG11 H  N N 421 
VAL   HG12 H  N N 422 
VAL   HG13 H  N N 423 
VAL   HG21 H  N N 424 
VAL   HG22 H  N N 425 
VAL   HG23 H  N N 426 
VAL   HXT  H  N N 427 
ZN    ZN   ZN N N 428 
# 
loop_
_chem_comp_bond.comp_id 
_chem_comp_bond.atom_id_1 
_chem_comp_bond.atom_id_2 
_chem_comp_bond.value_order 
_chem_comp_bond.pdbx_aromatic_flag 
_chem_comp_bond.pdbx_stereo_config 
_chem_comp_bond.pdbx_ordinal 
A1AM4 C   O    sing N N 1   
A1AM4 O   C1   sing N N 2   
A1AM4 C1  C2   doub Y N 3   
A1AM4 C2  C3   sing Y N 4   
A1AM4 C3  C4   doub Y N 5   
A1AM4 C4  C5   sing Y N 6   
A1AM4 C5  C6   doub Y N 7   
A1AM4 C1  C6   sing Y N 8   
A1AM4 C6  N    sing N N 9   
A1AM4 N   C7   sing N N 10  
A1AM4 C7  S    doub N N 11  
A1AM4 N1  C7   sing N N 12  
A1AM4 N1  H8   sing N N 13  
A1AM4 N1  H9   sing N N 14  
A1AM4 C4  H5   sing N N 15  
A1AM4 C5  H6   sing N N 16  
A1AM4 N   H7   sing N N 17  
A1AM4 C   H1   sing N N 18  
A1AM4 C   H2   sing N N 19  
A1AM4 C   H    sing N N 20  
A1AM4 C2  H3   sing N N 21  
A1AM4 C3  H4   sing N N 22  
ALA   N   CA   sing N N 23  
ALA   N   H    sing N N 24  
ALA   N   H2   sing N N 25  
ALA   CA  C    sing N N 26  
ALA   CA  CB   sing N N 27  
ALA   CA  HA   sing N N 28  
ALA   C   O    doub N N 29  
ALA   C   OXT  sing N N 30  
ALA   CB  HB1  sing N N 31  
ALA   CB  HB2  sing N N 32  
ALA   CB  HB3  sing N N 33  
ALA   OXT HXT  sing N N 34  
ARG   N   CA   sing N N 35  
ARG   N   H    sing N N 36  
ARG   N   H2   sing N N 37  
ARG   CA  C    sing N N 38  
ARG   CA  CB   sing N N 39  
ARG   CA  HA   sing N N 40  
ARG   C   O    doub N N 41  
ARG   C   OXT  sing N N 42  
ARG   CB  CG   sing N N 43  
ARG   CB  HB2  sing N N 44  
ARG   CB  HB3  sing N N 45  
ARG   CG  CD   sing N N 46  
ARG   CG  HG2  sing N N 47  
ARG   CG  HG3  sing N N 48  
ARG   CD  NE   sing N N 49  
ARG   CD  HD2  sing N N 50  
ARG   CD  HD3  sing N N 51  
ARG   NE  CZ   sing N N 52  
ARG   NE  HE   sing N N 53  
ARG   CZ  NH1  sing N N 54  
ARG   CZ  NH2  doub N N 55  
ARG   NH1 HH11 sing N N 56  
ARG   NH1 HH12 sing N N 57  
ARG   NH2 HH21 sing N N 58  
ARG   NH2 HH22 sing N N 59  
ARG   OXT HXT  sing N N 60  
ASN   N   CA   sing N N 61  
ASN   N   H    sing N N 62  
ASN   N   H2   sing N N 63  
ASN   CA  C    sing N N 64  
ASN   CA  CB   sing N N 65  
ASN   CA  HA   sing N N 66  
ASN   C   O    doub N N 67  
ASN   C   OXT  sing N N 68  
ASN   CB  CG   sing N N 69  
ASN   CB  HB2  sing N N 70  
ASN   CB  HB3  sing N N 71  
ASN   CG  OD1  doub N N 72  
ASN   CG  ND2  sing N N 73  
ASN   ND2 HD21 sing N N 74  
ASN   ND2 HD22 sing N N 75  
ASN   OXT HXT  sing N N 76  
ASP   N   CA   sing N N 77  
ASP   N   H    sing N N 78  
ASP   N   H2   sing N N 79  
ASP   CA  C    sing N N 80  
ASP   CA  CB   sing N N 81  
ASP   CA  HA   sing N N 82  
ASP   C   O    doub N N 83  
ASP   C   OXT  sing N N 84  
ASP   CB  CG   sing N N 85  
ASP   CB  HB2  sing N N 86  
ASP   CB  HB3  sing N N 87  
ASP   CG  OD1  doub N N 88  
ASP   CG  OD2  sing N N 89  
ASP   OD2 HD2  sing N N 90  
ASP   OXT HXT  sing N N 91  
CYS   N   CA   sing N N 92  
CYS   N   H    sing N N 93  
CYS   N   H2   sing N N 94  
CYS   CA  C    sing N N 95  
CYS   CA  CB   sing N N 96  
CYS   CA  HA   sing N N 97  
CYS   C   O    doub N N 98  
CYS   C   OXT  sing N N 99  
CYS   CB  SG   sing N N 100 
CYS   CB  HB2  sing N N 101 
CYS   CB  HB3  sing N N 102 
CYS   SG  HG   sing N N 103 
CYS   OXT HXT  sing N N 104 
DMS   S   O    doub N N 105 
DMS   S   C1   sing N N 106 
DMS   S   C2   sing N N 107 
DMS   C1  H11  sing N N 108 
DMS   C1  H12  sing N N 109 
DMS   C1  H13  sing N N 110 
DMS   C2  H21  sing N N 111 
DMS   C2  H22  sing N N 112 
DMS   C2  H23  sing N N 113 
GLN   N   CA   sing N N 114 
GLN   N   H    sing N N 115 
GLN   N   H2   sing N N 116 
GLN   CA  C    sing N N 117 
GLN   CA  CB   sing N N 118 
GLN   CA  HA   sing N N 119 
GLN   C   O    doub N N 120 
GLN   C   OXT  sing N N 121 
GLN   CB  CG   sing N N 122 
GLN   CB  HB2  sing N N 123 
GLN   CB  HB3  sing N N 124 
GLN   CG  CD   sing N N 125 
GLN   CG  HG2  sing N N 126 
GLN   CG  HG3  sing N N 127 
GLN   CD  OE1  doub N N 128 
GLN   CD  NE2  sing N N 129 
GLN   NE2 HE21 sing N N 130 
GLN   NE2 HE22 sing N N 131 
GLN   OXT HXT  sing N N 132 
GLU   N   CA   sing N N 133 
GLU   N   H    sing N N 134 
GLU   N   H2   sing N N 135 
GLU   CA  C    sing N N 136 
GLU   CA  CB   sing N N 137 
GLU   CA  HA   sing N N 138 
GLU   C   O    doub N N 139 
GLU   C   OXT  sing N N 140 
GLU   CB  CG   sing N N 141 
GLU   CB  HB2  sing N N 142 
GLU   CB  HB3  sing N N 143 
GLU   CG  CD   sing N N 144 
GLU   CG  HG2  sing N N 145 
GLU   CG  HG3  sing N N 146 
GLU   CD  OE1  doub N N 147 
GLU   CD  OE2  sing N N 148 
GLU   OE2 HE2  sing N N 149 
GLU   OXT HXT  sing N N 150 
GLY   N   CA   sing N N 151 
GLY   N   H    sing N N 152 
GLY   N   H2   sing N N 153 
GLY   CA  C    sing N N 154 
GLY   CA  HA2  sing N N 155 
GLY   CA  HA3  sing N N 156 
GLY   C   O    doub N N 157 
GLY   C   OXT  sing N N 158 
GLY   OXT HXT  sing N N 159 
HIS   N   CA   sing N N 160 
HIS   N   H    sing N N 161 
HIS   N   H2   sing N N 162 
HIS   CA  C    sing N N 163 
HIS   CA  CB   sing N N 164 
HIS   CA  HA   sing N N 165 
HIS   C   O    doub N N 166 
HIS   C   OXT  sing N N 167 
HIS   CB  CG   sing N N 168 
HIS   CB  HB2  sing N N 169 
HIS   CB  HB3  sing N N 170 
HIS   CG  ND1  sing Y N 171 
HIS   CG  CD2  doub Y N 172 
HIS   ND1 CE1  doub Y N 173 
HIS   ND1 HD1  sing N N 174 
HIS   CD2 NE2  sing Y N 175 
HIS   CD2 HD2  sing N N 176 
HIS   CE1 NE2  sing Y N 177 
HIS   CE1 HE1  sing N N 178 
HIS   NE2 HE2  sing N N 179 
HIS   OXT HXT  sing N N 180 
HOH   O   H1   sing N N 181 
HOH   O   H2   sing N N 182 
ILE   N   CA   sing N N 183 
ILE   N   H    sing N N 184 
ILE   N   H2   sing N N 185 
ILE   CA  C    sing N N 186 
ILE   CA  CB   sing N N 187 
ILE   CA  HA   sing N N 188 
ILE   C   O    doub N N 189 
ILE   C   OXT  sing N N 190 
ILE   CB  CG1  sing N N 191 
ILE   CB  CG2  sing N N 192 
ILE   CB  HB   sing N N 193 
ILE   CG1 CD1  sing N N 194 
ILE   CG1 HG12 sing N N 195 
ILE   CG1 HG13 sing N N 196 
ILE   CG2 HG21 sing N N 197 
ILE   CG2 HG22 sing N N 198 
ILE   CG2 HG23 sing N N 199 
ILE   CD1 HD11 sing N N 200 
ILE   CD1 HD12 sing N N 201 
ILE   CD1 HD13 sing N N 202 
ILE   OXT HXT  sing N N 203 
LEU   N   CA   sing N N 204 
LEU   N   H    sing N N 205 
LEU   N   H2   sing N N 206 
LEU   CA  C    sing N N 207 
LEU   CA  CB   sing N N 208 
LEU   CA  HA   sing N N 209 
LEU   C   O    doub N N 210 
LEU   C   OXT  sing N N 211 
LEU   CB  CG   sing N N 212 
LEU   CB  HB2  sing N N 213 
LEU   CB  HB3  sing N N 214 
LEU   CG  CD1  sing N N 215 
LEU   CG  CD2  sing N N 216 
LEU   CG  HG   sing N N 217 
LEU   CD1 HD11 sing N N 218 
LEU   CD1 HD12 sing N N 219 
LEU   CD1 HD13 sing N N 220 
LEU   CD2 HD21 sing N N 221 
LEU   CD2 HD22 sing N N 222 
LEU   CD2 HD23 sing N N 223 
LEU   OXT HXT  sing N N 224 
LYS   N   CA   sing N N 225 
LYS   N   H    sing N N 226 
LYS   N   H2   sing N N 227 
LYS   CA  C    sing N N 228 
LYS   CA  CB   sing N N 229 
LYS   CA  HA   sing N N 230 
LYS   C   O    doub N N 231 
LYS   C   OXT  sing N N 232 
LYS   CB  CG   sing N N 233 
LYS   CB  HB2  sing N N 234 
LYS   CB  HB3  sing N N 235 
LYS   CG  CD   sing N N 236 
LYS   CG  HG2  sing N N 237 
LYS   CG  HG3  sing N N 238 
LYS   CD  CE   sing N N 239 
LYS   CD  HD2  sing N N 240 
LYS   CD  HD3  sing N N 241 
LYS   CE  NZ   sing N N 242 
LYS   CE  HE2  sing N N 243 
LYS   CE  HE3  sing N N 244 
LYS   NZ  HZ1  sing N N 245 
LYS   NZ  HZ2  sing N N 246 
LYS   NZ  HZ3  sing N N 247 
LYS   OXT HXT  sing N N 248 
MET   N   CA   sing N N 249 
MET   N   H    sing N N 250 
MET   N   H2   sing N N 251 
MET   CA  C    sing N N 252 
MET   CA  CB   sing N N 253 
MET   CA  HA   sing N N 254 
MET   C   O    doub N N 255 
MET   C   OXT  sing N N 256 
MET   CB  CG   sing N N 257 
MET   CB  HB2  sing N N 258 
MET   CB  HB3  sing N N 259 
MET   CG  SD   sing N N 260 
MET   CG  HG2  sing N N 261 
MET   CG  HG3  sing N N 262 
MET   SD  CE   sing N N 263 
MET   CE  HE1  sing N N 264 
MET   CE  HE2  sing N N 265 
MET   CE  HE3  sing N N 266 
MET   OXT HXT  sing N N 267 
PHE   N   CA   sing N N 268 
PHE   N   H    sing N N 269 
PHE   N   H2   sing N N 270 
PHE   CA  C    sing N N 271 
PHE   CA  CB   sing N N 272 
PHE   CA  HA   sing N N 273 
PHE   C   O    doub N N 274 
PHE   C   OXT  sing N N 275 
PHE   CB  CG   sing N N 276 
PHE   CB  HB2  sing N N 277 
PHE   CB  HB3  sing N N 278 
PHE   CG  CD1  doub Y N 279 
PHE   CG  CD2  sing Y N 280 
PHE   CD1 CE1  sing Y N 281 
PHE   CD1 HD1  sing N N 282 
PHE   CD2 CE2  doub Y N 283 
PHE   CD2 HD2  sing N N 284 
PHE   CE1 CZ   doub Y N 285 
PHE   CE1 HE1  sing N N 286 
PHE   CE2 CZ   sing Y N 287 
PHE   CE2 HE2  sing N N 288 
PHE   CZ  HZ   sing N N 289 
PHE   OXT HXT  sing N N 290 
PRO   N   CA   sing N N 291 
PRO   N   CD   sing N N 292 
PRO   N   H    sing N N 293 
PRO   CA  C    sing N N 294 
PRO   CA  CB   sing N N 295 
PRO   CA  HA   sing N N 296 
PRO   C   O    doub N N 297 
PRO   C   OXT  sing N N 298 
PRO   CB  CG   sing N N 299 
PRO   CB  HB2  sing N N 300 
PRO   CB  HB3  sing N N 301 
PRO   CG  CD   sing N N 302 
PRO   CG  HG2  sing N N 303 
PRO   CG  HG3  sing N N 304 
PRO   CD  HD2  sing N N 305 
PRO   CD  HD3  sing N N 306 
PRO   OXT HXT  sing N N 307 
SER   N   CA   sing N N 308 
SER   N   H    sing N N 309 
SER   N   H2   sing N N 310 
SER   CA  C    sing N N 311 
SER   CA  CB   sing N N 312 
SER   CA  HA   sing N N 313 
SER   C   O    doub N N 314 
SER   C   OXT  sing N N 315 
SER   CB  OG   sing N N 316 
SER   CB  HB2  sing N N 317 
SER   CB  HB3  sing N N 318 
SER   OG  HG   sing N N 319 
SER   OXT HXT  sing N N 320 
SO4   S   O1   doub N N 321 
SO4   S   O2   doub N N 322 
SO4   S   O3   sing N N 323 
SO4   S   O4   sing N N 324 
THR   N   CA   sing N N 325 
THR   N   H    sing N N 326 
THR   N   H2   sing N N 327 
THR   CA  C    sing N N 328 
THR   CA  CB   sing N N 329 
THR   CA  HA   sing N N 330 
THR   C   O    doub N N 331 
THR   C   OXT  sing N N 332 
THR   CB  OG1  sing N N 333 
THR   CB  CG2  sing N N 334 
THR   CB  HB   sing N N 335 
THR   OG1 HG1  sing N N 336 
THR   CG2 HG21 sing N N 337 
THR   CG2 HG22 sing N N 338 
THR   CG2 HG23 sing N N 339 
THR   OXT HXT  sing N N 340 
TRP   N   CA   sing N N 341 
TRP   N   H    sing N N 342 
TRP   N   H2   sing N N 343 
TRP   CA  C    sing N N 344 
TRP   CA  CB   sing N N 345 
TRP   CA  HA   sing N N 346 
TRP   C   O    doub N N 347 
TRP   C   OXT  sing N N 348 
TRP   CB  CG   sing N N 349 
TRP   CB  HB2  sing N N 350 
TRP   CB  HB3  sing N N 351 
TRP   CG  CD1  doub Y N 352 
TRP   CG  CD2  sing Y N 353 
TRP   CD1 NE1  sing Y N 354 
TRP   CD1 HD1  sing N N 355 
TRP   CD2 CE2  doub Y N 356 
TRP   CD2 CE3  sing Y N 357 
TRP   NE1 CE2  sing Y N 358 
TRP   NE1 HE1  sing N N 359 
TRP   CE2 CZ2  sing Y N 360 
TRP   CE3 CZ3  doub Y N 361 
TRP   CE3 HE3  sing N N 362 
TRP   CZ2 CH2  doub Y N 363 
TRP   CZ2 HZ2  sing N N 364 
TRP   CZ3 CH2  sing Y N 365 
TRP   CZ3 HZ3  sing N N 366 
TRP   CH2 HH2  sing N N 367 
TRP   OXT HXT  sing N N 368 
TYR   N   CA   sing N N 369 
TYR   N   H    sing N N 370 
TYR   N   H2   sing N N 371 
TYR   CA  C    sing N N 372 
TYR   CA  CB   sing N N 373 
TYR   CA  HA   sing N N 374 
TYR   C   O    doub N N 375 
TYR   C   OXT  sing N N 376 
TYR   CB  CG   sing N N 377 
TYR   CB  HB2  sing N N 378 
TYR   CB  HB3  sing N N 379 
TYR   CG  CD1  doub Y N 380 
TYR   CG  CD2  sing Y N 381 
TYR   CD1 CE1  sing Y N 382 
TYR   CD1 HD1  sing N N 383 
TYR   CD2 CE2  doub Y N 384 
TYR   CD2 HD2  sing N N 385 
TYR   CE1 CZ   doub Y N 386 
TYR   CE1 HE1  sing N N 387 
TYR   CE2 CZ   sing Y N 388 
TYR   CE2 HE2  sing N N 389 
TYR   CZ  OH   sing N N 390 
TYR   OH  HH   sing N N 391 
TYR   OXT HXT  sing N N 392 
VAL   N   CA   sing N N 393 
VAL   N   H    sing N N 394 
VAL   N   H2   sing N N 395 
VAL   CA  C    sing N N 396 
VAL   CA  CB   sing N N 397 
VAL   CA  HA   sing N N 398 
VAL   C   O    doub N N 399 
VAL   C   OXT  sing N N 400 
VAL   CB  CG1  sing N N 401 
VAL   CB  CG2  sing N N 402 
VAL   CB  HB   sing N N 403 
VAL   CG1 HG11 sing N N 404 
VAL   CG1 HG12 sing N N 405 
VAL   CG1 HG13 sing N N 406 
VAL   CG2 HG21 sing N N 407 
VAL   CG2 HG22 sing N N 408 
VAL   CG2 HG23 sing N N 409 
VAL   OXT HXT  sing N N 410 
# 
_pdbx_audit_support.funding_organization   
'National Institutes of Health/National Institute Of Allergy and Infectious Diseases (NIH/NIAID)' 
_pdbx_audit_support.country                'United States' 
_pdbx_audit_support.grant_number           U19AI171399 
_pdbx_audit_support.ordinal                1 
# 
_pdbx_deposit_group.group_id            G_1002288 
_pdbx_deposit_group.group_description   'Crystallographic fragment screening of Coxsackievirus A16 (G-10) 2A protease' 
_pdbx_deposit_group.group_title         
'Group deposition for crystallographic fragment screening of Coxsackievirus A16 (G-10) 2A protease' 
_pdbx_deposit_group.group_type          'changed state' 
# 
_atom_sites.entry_id                    7H3E 
_atom_sites.fract_transf_matrix[1][1]   -0.00572930 
_atom_sites.fract_transf_matrix[1][2]   0.00730924 
_atom_sites.fract_transf_matrix[1][3]   -0.00708014 
_atom_sites.fract_transf_matrix[2][1]   0.00587882 
_atom_sites.fract_transf_matrix[2][2]   -0.00895295 
_atom_sites.fract_transf_matrix[2][3]   -0.01399983 
_atom_sites.fract_transf_matrix[3][1]   -0.02607321 
_atom_sites.fract_transf_matrix[3][2]   -0.01667170 
_atom_sites.fract_transf_matrix[3][3]   -0.00028706 
_atom_sites.fract_transf_vector[1]      0.185684 
_atom_sites.fract_transf_vector[2]      0.126322 
_atom_sites.fract_transf_vector[3]      0.440920 
# 
loop_
_atom_type.symbol 
C  
N  
O  
S  
ZN 
# 
loop_
_atom_site.group_PDB 
_atom_site.id 
_atom_site.type_symbol 
_atom_site.label_atom_id 
_atom_site.label_alt_id 
_atom_site.label_comp_id 
_atom_site.label_asym_id 
_atom_site.label_entity_id 
_atom_site.label_seq_id 
_atom_site.pdbx_PDB_ins_code 
_atom_site.Cartn_x 
_atom_site.Cartn_y 
_atom_site.Cartn_z 
_atom_site.occupancy 
_atom_site.B_iso_or_equiv 
_atom_site.pdbx_formal_charge 
_atom_site.auth_seq_id 
_atom_site.auth_comp_id 
_atom_site.auth_asym_id 
_atom_site.auth_atom_id 
_atom_site.pdbx_PDB_model_num 
ATOM   1    N  N   . SER   A 1 7   ? -10.453 -2.905  -1.773  1.00 25.66  ? 7   SER   A N   1 
ATOM   2    C  CA  . SER   A 1 7   ? -10.141 -1.688  -2.551  1.00 24.95  ? 7   SER   A CA  1 
ATOM   3    C  C   . SER   A 1 7   ? -9.665  -0.561  -1.626  1.00 24.26  ? 7   SER   A C   1 
ATOM   4    O  O   . SER   A 1 7   ? -9.869  -0.652  -0.371  1.00 25.12  ? 7   SER   A O   1 
ATOM   5    C  CB  . SER   A 1 7   ? -11.361 -1.259  -3.313  1.00 29.56  ? 7   SER   A CB  1 
ATOM   6    O  OG  . SER   A 1 7   ? -12.452 -1.220  -2.417  1.00 31.45  ? 7   SER   A OG  1 
ATOM   7    N  N   . GLY   A 1 8   ? -9.141  0.486   -2.229  1.00 21.51  ? 8   GLY   A N   1 
ATOM   8    C  CA  . GLY   A 1 8   ? -8.744  1.719   -1.546  1.00 22.58  ? 8   GLY   A CA  1 
ATOM   9    C  C   . GLY   A 1 8   ? -7.567  2.360   -2.224  1.00 21.01  ? 8   GLY   A C   1 
ATOM   10   O  O   . GLY   A 1 8   ? -6.803  1.655   -2.930  1.00 22.16  ? 8   GLY   A O   1 
ATOM   11   N  N   . ALA   A 1 9   ? -7.397  3.655   -1.998  1.00 21.31  ? 9   ALA   A N   1 
ATOM   12   C  CA  . ALA   A 1 9   ? -6.321  4.443   -2.594  1.00 20.75  ? 9   ALA   A CA  1 
ATOM   13   C  C   . ALA   A 1 9   ? -5.779  5.471   -1.604  1.00 19.85  ? 9   ALA   A C   1 
ATOM   14   O  O   . ALA   A 1 9   ? -6.510  5.801   -0.647  1.00 21.28  ? 9   ALA   A O   1 
ATOM   15   C  CB  . ALA   A 1 9   ? -6.825  5.144   -3.822  1.00 20.38  ? 9   ALA   A CB  1 
ATOM   16   N  N   . ILE   A 1 10  ? -4.627  6.041   -1.934  1.00 21.85  ? 10  ILE   A N   1 
ATOM   17   C  CA  . ILE   A 1 10  ? -4.068  7.256   -1.291  1.00 21.29  ? 10  ILE   A CA  1 
ATOM   18   C  C   . ILE   A 1 10  ? -4.180  8.410   -2.279  1.00 22.90  ? 10  ILE   A C   1 
ATOM   19   O  O   . ILE   A 1 10  ? -3.743  8.265   -3.427  1.00 22.53  ? 10  ILE   A O   1 
ATOM   20   C  CB  . ILE   A 1 10  ? -2.593  7.058   -0.862  1.00 19.51  ? 10  ILE   A CB  1 
ATOM   21   C  CG1 . ILE   A 1 10  ? -2.377  5.699   -0.186  1.00 20.47  ? 10  ILE   A CG1 1 
ATOM   22   C  CG2 . ILE   A 1 10  ? -2.136  8.228   0.007   1.00 19.50  ? 10  ILE   A CG2 1 
ATOM   23   C  CD1 . ILE   A 1 10  ? -0.940  5.325   0.024   1.00 17.79  ? 10  ILE   A CD1 1 
ATOM   24   N  N   . TYR   A 1 11  ? -4.566  9.584   -1.782  1.00 25.94  ? 11  TYR   A N   1 
ATOM   25   C  CA  . TYR   A 1 11  ? -4.704  10.802  -2.612  1.00 27.97  ? 11  TYR   A CA  1 
ATOM   26   C  C   . TYR   A 1 11  ? -3.770  11.856  -2.025  1.00 27.49  ? 11  TYR   A C   1 
ATOM   27   O  O   . TYR   A 1 11  ? -4.133  12.452  -1.000  1.00 34.46  ? 11  TYR   A O   1 
ATOM   28   C  CB  . TYR   A 1 11  ? -6.175  11.221  -2.672  1.00 28.31  ? 11  TYR   A CB  1 
ATOM   29   C  CG  . TYR   A 1 11  ? -7.055  10.213  -3.353  1.00 28.33  ? 11  TYR   A CG  1 
ATOM   30   C  CD1 . TYR   A 1 11  ? -7.081  10.127  -4.738  1.00 31.63  ? 11  TYR   A CD1 1 
ATOM   31   C  CD2 . TYR   A 1 11  ? -7.832  9.335   -2.636  1.00 27.28  ? 11  TYR   A CD2 1 
ATOM   32   C  CE1 . TYR   A 1 11  ? -7.868  9.186   -5.378  1.00 27.27  ? 11  TYR   A CE1 1 
ATOM   33   C  CE2 . TYR   A 1 11  ? -8.607  8.371   -3.260  1.00 30.92  ? 11  TYR   A CE2 1 
ATOM   34   C  CZ  . TYR   A 1 11  ? -8.628  8.301   -4.647  1.00 29.99  ? 11  TYR   A CZ  1 
ATOM   35   O  OH  . TYR   A 1 11  ? -9.401  7.359   -5.261  1.00 28.92  ? 11  TYR   A OH  1 
ATOM   36   N  N   . VAL   A 1 12  ? -2.622  12.055  -2.639  1.00 31.08  ? 12  VAL   A N   1 
ATOM   37   C  CA  . VAL   A 1 12  ? -1.630  13.050  -2.162  1.00 32.37  ? 12  VAL   A CA  1 
ATOM   38   C  C   . VAL   A 1 12  ? -1.320  13.973  -3.338  1.00 33.93  ? 12  VAL   A C   1 
ATOM   39   O  O   . VAL   A 1 12  ? -0.919  13.468  -4.397  1.00 34.12  ? 12  VAL   A O   1 
ATOM   40   C  CB  . VAL   A 1 12  ? -0.407  12.355  -1.519  1.00 31.58  ? 12  VAL   A CB  1 
ATOM   41   C  CG1 . VAL   A 1 12  ? 0.264   11.345  -2.430  1.00 31.63  ? 12  VAL   A CG1 1 
ATOM   42   C  CG2 . VAL   A 1 12  ? 0.598   13.365  -0.992  1.00 34.19  ? 12  VAL   A CG2 1 
ATOM   43   N  N   . GLY   A 1 13  ? -1.502  15.286  -3.138  1.00 34.37  ? 13  GLY   A N   1 
ATOM   44   C  CA  . GLY   A 1 13  ? -1.449  16.292  -4.206  1.00 37.24  ? 13  GLY   A CA  1 
ATOM   45   C  C   . GLY   A 1 13  ? -2.284  15.852  -5.401  1.00 32.12  ? 13  GLY   A C   1 
ATOM   46   O  O   . GLY   A 1 13  ? -3.485  15.640  -5.209  1.00 37.85  ? 13  GLY   A O   1 
ATOM   47   N  N   . ASN   A 1 14  ? -1.627  15.735  -6.555  1.00 36.01  ? 14  ASN   A N   1 
ATOM   48   C  CA  . ASN   A 1 14  ? -2.235  15.391  -7.866  1.00 40.78  ? 14  ASN   A CA  1 
ATOM   49   C  C   . ASN   A 1 14  ? -1.753  13.984  -8.237  1.00 41.50  ? 14  ASN   A C   1 
ATOM   50   O  O   . ASN   A 1 14  ? -1.534  13.692  -9.452  1.00 37.27  ? 14  ASN   A O   1 
ATOM   51   C  CB  . ASN   A 1 14  ? -1.982  16.498  -8.897  1.00 43.61  ? 14  ASN   A CB  1 
ATOM   52   C  CG  . ASN   A 1 14  ? -2.868  17.703  -8.629  1.00 47.75  ? 14  ASN   A CG  1 
ATOM   53   O  OD1 . ASN   A 1 14  ? -4.043  17.722  -8.992  1.00 49.90  ? 14  ASN   A OD1 1 
ATOM   54   N  ND2 . ASN   A 1 14  ? -2.345  18.677  -7.908  1.00 51.30  ? 14  ASN   A ND2 1 
ATOM   55   N  N   . TYR   A 1 15  ? -1.634  13.124  -7.214  1.00 35.87  ? 15  TYR   A N   1 
ATOM   56   C  CA  . TYR   A 1 15  ? -1.313  11.686  -7.383  1.00 30.30  ? 15  TYR   A CA  1 
ATOM   57   C  C   . TYR   A 1 15  ? -2.395  10.826  -6.717  1.00 28.40  ? 15  TYR   A C   1 
ATOM   58   O  O   . TYR   A 1 15  ? -3.009  11.175  -5.694  1.00 30.49  ? 15  TYR   A O   1 
ATOM   59   C  CB  . TYR   A 1 15  ? 0.084   11.388  -6.854  1.00 29.76  ? 15  TYR   A CB  1 
ATOM   60   C  CG  . TYR   A 1 15  ? 1.208   12.138  -7.516  1.00 35.05  ? 15  TYR   A CG  1 
ATOM   61   C  CD1 . TYR   A 1 15  ? 1.394   12.092  -8.890  1.00 33.68  ? 15  TYR   A CD1 1 
ATOM   62   C  CD2 . TYR   A 1 15  ? 2.110   12.883  -6.765  1.00 34.01  ? 15  TYR   A CD2 1 
ATOM   63   C  CE1 . TYR   A 1 15  ? 2.450   12.742  -9.503  1.00 34.63  ? 15  TYR   A CE1 1 
ATOM   64   C  CE2 . TYR   A 1 15  ? 3.160   13.549  -7.367  1.00 36.40  ? 15  TYR   A CE2 1 
ATOM   65   C  CZ  . TYR   A 1 15  ? 3.322   13.505  -8.744  1.00 35.16  ? 15  TYR   A CZ  1 
ATOM   66   O  OH  . TYR   A 1 15  ? 4.375   14.157  -9.330  1.00 38.71  ? 15  TYR   A OH  1 
ATOM   67   N  N   . ARG   A 1 16  ? -2.696  9.691   -7.354  1.00 23.67  ? 16  ARG   A N   1 
ATOM   68   C  CA  . ARG   A 1 16  ? -3.595  8.647   -6.825  1.00 24.16  ? 16  ARG   A CA  1 
ATOM   69   C  C   . ARG   A 1 16  ? -2.771  7.366   -6.711  1.00 21.79  ? 16  ARG   A C   1 
ATOM   70   O  O   . ARG   A 1 16  ? -2.138  6.965   -7.729  1.00 21.85  ? 16  ARG   A O   1 
ATOM   71   C  CB  . ARG   A 1 16  ? -4.803  8.402   -7.743  1.00 24.01  ? 16  ARG   A CB  1 
ATOM   72   C  CG  . ARG   A 1 16  ? -5.613  7.169   -7.382  1.00 25.31  ? 16  ARG   A CG  1 
ATOM   73   C  CD  . ARG   A 1 16  ? -6.886  7.101   -8.224  1.00 27.31  ? 16  ARG   A CD  1 
ATOM   74   N  NE  . ARG   A 1 16  ? -7.174  5.776   -8.752  1.00 24.81  ? 16  ARG   A NE  1 
ATOM   75   C  CZ  . ARG   A 1 16  ? -7.949  4.872   -8.177  1.00 22.32  ? 16  ARG   A CZ  1 
ATOM   76   N  NH1 . ARG   A 1 16  ? -8.539  5.111   -7.015  1.00 26.75  ? 16  ARG   A NH1 1 
ATOM   77   N  NH2 . ARG   A 1 16  ? -8.139  3.707   -8.757  1.00 23.90  ? 16  ARG   A NH2 1 
ATOM   78   N  N   . VAL   A 1 17  ? -2.682  6.785   -5.492  1.00 20.55  ? 17  VAL   A N   1 
ATOM   79   C  CA  . VAL   A 1 17  ? -1.795  5.611   -5.253  1.00 18.66  ? 17  VAL   A CA  1 
ATOM   80   C  C   . VAL   A 1 17  ? -2.698  4.420   -5.000  1.00 18.49  ? 17  VAL   A C   1 
ATOM   81   O  O   . VAL   A 1 17  ? -3.451  4.428   -4.031  1.00 19.00  ? 17  VAL   A O   1 
ATOM   82   C  CB  . VAL   A 1 17  ? -0.858  5.800   -4.054  1.00 17.74  ? 17  VAL   A CB  1 
ATOM   83   C  CG1 . VAL   A 1 17  ? 0.114   4.638   -4.006  1.00 18.87  ? 17  VAL   A CG1 1 
ATOM   84   C  CG2 . VAL   A 1 17  ? -0.151  7.135   -4.121  1.00 19.84  ? 17  VAL   A CG2 1 
ATOM   85   N  N   . VAL   A 1 18  ? -2.559  3.405   -5.841  1.00 16.84  ? 18  VAL   A N   1 
ATOM   86   C  CA  . VAL   A 1 18  ? -3.412  2.195   -5.761  1.00 17.26  ? 18  VAL   A CA  1 
ATOM   87   C  C   . VAL   A 1 18  ? -2.545  0.963   -5.879  1.00 15.96  ? 18  VAL   A C   1 
ATOM   88   O  O   . VAL   A 1 18  ? -1.420  1.024   -6.349  1.00 17.26  ? 18  VAL   A O   1 
ATOM   89   C  CB  . VAL   A 1 18  ? -4.507  2.153   -6.841  1.00 17.05  ? 18  VAL   A CB  1 
ATOM   90   C  CG1 . VAL   A 1 18  ? -5.543  3.216   -6.566  1.00 21.67  ? 18  VAL   A CG1 1 
ATOM   91   C  CG2 . VAL   A 1 18  ? -3.945  2.210   -8.273  1.00 18.24  ? 18  VAL   A CG2 1 
ATOM   92   N  N   . ASN   A 1 19  ? -3.108  -0.154  -5.484  1.00 15.17  ? 19  ASN   A N   1 
ATOM   93   C  CA  . ASN   A 1 19  ? -2.493  -1.456  -5.807  1.00 14.34  ? 19  ASN   A CA  1 
ATOM   94   C  C   . ASN   A 1 19  ? -2.425  -1.615  -7.326  1.00 16.80  ? 19  ASN   A C   1 
ATOM   95   O  O   . ASN   A 1 19  ? -3.460  -1.401  -7.990  1.00 17.35  ? 19  ASN   A O   1 
ATOM   96   C  CB  . ASN   A 1 19  ? -3.296  -2.604  -5.222  1.00 16.25  ? 19  ASN   A CB  1 
ATOM   97   C  CG  . ASN   A 1 19  ? -3.361  -2.591  -3.706  1.00 15.79  ? 19  ASN   A CG  1 
ATOM   98   O  OD1 . ASN   A 1 19  ? -4.304  -2.035  -3.141  1.00 16.31  ? 19  ASN   A OD1 1 
ATOM   99   N  ND2 . ASN   A 1 19  ? -2.397  -3.216  -3.067  1.00 16.31  ? 19  ASN   A ND2 1 
ATOM   100  N  N   . ARG   A 1 20  ? -1.274  -1.986  -7.849  1.00 17.03  ? 20  ARG   A N   1 
ATOM   101  C  CA  . ARG   A 1 20  ? -1.123  -2.139  -9.326  1.00 18.10  ? 20  ARG   A CA  1 
ATOM   102  C  C   . ARG   A 1 20  ? -2.198  -3.090  -9.858  1.00 20.29  ? 20  ARG   A C   1 
ATOM   103  O  O   . ARG   A 1 20  ? -2.799  -2.823  -10.918 1.00 19.04  ? 20  ARG   A O   1 
ATOM   104  C  CB  . ARG   A 1 20  ? 0.263   -2.644  -9.668  1.00 17.39  ? 20  ARG   A CB  1 
ATOM   105  C  CG  . ARG   A 1 20  ? 0.614   -2.612  -11.162 1.00 19.02  ? 20  ARG   A CG  1 
ATOM   106  C  CD  . ARG   A 1 20  ? 2.024   -3.115  -11.388 1.00 20.07  ? 20  ARG   A CD  1 
ATOM   107  N  NE  . ARG   A 1 20  ? 2.445   -3.166  -12.815 1.00 21.42  ? 20  ARG   A NE  1 
ATOM   108  C  CZ  . ARG   A 1 20  ? 2.108   -4.132  -13.677 1.00 23.40  ? 20  ARG   A CZ  1 
ATOM   109  N  NH1 . ARG   A 1 20  ? 1.269   -5.096  -13.364 1.00 25.84  ? 20  ARG   A NH1 1 
ATOM   110  N  NH2 . ARG   A 1 20  ? 2.593   -4.112  -14.913 1.00 25.34  ? 20  ARG   A NH2 1 
ATOM   111  N  N   . HIS   A 1 21  ? -2.486  -4.148  -9.122  1.00 19.01  ? 21  HIS   A N   1 
ATOM   112  C  CA  . HIS   A 1 21  ? -3.431  -5.181  -9.616  1.00 19.11  ? 21  HIS   A CA  1 
ATOM   113  C  C   . HIS   A 1 21  ? -4.870  -4.679  -9.599  1.00 19.33  ? 21  HIS   A C   1 
ATOM   114  O  O   . HIS   A 1 21  ? -5.726  -5.346  -10.236 1.00 19.80  ? 21  HIS   A O   1 
ATOM   115  C  CB  . HIS   A 1 21  ? -3.220  -6.507  -8.889  1.00 19.54  ? 21  HIS   A CB  1 
ATOM   116  C  CG  . HIS   A 1 21  ? -3.710  -6.534  -7.497  1.00 20.06  ? 21  HIS   A CG  1 
ATOM   117  N  ND1 . HIS   A 1 21  ? -2.916  -6.170  -6.437  1.00 19.98  ? 21  HIS   A ND1 1 
ATOM   118  C  CD2 . HIS   A 1 21  ? -4.891  -6.947  -6.992  1.00 20.59  ? 21  HIS   A CD2 1 
ATOM   119  C  CE1 . HIS   A 1 21  ? -3.598  -6.347  -5.328  1.00 19.36  ? 21  HIS   A CE1 1 
ATOM   120  N  NE2 . HIS   A 1 21  ? -4.804  -6.827  -5.634  1.00 20.30  ? 21  HIS   A NE2 1 
ATOM   121  N  N   . LEU   A 1 22  ? -5.174  -3.561  -8.958  1.00 18.57  ? 22  LEU   A N   1 
ATOM   122  C  CA  . LEU   A 1 22  ? -6.533  -2.985  -8.924  1.00 18.72  ? 22  LEU   A CA  1 
ATOM   123  C  C   . LEU   A 1 22  ? -6.592  -1.688  -9.732  1.00 18.35  ? 22  LEU   A C   1 
ATOM   124  O  O   . LEU   A 1 22  ? -7.654  -1.050  -9.702  1.00 21.86  ? 22  LEU   A O   1 
ATOM   125  C  CB  . LEU   A 1 22  ? -6.922  -2.745  -7.455  1.00 19.48  ? 22  LEU   A CB  1 
ATOM   126  C  CG  . LEU   A 1 22  ? -6.959  -4.000  -6.583  1.00 18.61  ? 22  LEU   A CG  1 
ATOM   127  C  CD1 . LEU   A 1 22  ? -7.399  -3.669  -5.150  1.00 20.94  ? 22  LEU   A CD1 1 
ATOM   128  C  CD2 . LEU   A 1 22  ? -7.944  -5.024  -7.188  1.00 21.44  ? 22  LEU   A CD2 1 
ATOM   129  N  N   . ALA   A 1 23  ? -5.504  -1.306  -10.396 1.00 19.21  ? 23  ALA   A N   1 
ATOM   130  C  CA  . ALA   A 1 23  ? -5.501  -0.081  -11.207 1.00 20.00  ? 23  ALA   A CA  1 
ATOM   131  C  C   . ALA   A 1 23  ? -6.572  -0.202  -12.315 1.00 19.39  ? 23  ALA   A C   1 
ATOM   132  O  O   . ALA   A 1 23  ? -6.742  -1.311  -12.885 1.00 21.81  ? 23  ALA   A O   1 
ATOM   133  C  CB  . ALA   A 1 23  ? -4.141  0.166   -11.773 1.00 18.95  ? 23  ALA   A CB  1 
ATOM   134  N  N   . THR   A 1 24  ? -7.246  0.900   -12.567 1.00 20.94  ? 24  THR   A N   1 
ATOM   135  C  CA  . THR   A 1 24  ? -8.293  0.995   -13.619 1.00 23.41  ? 24  THR   A CA  1 
ATOM   136  C  C   . THR   A 1 24  ? -7.674  1.367   -14.966 1.00 23.50  ? 24  THR   A C   1 
ATOM   137  O  O   . THR   A 1 24  ? -6.459  1.686   -15.082 1.00 22.86  ? 24  THR   A O   1 
ATOM   138  C  CB  . THR   A 1 24  ? -9.366  2.006   -13.237 1.00 23.36  ? 24  THR   A CB  1 
ATOM   139  O  OG1 . THR   A 1 24  ? -8.753  3.296   -13.273 1.00 23.38  ? 24  THR   A OG1 1 
ATOM   140  C  CG2 . THR   A 1 24  ? -10.011 1.682   -11.910 1.00 26.04  ? 24  THR   A CG2 1 
ATOM   141  N  N   . HIS   A 1 25  ? -8.490  1.305   -16.027 1.00 26.45  ? 25  HIS   A N   1 
ATOM   142  C  CA  . HIS   A 1 25  ? -8.038  1.815   -17.340 1.00 26.14  ? 25  HIS   A CA  1 
ATOM   143  C  C   . HIS   A 1 25  ? -7.643  3.282   -17.190 1.00 24.59  ? 25  HIS   A C   1 
ATOM   144  O  O   . HIS   A 1 25  ? -6.603  3.655   -17.729 1.00 23.85  ? 25  HIS   A O   1 
ATOM   145  C  CB  . HIS   A 1 25  ? -9.106  1.594   -18.421 1.00 29.91  ? 25  HIS   A CB  1 
ATOM   146  C  CG  . HIS   A 1 25  ? -8.768  2.320   -19.679 1.00 30.23  ? 25  HIS   A CG  1 
ATOM   147  N  ND1 . HIS   A 1 25  ? -7.993  1.749   -20.659 1.00 33.78  ? 25  HIS   A ND1 1 
ATOM   148  C  CD2 . HIS   A 1 25  ? -9.058  3.577   -20.097 1.00 32.17  ? 25  HIS   A CD2 1 
ATOM   149  C  CE1 . HIS   A 1 25  ? -7.827  2.607   -21.638 1.00 31.07  ? 25  HIS   A CE1 1 
ATOM   150  N  NE2 . HIS   A 1 25  ? -8.467  3.751   -21.320 1.00 32.68  ? 25  HIS   A NE2 1 
ATOM   151  N  N   . ASN   A 1 26  ? -8.454  4.089   -16.509 1.00 22.01  ? 26  ASN   A N   1 
ATOM   152  C  CA  . ASN   A 1 26  ? -8.156  5.529   -16.331 1.00 26.53  ? 26  ASN   A CA  1 
ATOM   153  C  C   . ASN   A 1 26  ? -6.777  5.673   -15.659 1.00 23.41  ? 26  ASN   A C   1 
ATOM   154  O  O   . ASN   A 1 26  ? -5.974  6.537   -16.040 1.00 22.46  ? 26  ASN   A O   1 
ATOM   155  C  CB  . ASN   A 1 26  ? -9.250  6.239   -15.543 1.00 29.21  ? 26  ASN   A CB  1 
ATOM   156  C  CG  . ASN   A 1 26  ? -8.954  7.717   -15.437 1.00 35.46  ? 26  ASN   A CG  1 
ATOM   157  O  OD1 . ASN   A 1 26  ? -9.032  8.442   -16.427 1.00 35.68  ? 26  ASN   A OD1 1 
ATOM   158  N  ND2 . ASN   A 1 26  ? -8.527  8.154   -14.267 1.00 36.75  ? 26  ASN   A ND2 1 
ATOM   159  N  N   . ASP   A 1 27  ? -6.487  4.817   -14.670 1.00 24.32  ? 27  ASP   A N   1 
ATOM   160  C  CA  . ASP   A 1 27  ? -5.179  4.871   -13.983 1.00 21.38  ? 27  ASP   A CA  1 
ATOM   161  C  C   . ASP   A 1 27  ? -4.080  4.656   -15.013 1.00 20.07  ? 27  ASP   A C   1 
ATOM   162  O  O   . ASP   A 1 27  ? -3.059  5.391   -15.007 1.00 19.63  ? 27  ASP   A O   1 
ATOM   163  C  CB  . ASP   A 1 27  ? -5.043  3.827   -12.867 1.00 21.59  ? 27  ASP   A CB  1 
ATOM   164  C  CG  . ASP   A 1 27  ? -5.868  4.134   -11.636 1.00 21.96  ? 27  ASP   A CG  1 
ATOM   165  O  OD1 . ASP   A 1 27  ? -5.975  5.312   -11.293 1.00 23.40  ? 27  ASP   A OD1 1 
ATOM   166  O  OD2 . ASP   A 1 27  ? -6.441  3.190   -11.055 1.00 24.34  ? 27  ASP   A OD2 1 
ATOM   167  N  N   . TRP   A 1 28  ? -4.199  3.592   -15.811 1.00 19.03  ? 28  TRP   A N   1 
ATOM   168  C  CA  . TRP   A 1 28  ? -3.157  3.262   -16.805 1.00 18.78  ? 28  TRP   A CA  1 
ATOM   169  C  C   . TRP   A 1 28  ? -3.077  4.343   -17.901 1.00 18.30  ? 28  TRP   A C   1 
ATOM   170  O  O   . TRP   A 1 28  ? -1.983  4.597   -18.379 1.00 19.06  ? 28  TRP   A O   1 
ATOM   171  C  CB  . TRP   A 1 28  ? -3.451  1.883   -17.414 1.00 19.10  ? 28  TRP   A CB  1 
ATOM   172  C  CG  . TRP   A 1 28  ? -3.026  0.738   -16.546 1.00 18.98  ? 28  TRP   A CG  1 
ATOM   173  C  CD1 . TRP   A 1 28  ? -3.822  -0.065  -15.771 1.00 20.99  ? 28  TRP   A CD1 1 
ATOM   174  C  CD2 . TRP   A 1 28  ? -1.696  0.235   -16.434 1.00 20.03  ? 28  TRP   A CD2 1 
ATOM   175  N  NE1 . TRP   A 1 28  ? -3.054  -1.068  -15.230 1.00 19.80  ? 28  TRP   A NE1 1 
ATOM   176  C  CE2 . TRP   A 1 28  ? -1.744  -0.876  -15.571 1.00 18.93  ? 28  TRP   A CE2 1 
ATOM   177  C  CE3 . TRP   A 1 28  ? -0.456  0.629   -16.942 1.00 19.60  ? 28  TRP   A CE3 1 
ATOM   178  C  CZ2 . TRP   A 1 28  ? -0.594  -1.585  -15.226 1.00 21.11  ? 28  TRP   A CZ2 1 
ATOM   179  C  CZ3 . TRP   A 1 28  ? 0.674   -0.071  -16.601 1.00 22.96  ? 28  TRP   A CZ3 1 
ATOM   180  C  CH2 . TRP   A 1 28  ? 0.605   -1.163  -15.734 1.00 21.32  ? 28  TRP   A CH2 1 
ATOM   181  N  N   . ALA   A 1 29  ? -4.215  4.960   -18.231 1.00 19.97  ? 29  ALA   A N   1 
ATOM   182  C  CA  . ALA   A 1 29  ? -4.297  6.049   -19.244 1.00 21.10  ? 29  ALA   A CA  1 
ATOM   183  C  C   . ALA   A 1 29  ? -3.705  7.358   -18.708 1.00 24.82  ? 29  ALA   A C   1 
ATOM   184  O  O   . ALA   A 1 29  ? -3.519  8.286   -19.506 1.00 25.47  ? 29  ALA   A O   1 
ATOM   185  C  CB  . ALA   A 1 29  ? -5.724  6.218   -19.655 1.00 20.89  ? 29  ALA   A CB  1 
ATOM   186  N  N   . ASN   A 1 30  ? -3.386  7.429   -17.409 1.00 24.76  ? 30  ASN   A N   1 
ATOM   187  C  CA  . ASN   A 1 30  ? -2.875  8.656   -16.751 1.00 26.40  ? 30  ASN   A CA  1 
ATOM   188  C  C   . ASN   A 1 30  ? -1.697  8.238   -15.863 1.00 25.37  ? 30  ASN   A C   1 
ATOM   189  O  O   . ASN   A 1 30  ? -1.504  8.774   -14.747 1.00 24.99  ? 30  ASN   A O   1 
ATOM   190  C  CB  . ASN   A 1 30  ? -3.997  9.365   -15.996 1.00 25.16  ? 30  ASN   A CB  1 
ATOM   191  C  CG  . ASN   A 1 30  ? -5.012  10.022  -16.909 1.00 30.02  ? 30  ASN   A CG  1 
ATOM   192  O  OD1 . ASN   A 1 30  ? -4.745  11.098  -17.450 1.00 31.51  ? 30  ASN   A OD1 1 
ATOM   193  N  ND2 . ASN   A 1 30  ? -6.163  9.389   -17.089 1.00 29.72  ? 30  ASN   A ND2 1 
ATOM   194  N  N   . LEU   A 1 31  ? -0.906  7.298   -16.342 1.00 26.57  ? 31  LEU   A N   1 
ATOM   195  C  CA  . LEU   A 1 31  ? 0.103   6.630   -15.509 1.00 26.58  ? 31  LEU   A CA  1 
ATOM   196  C  C   . LEU   A 1 31  ? 1.203   7.643   -15.165 1.00 27.76  ? 31  LEU   A C   1 
ATOM   197  O  O   . LEU   A 1 31  ? 1.762   8.288   -16.089 1.00 28.33  ? 31  LEU   A O   1 
ATOM   198  C  CB  . LEU   A 1 31  ? 0.646   5.419   -16.257 1.00 26.04  ? 31  LEU   A CB  1 
ATOM   199  C  CG  . LEU   A 1 31  ? 1.774   4.710   -15.528 1.00 24.89  ? 31  LEU   A CG  1 
ATOM   200  C  CD1 . LEU   A 1 31  ? 1.286   4.178   -14.195 1.00 25.35  ? 31  LEU   A CD1 1 
ATOM   201  C  CD2 . LEU   A 1 31  ? 2.368   3.617   -16.379 1.00 26.70  ? 31  LEU   A CD2 1 
ATOM   202  N  N   . VAL   A 1 32  ? 1.524   7.776   -13.879 1.00 26.19  ? 32  VAL   A N   1 
ATOM   203  C  CA  . VAL   A 1 32  ? 2.781   8.447   -13.446 1.00 27.81  ? 32  VAL   A CA  1 
ATOM   204  C  C   . VAL   A 1 32  ? 3.904   7.422   -13.265 1.00 27.84  ? 32  VAL   A C   1 
ATOM   205  O  O   . VAL   A 1 32  ? 5.053   7.650   -13.710 1.00 30.70  ? 32  VAL   A O   1 
ATOM   206  C  CB  . VAL   A 1 32  ? 2.523   9.256   -12.171 1.00 27.32  ? 32  VAL   A CB  1 
ATOM   207  C  CG1 . VAL   A 1 32  ? 3.829   9.814   -11.616 1.00 27.28  ? 32  VAL   A CG1 1 
ATOM   208  C  CG2 . VAL   A 1 32  ? 1.473   10.321  -12.393 1.00 31.05  ? 32  VAL   A CG2 1 
ATOM   209  N  N   . TRP   A 1 33  ? 3.636   6.318   -12.570 1.00 23.34  ? 33  TRP   A N   1 
ATOM   210  C  CA  . TRP   A 1 33  ? 4.708   5.377   -12.182 1.00 24.25  ? 33  TRP   A CA  1 
ATOM   211  C  C   . TRP   A 1 33  ? 4.039   4.063   -11.784 1.00 24.31  ? 33  TRP   A C   1 
ATOM   212  O  O   . TRP   A 1 33  ? 2.931   4.114   -11.247 1.00 22.82  ? 33  TRP   A O   1 
ATOM   213  C  CB  . TRP   A 1 33  ? 5.594   5.972   -11.063 1.00 26.59  ? 33  TRP   A CB  1 
ATOM   214  C  CG  . TRP   A 1 33  ? 6.532   5.004   -10.416 1.00 26.23  ? 33  TRP   A CG  1 
ATOM   215  C  CD1 . TRP   A 1 33  ? 7.761   4.592   -10.851 1.00 29.68  ? 33  TRP   A CD1 1 
ATOM   216  C  CD2 . TRP   A 1 33  ? 6.304   4.297   -9.181  1.00 25.19  ? 33  TRP   A CD2 1 
ATOM   217  N  NE1 . TRP   A 1 33  ? 8.295   3.670   -9.990  1.00 30.44  ? 33  TRP   A NE1 1 
ATOM   218  C  CE2 . TRP   A 1 33  ? 7.418   3.473   -8.950  1.00 27.15  ? 33  TRP   A CE2 1 
ATOM   219  C  CE3 . TRP   A 1 33  ? 5.257   4.280   -8.267  1.00 26.07  ? 33  TRP   A CE3 1 
ATOM   220  C  CZ2 . TRP   A 1 33  ? 7.528   2.668   -7.824  1.00 27.32  ? 33  TRP   A CZ2 1 
ATOM   221  C  CZ3 . TRP   A 1 33  ? 5.374   3.483   -7.142  1.00 27.51  ? 33  TRP   A CZ3 1 
ATOM   222  C  CH2 . TRP   A 1 33  ? 6.488   2.693   -6.932  1.00 25.76  ? 33  TRP   A CH2 1 
ATOM   223  N  N   . GLU   A 1 34  ? 4.652   2.952   -12.120 1.00 22.87  ? 34  GLU   A N   1 
ATOM   224  C  CA  . GLU   A 1 34  ? 4.149   1.640   -11.661 1.00 24.86  ? 34  GLU   A CA  1 
ATOM   225  C  C   . GLU   A 1 34  ? 5.333   0.709   -11.468 1.00 27.81  ? 34  GLU   A C   1 
ATOM   226  O  O   . GLU   A 1 34  ? 6.381   0.830   -12.171 1.00 29.22  ? 34  GLU   A O   1 
ATOM   227  C  CB  . GLU   A 1 34  ? 3.076   1.095   -12.592 1.00 24.61  ? 34  GLU   A CB  1 
ATOM   228  C  CG  . GLU   A 1 34  ? 3.566   0.922   -14.029 1.00 25.69  ? 34  GLU   A CG  1 
ATOM   229  C  CD  . GLU   A 1 34  ? 4.445   -0.278  -14.340 1.00 26.23  ? 34  GLU   A CD  1 
ATOM   230  O  OE1 . GLU   A 1 34  ? 5.218   -0.190  -15.322 1.00 27.83  ? 34  GLU   A OE1 1 
ATOM   231  O  OE2 . GLU   A 1 34  ? 4.358   -1.320  -13.641 1.00 26.46  ? 34  GLU   A OE2 1 
ATOM   232  N  N   . ASP   A 1 35  ? 5.184   -0.197  -10.512 1.00 24.23  ? 35  ASP   A N   1 
ATOM   233  C  CA  . ASP   A 1 35  ? 6.228   -1.187  -10.186 1.00 24.40  ? 35  ASP   A CA  1 
ATOM   234  C  C   . ASP   A 1 35  ? 5.517   -2.471  -9.776  1.00 24.91  ? 35  ASP   A C   1 
ATOM   235  O  O   . ASP   A 1 35  ? 4.888   -2.512  -8.674  1.00 23.25  ? 35  ASP   A O   1 
ATOM   236  C  CB  . ASP   A 1 35  ? 7.140   -0.523  -9.160  1.00 26.68  ? 35  ASP   A CB  1 
ATOM   237  C  CG  . ASP   A 1 35  ? 8.328   -1.323  -8.707  1.00 26.88  ? 35  ASP   A CG  1 
ATOM   238  O  OD1 . ASP   A 1 35  ? 8.232   -2.551  -8.667  1.00 30.70  ? 35  ASP   A OD1 1 
ATOM   239  O  OD2 . ASP   A 1 35  ? 9.332   -0.653  -8.350  1.00 31.04  ? 35  ASP   A OD2 1 
ATOM   240  N  N   A SER   A 1 36  ? 5.569   -3.496  -10.630 0.21 23.76  ? 36  SER   A N   1 
ATOM   241  N  N   B SER   A 1 36  ? 5.570   -3.504  -10.628 0.20 25.14  ? 36  SER   A N   1 
ATOM   242  C  CA  A SER   A 1 36  ? 4.959   -4.825  -10.373 0.21 23.51  ? 36  SER   A CA  1 
ATOM   243  C  CA  B SER   A 1 36  ? 4.954   -4.833  -10.371 0.20 25.82  ? 36  SER   A CA  1 
ATOM   244  C  C   A SER   A 1 36  ? 5.559   -5.436  -9.103  0.21 24.21  ? 36  SER   A C   1 
ATOM   245  C  C   B SER   A 1 36  ? 5.563   -5.450  -9.108  0.20 25.56  ? 36  SER   A C   1 
ATOM   246  O  O   A SER   A 1 36  ? 4.792   -6.033  -8.321  0.21 23.42  ? 36  SER   A O   1 
ATOM   247  O  O   B SER   A 1 36  ? 4.801   -6.068  -8.335  0.20 24.72  ? 36  SER   A O   1 
ATOM   248  C  CB  A SER   A 1 36  ? 5.123   -5.747  -11.553 0.21 22.51  ? 36  SER   A CB  1 
ATOM   249  C  CB  B SER   A 1 36  ? 5.075   -5.769  -11.557 0.20 26.26  ? 36  SER   A CB  1 
ATOM   250  O  OG  A SER   A 1 36  ? 4.543   -7.007  -11.279 0.21 21.82  ? 36  SER   A OG  1 
ATOM   251  O  OG  B SER   A 1 36  ? 6.434   -6.000  -11.903 0.20 28.95  ? 36  SER   A OG  1 
ATOM   252  N  N   . SER   A 1 37  ? 6.870   -5.253  -8.896  1.00 25.09  ? 37  SER   A N   1 
ATOM   253  C  CA  . SER   A 1 37  ? 7.607   -5.854  -7.761  1.00 26.10  ? 37  SER   A CA  1 
ATOM   254  C  C   . SER   A 1 37  ? 7.036   -5.321  -6.449  1.00 24.39  ? 37  SER   A C   1 
ATOM   255  O  O   . SER   A 1 37  ? 6.979   -6.127  -5.536  1.00 26.51  ? 37  SER   A O   1 
ATOM   256  C  CB  . SER   A 1 37  ? 9.094   -5.654  -7.852  1.00 26.25  ? 37  SER   A CB  1 
ATOM   257  O  OG  . SER   A 1 37  ? 9.479   -4.330  -7.504  1.00 34.97  ? 37  SER   A OG  1 
ATOM   258  N  N   . ARG   A 1 38  ? 6.487   -4.108  -6.448  1.00 22.66  ? 38  ARG   A N   1 
ATOM   259  C  CA  . ARG   A 1 38  ? 5.949   -3.428  -5.217  1.00 21.29  ? 38  ARG   A CA  1 
ATOM   260  C  C   . ARG   A 1 38  ? 4.409   -3.497  -5.168  1.00 21.10  ? 38  ARG   A C   1 
ATOM   261  O  O   . ARG   A 1 38  ? 3.824   -3.068  -4.130  1.00 22.51  ? 38  ARG   A O   1 
ATOM   262  C  CB  . ARG   A 1 38  ? 6.398   -1.971  -5.228  1.00 23.14  ? 38  ARG   A CB  1 
ATOM   263  C  CG  . ARG   A 1 38  ? 7.896   -1.777  -5.112  1.00 24.19  ? 38  ARG   A CG  1 
ATOM   264  C  CD  . ARG   A 1 38  ? 8.181   -0.311  -5.044  1.00 24.96  ? 38  ARG   A CD  1 
ATOM   265  N  NE  . ARG   A 1 38  ? 7.683   0.365   -3.838  1.00 23.98  ? 38  ARG   A NE  1 
ATOM   266  C  CZ  . ARG   A 1 38  ? 8.308   1.389   -3.238  1.00 25.28  ? 38  ARG   A CZ  1 
ATOM   267  N  NH1 . ARG   A 1 38  ? 9.433   1.855   -3.757  1.00 25.46  ? 38  ARG   A NH1 1 
ATOM   268  N  NH2 . ARG   A 1 38  ? 7.840   1.961   -2.123  1.00 22.41  ? 38  ARG   A NH2 1 
ATOM   269  N  N   . ASP   A 1 39  ? 3.756   -3.952  -6.240  1.00 20.15  ? 39  ASP   A N   1 
ATOM   270  C  CA  . ASP   A 1 39  ? 2.279   -3.955  -6.377  1.00 17.93  ? 39  ASP   A CA  1 
ATOM   271  C  C   . ASP   A 1 39  ? 1.754   -2.529  -6.252  1.00 17.46  ? 39  ASP   A C   1 
ATOM   272  O  O   . ASP   A 1 39  ? 0.669   -2.387  -5.664  1.00 17.53  ? 39  ASP   A O   1 
ATOM   273  C  CB  . ASP   A 1 39  ? 1.574   -4.897  -5.374  1.00 17.96  ? 39  ASP   A CB  1 
ATOM   274  C  CG  . ASP   A 1 39  ? 0.070   -4.989  -5.558  1.00 19.23  ? 39  ASP   A CG  1 
ATOM   275  O  OD1 . ASP   A 1 39  ? -0.387  -4.899  -6.738  1.00 18.23  ? 39  ASP   A OD1 1 
ATOM   276  O  OD2 . ASP   A 1 39  ? -0.671  -5.085  -4.527  1.00 19.20  ? 39  ASP   A OD2 1 
ATOM   277  N  N   . LEU   A 1 40  ? 2.452   -1.509  -6.805  1.00 17.06  ? 40  LEU   A N   1 
ATOM   278  C  CA  . LEU   A 1 40  ? 2.016   -0.111  -6.717  1.00 16.05  ? 40  LEU   A CA  1 
ATOM   279  C  C   . LEU   A 1 40  ? 1.842   0.469   -8.112  1.00 16.30  ? 40  LEU   A C   1 
ATOM   280  O  O   . LEU   A 1 40  ? 2.645   0.151   -9.010  1.00 17.53  ? 40  LEU   A O   1 
ATOM   281  C  CB  . LEU   A 1 40  ? 3.032   0.705   -5.926  1.00 17.64  ? 40  LEU   A CB  1 
ATOM   282  C  CG  . LEU   A 1 40  ? 3.034   0.510   -4.411  1.00 18.88  ? 40  LEU   A CG  1 
ATOM   283  C  CD1 . LEU   A 1 40  ? 4.037   1.480   -3.806  1.00 19.33  ? 40  LEU   A CD1 1 
ATOM   284  C  CD2 . LEU   A 1 40  ? 1.652   0.754   -3.807  1.00 17.58  ? 40  LEU   A CD2 1 
ATOM   285  N  N   . LEU   A 1 41  ? 0.877   1.352   -8.203  1.00 16.77  ? 41  LEU   A N   1 
ATOM   286  C  CA  . LEU   A 1 41  ? 0.705   2.175   -9.411  1.00 17.75  ? 41  LEU   A CA  1 
ATOM   287  C  C   . LEU   A 1 41  ? 0.231   3.534   -8.930  1.00 17.43  ? 41  LEU   A C   1 
ATOM   288  O  O   . LEU   A 1 41  ? -0.640  3.611   -8.026  1.00 18.56  ? 41  LEU   A O   1 
ATOM   289  C  CB  . LEU   A 1 41  ? -0.254  1.489   -10.394 1.00 17.88  ? 41  LEU   A CB  1 
ATOM   290  C  CG  . LEU   A 1 41  ? -0.483  2.224   -11.717 1.00 17.53  ? 41  LEU   A CG  1 
ATOM   291  C  CD1 . LEU   A 1 41  ? -0.766  1.245   -12.851 1.00 17.89  ? 41  LEU   A CD1 1 
ATOM   292  C  CD2 . LEU   A 1 41  ? -1.617  3.221   -11.596 1.00 16.50  ? 41  LEU   A CD2 1 
ATOM   293  N  N   . VAL   A 1 42  ? 0.794   4.571   -9.527  1.00 17.60  ? 42  VAL   A N   1 
ATOM   294  C  CA  . VAL   A 1 42  ? 0.391   5.965   -9.279  1.00 19.17  ? 42  VAL   A CA  1 
ATOM   295  C  C   . VAL   A 1 42  ? -0.053  6.600   -10.597 1.00 19.32  ? 42  VAL   A C   1 
ATOM   296  O  O   . VAL   A 1 42  ? 0.642   6.469   -11.620 1.00 23.29  ? 42  VAL   A O   1 
ATOM   297  C  CB  . VAL   A 1 42  ? 1.509   6.772   -8.620  1.00 20.10  ? 42  VAL   A CB  1 
ATOM   298  C  CG1 . VAL   A 1 42  ? 1.027   8.166   -8.337  1.00 21.01  ? 42  VAL   A CG1 1 
ATOM   299  C  CG2 . VAL   A 1 42  ? 2.010   6.095   -7.342  1.00 18.75  ? 42  VAL   A CG2 1 
ATOM   300  N  N   . SER   A 1 43  ? -1.198  7.246   -10.512 1.00 20.22  ? 43  SER   A N   1 
ATOM   301  C  CA  . SER   A 1 43  ? -1.838  7.965   -11.638 1.00 23.10  ? 43  SER   A CA  1 
ATOM   302  C  C   . SER   A 1 43  ? -2.058  9.435   -11.251 1.00 29.49  ? 43  SER   A C   1 
ATOM   303  O  O   . SER   A 1 43  ? -2.091  9.775   -10.036 1.00 28.10  ? 43  SER   A O   1 
ATOM   304  C  CB  . SER   A 1 43  ? -3.082  7.238   -12.064 1.00 21.26  ? 43  SER   A CB  1 
ATOM   305  O  OG  . SER   A 1 43  ? -4.098  7.294   -11.097 1.00 21.45  ? 43  SER   A OG  1 
ATOM   306  N  N   . SER   A 1 44  ? -2.172  10.296  -12.264 1.00 30.64  ? 44  SER   A N   1 
ATOM   307  C  CA  . SER   A 1 44  ? -2.407  11.758  -12.102 1.00 33.45  ? 44  SER   A CA  1 
ATOM   308  C  C   . SER   A 1 44  ? -3.867  12.003  -11.762 1.00 33.25  ? 44  SER   A C   1 
ATOM   309  O  O   . SER   A 1 44  ? -4.734  11.236  -12.243 1.00 37.73  ? 44  SER   A O   1 
ATOM   310  C  CB  . SER   A 1 44  ? -2.107  12.482  -13.361 1.00 37.23  ? 44  SER   A CB  1 
ATOM   311  O  OG  . SER   A 1 44  ? -3.183  12.195  -14.245 1.00 37.28  ? 44  SER   A OG  1 
ATOM   312  N  N   . THR   A 1 45  ? -4.152  13.061  -11.003 1.00 36.50  ? 45  THR   A N   1 
ATOM   313  C  CA  . THR   A 1 45  ? -5.527  13.463  -10.614 1.00 38.53  ? 45  THR   A CA  1 
ATOM   314  C  C   . THR   A 1 45  ? -5.766  14.923  -11.034 1.00 42.03  ? 45  THR   A C   1 
ATOM   315  O  O   . THR   A 1 45  ? -4.770  15.666  -11.185 1.00 42.00  ? 45  THR   A O   1 
ATOM   316  C  CB  . THR   A 1 45  ? -5.735  13.311  -9.107  1.00 43.18  ? 45  THR   A CB  1 
ATOM   317  O  OG1 . THR   A 1 45  ? -4.715  14.153  -8.571  1.00 45.42  ? 45  THR   A OG1 1 
ATOM   318  C  CG2 . THR   A 1 45  ? -5.616  11.890  -8.600  1.00 45.04  ? 45  THR   A CG2 1 
ATOM   319  N  N   . THR   A 1 46  ? -7.031  15.319  -11.165 1.00 49.15  ? 46  THR   A N   1 
ATOM   320  C  CA  . THR   A 1 46  ? -7.440  16.707  -11.521 1.00 51.27  ? 46  THR   A CA  1 
ATOM   321  C  C   . THR   A 1 46  ? -7.620  17.512  -10.226 1.00 51.04  ? 46  THR   A C   1 
ATOM   322  O  O   . THR   A 1 46  ? -7.069  18.620  -10.166 1.00 58.79  ? 46  THR   A O   1 
ATOM   323  C  CB  . THR   A 1 46  ? -8.617  16.695  -12.513 1.00 45.90  ? 46  THR   A CB  1 
ATOM   324  O  OG1 . THR   A 1 46  ? -9.753  16.007  -11.995 1.00 46.18  ? 46  THR   A OG1 1 
ATOM   325  C  CG2 . THR   A 1 46  ? -8.235  16.025  -13.814 1.00 47.77  ? 46  THR   A CG2 1 
ATOM   326  N  N   . ALA   A 1 47  ? -8.297  16.954  -9.216  1.00 54.67  ? 47  ALA   A N   1 
ATOM   327  C  CA  . ALA   A 1 47  ? -8.460  17.551  -7.866  1.00 54.76  ? 47  ALA   A CA  1 
ATOM   328  C  C   . ALA   A 1 47  ? -7.276  17.172  -6.955  1.00 58.75  ? 47  ALA   A C   1 
ATOM   329  O  O   . ALA   A 1 47  ? -6.521  16.232  -7.301  1.00 56.83  ? 47  ALA   A O   1 
ATOM   330  C  CB  . ALA   A 1 47  ? -9.772  17.114  -7.268  1.00 52.27  ? 47  ALA   A CB  1 
ATOM   331  N  N   . GLN   A 1 48  ? -7.117  17.889  -5.838  1.00 57.80  ? 48  GLN   A N   1 
ATOM   332  C  CA  . GLN   A 1 48  ? -6.101  17.602  -4.786  1.00 55.12  ? 48  GLN   A CA  1 
ATOM   333  C  C   . GLN   A 1 48  ? -6.694  16.620  -3.775  1.00 55.22  ? 48  GLN   A C   1 
ATOM   334  O  O   . GLN   A 1 48  ? -7.937  16.500  -3.736  1.00 59.47  ? 48  GLN   A O   1 
ATOM   335  C  CB  . GLN   A 1 48  ? -5.641  18.893  -4.113  1.00 59.04  ? 48  GLN   A CB  1 
ATOM   336  C  CG  . GLN   A 1 48  ? -4.751  19.734  -5.010  1.00 58.82  ? 48  GLN   A CG  1 
ATOM   337  C  CD  . GLN   A 1 48  ? -3.548  20.265  -4.271  1.00 67.96  ? 48  GLN   A CD  1 
ATOM   338  O  OE1 . GLN   A 1 48  ? -3.652  21.194  -3.473  1.00 73.02  ? 48  GLN   A OE1 1 
ATOM   339  N  NE2 . GLN   A 1 48  ? -2.387  19.683  -4.534  1.00 69.65  ? 48  GLN   A NE2 1 
ATOM   340  N  N   . GLY   A 1 49  ? -5.840  15.912  -3.022  1.00 53.99  ? 49  GLY   A N   1 
ATOM   341  C  CA  . GLY   A 1 49  ? -6.258  14.802  -2.135  1.00 52.16  ? 49  GLY   A CA  1 
ATOM   342  C  C   . GLY   A 1 49  ? -6.014  15.090  -0.661  1.00 48.70  ? 49  GLY   A C   1 
ATOM   343  O  O   . GLY   A 1 49  ? -5.040  15.841  -0.393  1.00 37.52  ? 49  GLY   A O   1 
ATOM   344  N  N   . CYS   A 1 50  ? -6.808  14.439  0.221   1.00 46.66  ? 50  CYS   A N   1 
ATOM   345  C  CA  . CYS   A 1 50  ? -6.875  14.617  1.710   1.00 48.24  ? 50  CYS   A CA  1 
ATOM   346  C  C   . CYS   A 1 50  ? -5.660  14.064  2.470   1.00 47.57  ? 50  CYS   A C   1 
ATOM   347  O  O   . CYS   A 1 50  ? -5.656  14.268  3.707   1.00 41.36  ? 50  CYS   A O   1 
ATOM   348  C  CB  . CYS   A 1 50  ? -7.997  13.823  2.375   1.00 54.62  ? 50  CYS   A CB  1 
ATOM   349  S  SG  . CYS   A 1 50  ? -9.688  14.400  2.102   1.00 75.39  ? 50  CYS   A SG  1 
ATOM   350  N  N   . ASP   A 1 51  ? -4.720  13.347  1.827   1.00 44.33  ? 51  ASP   A N   1 
ATOM   351  C  CA  . ASP   A 1 51  ? -3.737  12.485  2.553   1.00 36.66  ? 51  ASP   A CA  1 
ATOM   352  C  C   . ASP   A 1 51  ? -2.347  13.115  2.631   1.00 32.54  ? 51  ASP   A C   1 
ATOM   353  O  O   . ASP   A 1 51  ? -1.865  13.692  1.643   1.00 34.32  ? 51  ASP   A O   1 
ATOM   354  C  CB  . ASP   A 1 51  ? -3.638  11.080  1.950   1.00 35.20  ? 51  ASP   A CB  1 
ATOM   355  C  CG  . ASP   A 1 51  ? -4.960  10.339  1.913   1.00 38.48  ? 51  ASP   A CG  1 
ATOM   356  O  OD1 . ASP   A 1 51  ? -5.700  10.369  2.923   1.00 42.93  ? 51  ASP   A OD1 1 
ATOM   357  O  OD2 . ASP   A 1 51  ? -5.260  9.759   0.858   1.00 35.80  ? 51  ASP   A OD2 1 
ATOM   358  N  N   . THR   A 1 52  ? -1.709  12.975  3.804   1.00 25.79  ? 52  THR   A N   1 
ATOM   359  C  CA  . THR   A 1 52  ? -0.286  13.268  4.039   1.00 27.58  ? 52  THR   A CA  1 
ATOM   360  C  C   . THR   A 1 52  ? 0.436   11.920  4.116   1.00 22.72  ? 52  THR   A C   1 
ATOM   361  O  O   . THR   A 1 52  ? -0.109  10.994  4.760   1.00 22.39  ? 52  THR   A O   1 
ATOM   362  C  CB  . THR   A 1 52  ? -0.089  14.100  5.315   1.00 31.39  ? 52  THR   A CB  1 
ATOM   363  O  OG1 . THR   A 1 52  ? -0.719  15.368  5.084   1.00 35.91  ? 52  THR   A OG1 1 
ATOM   364  C  CG2 . THR   A 1 52  ? 1.370   14.284  5.670   1.00 34.24  ? 52  THR   A CG2 1 
ATOM   365  N  N   . ILE   A 1 53  ? 1.582   11.833  3.475   1.00 21.57  ? 53  ILE   A N   1 
ATOM   366  C  CA  . ILE   A 1 53  ? 2.422   10.614  3.495   1.00 19.25  ? 53  ILE   A CA  1 
ATOM   367  C  C   . ILE   A 1 53  ? 3.359   10.716  4.701   1.00 21.90  ? 53  ILE   A C   1 
ATOM   368  O  O   . ILE   A 1 53  ? 3.954   11.790  4.929   1.00 19.89  ? 53  ILE   A O   1 
ATOM   369  C  CB  . ILE   A 1 53  ? 3.194   10.384  2.196   1.00 20.62  ? 53  ILE   A CB  1 
ATOM   370  C  CG1 . ILE   A 1 53  ? 2.269   10.460  0.961   1.00 19.74  ? 53  ILE   A CG1 1 
ATOM   371  C  CG2 . ILE   A 1 53  ? 3.939   9.074   2.285   1.00 20.55  ? 53  ILE   A CG2 1 
ATOM   372  C  CD1 . ILE   A 1 53  ? 1.095   9.535   1.038   1.00 20.48  ? 53  ILE   A CD1 1 
ATOM   373  N  N   . ALA   A 1 54  ? 3.433   9.659   5.490   1.00 18.90  ? 54  ALA   A N   1 
ATOM   374  C  CA  . ALA   A 1 54  ? 4.417   9.515   6.581   1.00 19.95  ? 54  ALA   A CA  1 
ATOM   375  C  C   . ALA   A 1 54  ? 5.833   9.556   6.036   1.00 18.64  ? 54  ALA   A C   1 
ATOM   376  O  O   . ALA   A 1 54  ? 6.134   8.904   4.999   1.00 17.87  ? 54  ALA   A O   1 
ATOM   377  C  CB  . ALA   A 1 54  ? 4.183   8.200   7.275   1.00 16.58  ? 54  ALA   A CB  1 
ATOM   378  N  N   . ARG   A 1 55  ? 6.705   10.301  6.712   1.00 20.56  ? 55  ARG   A N   1 
ATOM   379  C  CA  . ARG   A 1 55  ? 8.148   10.295  6.413   1.00 21.35  ? 55  ARG   A CA  1 
ATOM   380  C  C   . ARG   A 1 55  ? 8.867   9.971   7.717   1.00 19.49  ? 55  ARG   A C   1 
ATOM   381  O  O   . ARG   A 1 55  ? 9.012   10.832  8.576   1.00 22.62  ? 55  ARG   A O   1 
ATOM   382  C  CB  . ARG   A 1 55  ? 8.590   11.610  5.763   1.00 25.54  ? 55  ARG   A CB  1 
ATOM   383  C  CG  . ARG   A 1 55  ? 7.827   11.988  4.491   1.00 24.89  ? 55  ARG   A CG  1 
ATOM   384  C  CD  . ARG   A 1 55  ? 8.078   11.070  3.311   1.00 23.72  ? 55  ARG   A CD  1 
ATOM   385  N  NE  . ARG   A 1 55  ? 7.244   11.484  2.173   1.00 27.47  ? 55  ARG   A NE  1 
ATOM   386  C  CZ  . ARG   A 1 55  ? 6.909   10.711  1.139   1.00 24.61  ? 55  ARG   A CZ  1 
ATOM   387  N  NH1 . ARG   A 1 55  ? 7.363   9.488   1.026   1.00 22.37  ? 55  ARG   A NH1 1 
ATOM   388  N  NH2 . ARG   A 1 55  ? 6.131   11.176  0.172   1.00 28.35  ? 55  ARG   A NH2 1 
ATOM   389  N  N   . CYS   A 1 56  ? 9.204   8.704   7.864   1.00 18.13  ? 56  CYS   A N   1 
ATOM   390  C  CA  . CYS   A 1 56  ? 9.520   8.126   9.195   1.00 19.54  ? 56  CYS   A CA  1 
ATOM   391  C  C   . CYS   A 1 56  ? 9.907   6.666   9.093   1.00 19.19  ? 56  CYS   A C   1 
ATOM   392  O  O   . CYS   A 1 56  ? 9.799   6.063   8.018   1.00 19.26  ? 56  CYS   A O   1 
ATOM   393  C  CB  . CYS   A 1 56  ? 8.321   8.224   10.119  1.00 16.06  ? 56  CYS   A CB  1 
ATOM   394  S  SG  . CYS   A 1 56  ? 7.006   7.031   9.699   1.00 17.71  ? 56  CYS   A SG  1 
ATOM   395  N  N   A ASP   A 1 57  ? 10.386  6.085   10.199  0.25 20.60  ? 57  ASP   A N   1 
ATOM   396  N  N   B ASP   A 1 57  ? 10.297  6.137   10.259  0.25 20.52  ? 57  ASP   A N   1 
ATOM   397  C  CA  A ASP   A 1 57  ? 10.728  4.642   10.298  0.25 20.37  ? 57  ASP   A CA  1 
ATOM   398  C  CA  B ASP   A 1 57  ? 10.861  4.790   10.506  0.25 20.05  ? 57  ASP   A CA  1 
ATOM   399  C  C   A ASP   A 1 57  ? 9.901   3.993   11.418  0.25 19.67  ? 57  ASP   A C   1 
ATOM   400  C  C   B ASP   A 1 57  ? 9.888   3.960   11.366  0.25 19.37  ? 57  ASP   A C   1 
ATOM   401  O  O   A ASP   A 1 57  ? 10.390  3.051   12.063  0.25 21.03  ? 57  ASP   A O   1 
ATOM   402  O  O   B ASP   A 1 57  ? 10.268  2.839   11.757  0.25 19.95  ? 57  ASP   A O   1 
ATOM   403  C  CB  A ASP   A 1 57  ? 12.228  4.428   10.511  0.25 21.39  ? 57  ASP   A CB  1 
ATOM   404  C  CB  B ASP   A 1 57  ? 12.214  4.939   11.211  0.25 20.88  ? 57  ASP   A CB  1 
ATOM   405  C  CG  A ASP   A 1 57  ? 12.713  4.761   11.913  0.25 22.66  ? 57  ASP   A CG  1 
ATOM   406  C  CG  B ASP   A 1 57  ? 13.119  3.733   11.067  0.25 21.78  ? 57  ASP   A CG  1 
ATOM   407  O  OD1 A ASP   A 1 57  ? 11.990  5.461   12.642  0.25 23.33  ? 57  ASP   A OD1 1 
ATOM   408  O  OD1 B ASP   A 1 57  ? 13.098  3.132   9.986   0.25 22.74  ? 57  ASP   A OD1 1 
ATOM   409  O  OD2 A ASP   A 1 57  ? 13.821  4.325   12.257  0.25 24.89  ? 57  ASP   A OD2 1 
ATOM   410  O  OD2 B ASP   A 1 57  ? 13.828  3.404   12.038  0.25 21.72  ? 57  ASP   A OD2 1 
ATOM   411  N  N   . CYS   A 1 58  ? 8.673   4.466   11.617  1.00 18.60  ? 58  CYS   A N   1 
ATOM   412  C  CA  . CYS   A 1 58  ? 7.702   3.812   12.544  1.00 17.26  ? 58  CYS   A CA  1 
ATOM   413  C  C   . CYS   A 1 58  ? 7.473   2.354   12.159  1.00 16.40  ? 58  CYS   A C   1 
ATOM   414  O  O   . CYS   A 1 58  ? 7.465   2.025   10.925  1.00 16.83  ? 58  CYS   A O   1 
ATOM   415  C  CB  . CYS   A 1 58  ? 6.332   4.466   12.528  1.00 18.91  ? 58  CYS   A CB  1 
ATOM   416  S  SG  . CYS   A 1 58  ? 6.267   6.088   13.301  1.00 18.55  ? 58  CYS   A SG  1 
ATOM   417  N  N   . GLN   A 1 59  ? 7.242   1.554   13.197  1.00 17.15  ? 59  GLN   A N   1 
ATOM   418  C  CA  . GLN   A 1 59  ? 6.923   0.120   13.112  1.00 18.10  ? 59  GLN   A CA  1 
ATOM   419  C  C   . GLN   A 1 59  ? 5.648   -0.106  13.918  1.00 17.53  ? 59  GLN   A C   1 
ATOM   420  O  O   . GLN   A 1 59  ? 5.352   -1.227  14.155  1.00 16.19  ? 59  GLN   A O   1 
ATOM   421  C  CB  . GLN   A 1 59  ? 8.055   -0.811  13.566  1.00 19.56  ? 59  GLN   A CB  1 
ATOM   422  C  CG  . GLN   A 1 59  ? 9.178   -0.930  12.562  1.00 20.21  ? 59  GLN   A CG  1 
ATOM   423  C  CD  . GLN   A 1 59  ? 10.180  -1.980  12.992  1.00 20.69  ? 59  GLN   A CD  1 
ATOM   424  O  OE1 . GLN   A 1 59  ? 11.243  -1.644  13.512  1.00 24.86  ? 59  GLN   A OE1 1 
ATOM   425  N  NE2 . GLN   A 1 59  ? 9.824   -3.247  12.869  1.00 21.95  ? 59  GLN   A NE2 1 
ATOM   426  N  N   . THR   A 1 60  ? 4.934   0.946   14.321  1.00 16.18  ? 60  THR   A N   1 
ATOM   427  C  CA  . THR   A 1 60  ? 3.593   0.755   14.893  1.00 17.34  ? 60  THR   A CA  1 
ATOM   428  C  C   . THR   A 1 60  ? 2.617   1.690   14.176  1.00 15.28  ? 60  THR   A C   1 
ATOM   429  O  O   . THR   A 1 60  ? 3.001   2.805   13.766  1.00 17.46  ? 60  THR   A O   1 
ATOM   430  C  CB  . THR   A 1 60  ? 3.552   0.945   16.400  1.00 19.69  ? 60  THR   A CB  1 
ATOM   431  O  OG1 . THR   A 1 60  ? 3.830   2.313   16.615  1.00 23.32  ? 60  THR   A OG1 1 
ATOM   432  C  CG2 . THR   A 1 60  ? 4.499   0.031   17.135  1.00 19.53  ? 60  THR   A CG2 1 
ATOM   433  N  N   . GLY   A 1 61  ? 1.403   1.201   13.976  1.00 14.59  ? 61  GLY   A N   1 
ATOM   434  C  CA  . GLY   A 1 61  ? 0.369   2.009   13.329  1.00 14.54  ? 61  GLY   A CA  1 
ATOM   435  C  C   . GLY   A 1 61  ? -0.956  1.314   13.417  1.00 13.45  ? 61  GLY   A C   1 
ATOM   436  O  O   . GLY   A 1 61  ? -1.115  0.447   14.260  1.00 15.76  ? 61  GLY   A O   1 
ATOM   437  N  N   . VAL   A 1 62  ? -1.852  1.745   12.577  1.00 12.42  ? 62  VAL   A N   1 
ATOM   438  C  CA  . VAL   A 1 62  ? -3.242  1.268   12.568  1.00 12.99  ? 62  VAL   A CA  1 
ATOM   439  C  C   . VAL   A 1 62  ? -3.610  1.040   11.115  1.00 14.01  ? 62  VAL   A C   1 
ATOM   440  O  O   . VAL   A 1 62  ? -3.345  1.901   10.313  1.00 16.91  ? 62  VAL   A O   1 
ATOM   441  C  CB  . VAL   A 1 62  ? -4.208  2.246   13.251  1.00 14.03  ? 62  VAL   A CB  1 
ATOM   442  C  CG1 . VAL   A 1 62  ? -5.657  1.800   13.081  1.00 16.10  ? 62  VAL   A CG1 1 
ATOM   443  C  CG2 . VAL   A 1 62  ? -3.858  2.405   14.725  1.00 13.50  ? 62  VAL   A CG2 1 
ATOM   444  N  N   . TYR   A 1 63  ? -4.238  -0.094  10.807  1.00 13.95  ? 63  TYR   A N   1 
ATOM   445  C  CA  . TYR   A 1 63  ? -4.663  -0.363  9.412   1.00 13.51  ? 63  TYR   A CA  1 
ATOM   446  C  C   . TYR   A 1 63  ? -6.166  -0.636  9.342   1.00 15.29  ? 63  TYR   A C   1 
ATOM   447  O  O   . TYR   A 1 63  ? -6.742  -1.147  10.290  1.00 16.07  ? 63  TYR   A O   1 
ATOM   448  C  CB  . TYR   A 1 63  ? -3.893  -1.498  8.752   1.00 13.26  ? 63  TYR   A CB  1 
ATOM   449  C  CG  . TYR   A 1 63  ? -4.366  -2.913  9.020   1.00 14.90  ? 63  TYR   A CG  1 
ATOM   450  C  CD1 . TYR   A 1 63  ? -4.071  -3.556  10.206  1.00 15.15  ? 63  TYR   A CD1 1 
ATOM   451  C  CD2 . TYR   A 1 63  ? -5.118  -3.583  8.068   1.00 15.60  ? 63  TYR   A CD2 1 
ATOM   452  C  CE1 . TYR   A 1 63  ? -4.409  -4.877  10.414  1.00 16.45  ? 63  TYR   A CE1 1 
ATOM   453  C  CE2 . TYR   A 1 63  ? -5.519  -4.894  8.284   1.00 16.47  ? 63  TYR   A CE2 1 
ATOM   454  C  CZ  . TYR   A 1 63  ? -5.204  -5.517  9.479   1.00 16.98  ? 63  TYR   A CZ  1 
ATOM   455  O  OH  . TYR   A 1 63  ? -5.561  -6.827  9.684   1.00 17.77  ? 63  TYR   A OH  1 
ATOM   456  N  N   . TYR   A 1 64  ? -6.730  -0.358  8.193   1.00 14.80  ? 64  TYR   A N   1 
ATOM   457  C  CA  . TYR   A 1 64  ? -8.158  -0.583  7.929   1.00 16.51  ? 64  TYR   A CA  1 
ATOM   458  C  C   . TYR   A 1 64  ? -8.303  -1.926  7.244   1.00 16.05  ? 64  TYR   A C   1 
ATOM   459  O  O   . TYR   A 1 64  ? -7.720  -2.203  6.211   1.00 15.61  ? 64  TYR   A O   1 
ATOM   460  C  CB  . TYR   A 1 64  ? -8.823  0.516   7.112   1.00 17.27  ? 64  TYR   A CB  1 
ATOM   461  C  CG  . TYR   A 1 64  ? -10.269 0.192   6.890   1.00 19.32  ? 64  TYR   A CG  1 
ATOM   462  C  CD1 . TYR   A 1 64  ? -11.109 0.084   7.986   1.00 21.61  ? 64  TYR   A CD1 1 
ATOM   463  C  CD2 . TYR   A 1 64  ? -10.770 -0.017  5.623   1.00 21.00  ? 64  TYR   A CD2 1 
ATOM   464  C  CE1 . TYR   A 1 64  ? -12.450 -0.220  7.820   1.00 23.36  ? 64  TYR   A CE1 1 
ATOM   465  C  CE2 . TYR   A 1 64  ? -12.100 -0.367  5.445   1.00 24.19  ? 64  TYR   A CE2 1 
ATOM   466  C  CZ  . TYR   A 1 64  ? -12.932 -0.448  6.546   1.00 24.60  ? 64  TYR   A CZ  1 
ATOM   467  O  OH  . TYR   A 1 64  ? -14.236 -0.797  6.371   1.00 25.96  ? 64  TYR   A OH  1 
ATOM   468  N  N   . CYS   A 1 65  ? -9.149  -2.765  7.826   1.00 17.65  ? 65  CYS   A N   1 
ATOM   469  C  CA  . CYS   A 1 65  ? -9.471  -4.115  7.306   1.00 17.08  ? 65  CYS   A CA  1 
ATOM   470  C  C   . CYS   A 1 65  ? -10.937 -4.180  6.844   1.00 19.24  ? 65  CYS   A C   1 
ATOM   471  O  O   . CYS   A 1 65  ? -11.828 -4.397  7.714   1.00 19.89  ? 65  CYS   A O   1 
ATOM   472  C  CB  . CYS   A 1 65  ? -9.193  -5.149  8.370   1.00 17.86  ? 65  CYS   A CB  1 
ATOM   473  S  SG  . CYS   A 1 65  ? -9.686  -6.830  7.936   1.00 18.94  ? 65  CYS   A SG  1 
ATOM   474  N  N   . SER   A 1 66  ? -11.221 -4.014  5.546   1.00 19.23  ? 66  SER   A N   1 
ATOM   475  C  CA  . SER   A 1 66  ? -12.609 -3.963  5.031   1.00 19.94  ? 66  SER   A CA  1 
ATOM   476  C  C   . SER   A 1 66  ? -13.346 -5.265  5.367   1.00 18.86  ? 66  SER   A C   1 
ATOM   477  O  O   . SER   A 1 66  ? -14.590 -5.188  5.594   1.00 22.59  ? 66  SER   A O   1 
ATOM   478  C  CB  . SER   A 1 66  ? -12.660 -3.696  3.551   1.00 22.24  ? 66  SER   A CB  1 
ATOM   479  O  OG  . SER   A 1 66  ? -11.996 -4.700  2.800   1.00 24.91  ? 66  SER   A OG  1 
ATOM   480  N  N   . SER   A 1 67  ? -12.679 -6.406  5.371   1.00 17.70  ? 67  SER   A N   1 
ATOM   481  C  CA  . SER   A 1 67  ? -13.330 -7.735  5.574   1.00 19.02  ? 67  SER   A CA  1 
ATOM   482  C  C   . SER   A 1 67  ? -13.729 -7.926  7.040   1.00 22.26  ? 67  SER   A C   1 
ATOM   483  O  O   . SER   A 1 67  ? -14.274 -9.042  7.374   1.00 21.29  ? 67  SER   A O   1 
ATOM   484  C  CB  . SER   A 1 67  ? -12.500 -8.852  5.105   1.00 19.92  ? 67  SER   A CB  1 
ATOM   485  O  OG  . SER   A 1 67  ? -11.298 -9.013  5.862   1.00 20.75  ? 67  SER   A OG  1 
ATOM   486  N  N   . ARG   A 1 68  ? -13.473 -6.923  7.886   1.00 20.24  ? 68  ARG   A N   1 
ATOM   487  C  CA  . ARG   A 1 68  ? -13.913 -6.874  9.303   1.00 18.27  ? 68  ARG   A CA  1 
ATOM   488  C  C   . ARG   A 1 68  ? -14.612 -5.554  9.606   1.00 19.17  ? 68  ARG   A C   1 
ATOM   489  O  O   . ARG   A 1 68  ? -15.060 -5.379  10.736  1.00 22.43  ? 68  ARG   A O   1 
ATOM   490  C  CB  . ARG   A 1 68  ? -12.744 -7.093  10.259  1.00 18.05  ? 68  ARG   A CB  1 
ATOM   491  C  CG  . ARG   A 1 68  ? -12.083 -8.437  10.148  1.00 17.90  ? 68  ARG   A CG  1 
ATOM   492  C  CD  . ARG   A 1 68  ? -12.954 -9.511  10.834  1.00 18.40  ? 68  ARG   A CD  1 
ATOM   493  N  NE  . ARG   A 1 68  ? -12.323 -10.794 10.740  1.00 20.88  ? 68  ARG   A NE  1 
ATOM   494  C  CZ  . ARG   A 1 68  ? -12.493 -11.660 9.741   1.00 22.73  ? 68  ARG   A CZ  1 
ATOM   495  N  NH1 . ARG   A 1 68  ? -13.273 -11.359 8.718   1.00 21.55  ? 68  ARG   A NH1 1 
ATOM   496  N  NH2 . ARG   A 1 68  ? -11.859 -12.813 9.755   1.00 21.39  ? 68  ARG   A NH2 1 
ATOM   497  N  N   . ARG   A 1 69  ? -14.677 -4.611  8.669   1.00 19.76  ? 69  ARG   A N   1 
ATOM   498  C  CA  . ARG   A 1 69  ? -15.148 -3.234  8.917   1.00 20.91  ? 69  ARG   A CA  1 
ATOM   499  C  C   . ARG   A 1 69  ? -14.488 -2.709  10.189  1.00 21.51  ? 69  ARG   A C   1 
ATOM   500  O  O   . ARG   A 1 69  ? -15.175 -2.014  10.988  1.00 24.77  ? 69  ARG   A O   1 
ATOM   501  C  CB  . ARG   A 1 69  ? -16.674 -3.189  9.009   1.00 23.01  ? 69  ARG   A CB  1 
ATOM   502  C  CG  . ARG   A 1 69  ? -17.371 -3.434  7.679   1.00 23.88  ? 69  ARG   A CG  1 
ATOM   503  C  CD  . ARG   A 1 69  ? -18.881 -3.328  7.825   1.00 24.98  ? 69  ARG   A CD  1 
ATOM   504  N  NE  . ARG   A 1 69  ? -19.602 -3.672  6.586   1.00 27.96  ? 69  ARG   A NE  1 
ATOM   505  C  CZ  . ARG   A 1 69  ? -20.468 -4.688  6.431   1.00 29.65  ? 69  ARG   A CZ  1 
ATOM   506  N  NH1 . ARG   A 1 69  ? -20.693 -5.557  7.413   1.00 29.86  ? 69  ARG   A NH1 1 
ATOM   507  N  NH2 . ARG   A 1 69  ? -21.065 -4.871  5.253   1.00 29.14  ? 69  ARG   A NH2 1 
ATOM   508  N  N   . LYS   A 1 70  ? -13.182 -2.932  10.336  1.00 22.78  ? 70  LYS   A N   1 
ATOM   509  C  CA  . LYS   A 1 70  ? -12.478 -2.570  11.600  1.00 22.84  ? 70  LYS   A CA  1 
ATOM   510  C  C   . LYS   A 1 70  ? -11.110 -1.985  11.268  1.00 20.79  ? 70  LYS   A C   1 
ATOM   511  O  O   . LYS   A 1 70  ? -10.497 -2.437  10.294  1.00 20.74  ? 70  LYS   A O   1 
ATOM   512  C  CB  . LYS   A 1 70  ? -12.276 -3.778  12.528  1.00 25.30  ? 70  LYS   A CB  1 
ATOM   513  C  CG  . LYS   A 1 70  ? -13.507 -4.208  13.338  1.00 35.82  ? 70  LYS   A CG  1 
ATOM   514  C  CD  . LYS   A 1 70  ? -13.174 -4.761  14.715  1.00 42.52  ? 70  LYS   A CD  1 
ATOM   515  C  CE  . LYS   A 1 70  ? -14.383 -5.224  15.504  1.00 50.34  ? 70  LYS   A CE  1 
ATOM   516  N  NZ  . LYS   A 1 70  ? -15.324 -6.026  14.685  1.00 55.16  ? 70  LYS   A NZ  1 
ATOM   517  N  N   . HIS   A 1 71  ? -10.679 -1.030  12.077  1.00 20.45  ? 71  HIS   A N   1 
ATOM   518  C  CA  . HIS   A 1 71  ? -9.263  -0.601  12.134  1.00 19.08  ? 71  HIS   A CA  1 
ATOM   519  C  C   . HIS   A 1 71  ? -8.573  -1.358  13.273  1.00 21.20  ? 71  HIS   A C   1 
ATOM   520  O  O   . HIS   A 1 71  ? -9.149  -1.453  14.375  1.00 22.77  ? 71  HIS   A O   1 
ATOM   521  C  CB  . HIS   A 1 71  ? -9.167  0.894   12.315  1.00 18.44  ? 71  HIS   A CB  1 
ATOM   522  C  CG  . HIS   A 1 71  ? -9.737  1.718   11.209  1.00 19.77  ? 71  HIS   A CG  1 
ATOM   523  N  ND1 . HIS   A 1 71  ? -8.960  2.402   10.269  1.00 19.70  ? 71  HIS   A ND1 1 
ATOM   524  C  CD2 . HIS   A 1 71  ? -11.017 2.021   10.913  1.00 21.16  ? 71  HIS   A CD2 1 
ATOM   525  C  CE1 . HIS   A 1 71  ? -9.749  3.065   9.445   1.00 20.02  ? 71  HIS   A CE1 1 
ATOM   526  N  NE2 . HIS   A 1 71  ? -11.013 2.877   9.846   1.00 23.21  ? 71  HIS   A NE2 1 
ATOM   527  N  N   . TYR   A 1 72  ? -7.384  -1.883  13.032  1.00 16.65  ? 72  TYR   A N   1 
ATOM   528  C  CA  . TYR   A 1 72  ? -6.591  -2.645  14.014  1.00 16.98  ? 72  TYR   A CA  1 
ATOM   529  C  C   . TYR   A 1 72  ? -5.234  -1.987  14.229  1.00 16.37  ? 72  TYR   A C   1 
ATOM   530  O  O   . TYR   A 1 72  ? -4.533  -1.690  13.268  1.00 16.03  ? 72  TYR   A O   1 
ATOM   531  C  CB  . TYR   A 1 72  ? -6.314  -4.073  13.557  1.00 19.11  ? 72  TYR   A CB  1 
ATOM   532  C  CG  . TYR   A 1 72  ? -7.550  -4.925  13.422  1.00 20.02  ? 72  TYR   A CG  1 
ATOM   533  C  CD1 . TYR   A 1 72  ? -8.114  -5.524  14.547  1.00 21.63  ? 72  TYR   A CD1 1 
ATOM   534  C  CD2 . TYR   A 1 72  ? -8.125  -5.187  12.193  1.00 20.42  ? 72  TYR   A CD2 1 
ATOM   535  C  CE1 . TYR   A 1 72  ? -9.230  -6.351  14.441  1.00 20.65  ? 72  TYR   A CE1 1 
ATOM   536  C  CE2 . TYR   A 1 72  ? -9.216  -6.046  12.067  1.00 20.55  ? 72  TYR   A CE2 1 
ATOM   537  C  CZ  . TYR   A 1 72  ? -9.790  -6.585  13.205  1.00 22.80  ? 72  TYR   A CZ  1 
ATOM   538  O  OH  . TYR   A 1 72  ? -10.869 -7.429  13.072  1.00 22.54  ? 72  TYR   A OH  1 
ATOM   539  N  N   . PRO   A 1 73  ? -4.820  -1.822  15.492  1.00 15.42  ? 73  PRO   A N   1 
ATOM   540  C  CA  . PRO   A 1 73  ? -3.468  -1.376  15.787  1.00 14.54  ? 73  PRO   A CA  1 
ATOM   541  C  C   . PRO   A 1 73  ? -2.545  -2.560  15.558  1.00 16.84  ? 73  PRO   A C   1 
ATOM   542  O  O   . PRO   A 1 73  ? -2.826  -3.672  16.040  1.00 18.06  ? 73  PRO   A O   1 
ATOM   543  C  CB  . PRO   A 1 73  ? -3.503  -0.961  17.270  1.00 14.63  ? 73  PRO   A CB  1 
ATOM   544  C  CG  . PRO   A 1 73  ? -4.613  -1.853  17.820  1.00 17.47  ? 73  PRO   A CG  1 
ATOM   545  C  CD  . PRO   A 1 73  ? -5.618  -2.066  16.693  1.00 17.82  ? 73  PRO   A CD  1 
ATOM   546  N  N   . VAL   A 1 74  ? -1.420  -2.301  14.899  1.00 15.62  ? 74  VAL   A N   1 
ATOM   547  C  CA  . VAL   A 1 74  ? -0.439  -3.385  14.593  1.00 15.07  ? 74  VAL   A CA  1 
ATOM   548  C  C   . VAL   A 1 74  ? 0.980   -2.905  14.777  1.00 15.41  ? 74  VAL   A C   1 
ATOM   549  O  O   . VAL   A 1 74  ? 1.287   -1.769  14.527  1.00 15.39  ? 74  VAL   A O   1 
ATOM   550  C  CB  . VAL   A 1 74  ? -0.579  -3.889  13.158  1.00 15.77  ? 74  VAL   A CB  1 
ATOM   551  C  CG1 . VAL   A 1 74  ? -1.817  -4.754  12.999  1.00 17.07  ? 74  VAL   A CG1 1 
ATOM   552  C  CG2 . VAL   A 1 74  ? -0.562  -2.764  12.165  1.00 16.71  ? 74  VAL   A CG2 1 
ATOM   553  N  N   . SER   A 1 75  ? 1.849   -3.844  15.088  1.00 15.32  ? 75  SER   A N   1 
ATOM   554  C  CA  . SER   A 1 75  ? 3.310   -3.694  14.886  1.00 16.91  ? 75  SER   A CA  1 
ATOM   555  C  C   . SER   A 1 75  ? 3.667   -4.338  13.545  1.00 16.76  ? 75  SER   A C   1 
ATOM   556  O  O   . SER   A 1 75  ? 3.077   -5.331  13.188  1.00 17.01  ? 75  SER   A O   1 
ATOM   557  C  CB  . SER   A 1 75  ? 4.093   -4.375  15.959  1.00 20.80  ? 75  SER   A CB  1 
ATOM   558  O  OG  . SER   A 1 75  ? 3.738   -3.889  17.223  1.00 25.19  ? 75  SER   A OG  1 
ATOM   559  N  N   . PHE   A 1 76  ? 4.590   -3.731  12.806  1.00 15.89  ? 76  PHE   A N   1 
ATOM   560  C  CA  . PHE   A 1 76  ? 4.931   -4.218  11.443  1.00 15.64  ? 76  PHE   A CA  1 
ATOM   561  C  C   . PHE   A 1 76  ? 6.426   -4.132  11.227  1.00 16.07  ? 76  PHE   A C   1 
ATOM   562  O  O   . PHE   A 1 76  ? 7.116   -3.265  11.801  1.00 18.32  ? 76  PHE   A O   1 
ATOM   563  C  CB  . PHE   A 1 76  ? 4.121   -3.502  10.358  1.00 16.08  ? 76  PHE   A CB  1 
ATOM   564  C  CG  . PHE   A 1 76  ? 4.198   -1.994  10.373  1.00 13.23  ? 76  PHE   A CG  1 
ATOM   565  C  CD1 . PHE   A 1 76  ? 3.345   -1.234  11.130  1.00 13.93  ? 76  PHE   A CD1 1 
ATOM   566  C  CD2 . PHE   A 1 76  ? 5.188   -1.326  9.662   1.00 14.41  ? 76  PHE   A CD2 1 
ATOM   567  C  CE1 . PHE   A 1 76  ? 3.385   0.152   11.151  1.00 14.49  ? 76  PHE   A CE1 1 
ATOM   568  C  CE2 . PHE   A 1 76  ? 5.241   0.059   9.686   1.00 13.14  ? 76  PHE   A CE2 1 
ATOM   569  C  CZ  . PHE   A 1 76  ? 4.337   0.789   10.413  1.00 14.35  ? 76  PHE   A CZ  1 
ATOM   570  N  N   . SER   A 1 77  ? 6.885   -5.039  10.351  1.00 17.49  ? 77  SER   A N   1 
ATOM   571  C  CA  . SER   A 1 77  ? 8.321   -5.099  9.945   1.00 18.60  ? 77  SER   A CA  1 
ATOM   572  C  C   . SER   A 1 77  ? 8.709   -3.925  9.043   1.00 20.45  ? 77  SER   A C   1 
ATOM   573  O  O   . SER   A 1 77  ? 7.885   -3.394  8.436   1.00 18.86  ? 77  SER   A O   1 
ATOM   574  C  CB  . SER   A 1 77  ? 8.630   -6.417  9.316   1.00 20.83  ? 77  SER   A CB  1 
ATOM   575  O  OG  . SER   A 1 77  ? 7.864   -6.643  8.130   1.00 21.34  ? 77  SER   A OG  1 
ATOM   576  N  N   . LYS   A 1 78  ? 9.999   -3.559  8.952   1.00 21.82  ? 78  LYS   A N   1 
ATOM   577  C  CA  . LYS   A 1 78  ? 10.475  -2.486  8.031   1.00 21.59  ? 78  LYS   A CA  1 
ATOM   578  C  C   . LYS   A 1 78  ? 10.371  -3.014  6.600   1.00 22.21  ? 78  LYS   A C   1 
ATOM   579  O  O   . LYS   A 1 78  ? 10.396  -4.217  6.367   1.00 22.03  ? 78  LYS   A O   1 
ATOM   580  C  CB  . LYS   A 1 78  ? 11.903  -2.072  8.416   1.00 23.15  ? 78  LYS   A CB  1 
ATOM   581  C  CG  . LYS   A 1 78  ? 12.003  -1.407  9.779   1.00 24.67  ? 78  LYS   A CG  1 
ATOM   582  C  CD  . LYS   A 1 78  ? 13.393  -0.931  10.146  1.00 28.16  ? 78  LYS   A CD  1 
ATOM   583  C  CE  . LYS   A 1 78  ? 13.440  -0.172  11.453  1.00 32.95  ? 78  LYS   A CE  1 
ATOM   584  N  NZ  . LYS   A 1 78  ? 14.717  0.589   11.559  1.00 37.64  ? 78  LYS   A NZ  1 
ATOM   585  N  N   . PRO   A 1 79  ? 10.147  -2.101  5.626   1.00 21.81  ? 79  PRO   A N   1 
ATOM   586  C  CA  . PRO   A 1 79  ? 9.970   -2.521  4.228   1.00 23.47  ? 79  PRO   A CA  1 
ATOM   587  C  C   . PRO   A 1 79  ? 11.139  -3.417  3.783   1.00 23.93  ? 79  PRO   A C   1 
ATOM   588  O  O   . PRO   A 1 79  ? 12.296  -3.015  3.983   1.00 26.20  ? 79  PRO   A O   1 
ATOM   589  C  CB  . PRO   A 1 79  ? 9.974   -1.192  3.480   1.00 22.17  ? 79  PRO   A CB  1 
ATOM   590  C  CG  . PRO   A 1 79  ? 9.472   -0.187  4.477   1.00 25.17  ? 79  PRO   A CG  1 
ATOM   591  C  CD  . PRO   A 1 79  ? 9.984   -0.662  5.829   1.00 22.96  ? 79  PRO   A CD  1 
ATOM   592  N  N   A SER   A 1 80  ? 10.825  -4.614  3.268   0.21 24.75  ? 80  SER   A N   1 
ATOM   593  N  N   B SER   A 1 80  ? 10.826  -4.552  3.157   0.20 24.72  ? 80  SER   A N   1 
ATOM   594  C  CA  A SER   A 1 80  ? 11.788  -5.682  2.864   0.21 26.52  ? 80  SER   A CA  1 
ATOM   595  C  CA  B SER   A 1 80  ? 11.819  -5.579  2.745   0.20 26.36  ? 80  SER   A CA  1 
ATOM   596  C  C   A SER   A 1 80  ? 11.395  -6.295  1.512   0.21 27.22  ? 80  SER   A C   1 
ATOM   597  C  C   B SER   A 1 80  ? 11.314  -6.451  1.590   0.20 27.11  ? 80  SER   A C   1 
ATOM   598  O  O   A SER   A 1 80  ? 10.328  -5.931  0.974   0.21 25.55  ? 80  SER   A O   1 
ATOM   599  O  O   B SER   A 1 80  ? 10.092  -6.477  1.292   0.20 24.24  ? 80  SER   A O   1 
ATOM   600  C  CB  A SER   A 1 80  ? 11.887  -6.785  3.906   0.21 26.58  ? 80  SER   A CB  1 
ATOM   601  C  CB  B SER   A 1 80  ? 12.201  -6.435  3.919   0.20 26.81  ? 80  SER   A CB  1 
ATOM   602  O  OG  A SER   A 1 80  ? 11.606  -6.311  5.212   0.21 29.81  ? 80  SER   A OG  1 
ATOM   603  O  OG  B SER   A 1 80  ? 12.778  -5.634  4.936   0.20 29.45  ? 80  SER   A OG  1 
ATOM   604  N  N   . LEU   A 1 81  ? 12.251  -7.196  1.006   1.00 26.35  ? 81  LEU   A N   1 
ATOM   605  C  CA  . LEU   A 1 81  ? 11.979  -8.116  -0.103  1.00 30.83  ? 81  LEU   A CA  1 
ATOM   606  C  C   . LEU   A 1 81  ? 11.536  -9.418  0.541   1.00 31.73  ? 81  LEU   A C   1 
ATOM   607  O  O   . LEU   A 1 81  ? 12.355  -10.069 1.225   1.00 37.08  ? 81  LEU   A O   1 
ATOM   608  C  CB  . LEU   A 1 81  ? 13.303  -8.271  -0.850  1.00 33.01  ? 81  LEU   A CB  1 
ATOM   609  C  CG  . LEU   A 1 81  ? 13.165  -8.823  -2.256  1.00 39.67  ? 81  LEU   A CG  1 
ATOM   610  C  CD1 . LEU   A 1 81  ? 12.484  -7.790  -3.144  1.00 39.80  ? 81  LEU   A CD1 1 
ATOM   611  C  CD2 . LEU   A 1 81  ? 14.518  -9.243  -2.823  1.00 41.97  ? 81  LEU   A CD2 1 
ATOM   612  N  N   . ILE   A 1 82  ? 10.263  -9.758  0.330   0.41 31.76  ? 82  ILE   A N   1 
ATOM   613  C  CA  . ILE   A 1 82  ? 9.493   -10.792 1.076   0.41 31.12  ? 82  ILE   A CA  1 
ATOM   614  C  C   . ILE   A 1 82  ? 8.965   -11.807 0.063   0.41 30.16  ? 82  ILE   A C   1 
ATOM   615  O  O   . ILE   A 1 82  ? 8.037   -11.465 -0.705  0.41 27.72  ? 82  ILE   A O   1 
ATOM   616  C  CB  . ILE   A 1 82  ? 8.347   -10.128 1.870   0.41 31.75  ? 82  ILE   A CB  1 
ATOM   617  C  CG1 . ILE   A 1 82  ? 8.873   -9.166  2.941   0.41 32.70  ? 82  ILE   A CG1 1 
ATOM   618  C  CG2 . ILE   A 1 82  ? 7.403   -11.171 2.448   0.41 31.90  ? 82  ILE   A CG2 1 
ATOM   619  C  CD1 . ILE   A 1 82  ? 9.339   -9.836  4.216   0.41 32.58  ? 82  ILE   A CD1 1 
ATOM   620  N  N   . PHE   A 1 83  ? 9.518   -13.017 0.055   0.41 27.59  ? 83  PHE   A N   1 
ATOM   621  C  CA  . PHE   A 1 83  ? 9.088   -14.056 -0.906  0.41 27.24  ? 83  PHE   A CA  1 
ATOM   622  C  C   . PHE   A 1 83  ? 7.604   -14.355 -0.673  0.41 26.59  ? 83  PHE   A C   1 
ATOM   623  O  O   . PHE   A 1 83  ? 7.273   -15.215 0.166   0.41 30.39  ? 83  PHE   A O   1 
ATOM   624  C  CB  . PHE   A 1 83  ? 9.924   -15.332 -0.825  0.41 26.24  ? 83  PHE   A CB  1 
ATOM   625  C  CG  . PHE   A 1 83  ? 9.572   -16.257 -1.959  0.41 26.34  ? 83  PHE   A CG  1 
ATOM   626  C  CD1 . PHE   A 1 83  ? 10.116  -16.051 -3.218  0.41 25.87  ? 83  PHE   A CD1 1 
ATOM   627  C  CD2 . PHE   A 1 83  ? 8.622   -17.254 -1.796  0.41 26.79  ? 83  PHE   A CD2 1 
ATOM   628  C  CE1 . PHE   A 1 83  ? 9.759   -16.867 -4.279  0.41 25.82  ? 83  PHE   A CE1 1 
ATOM   629  C  CE2 . PHE   A 1 83  ? 8.273   -18.071 -2.859  0.41 26.17  ? 83  PHE   A CE2 1 
ATOM   630  C  CZ  . PHE   A 1 83  ? 8.842   -17.876 -4.096  0.41 26.53  ? 83  PHE   A CZ  1 
ATOM   631  N  N   . VAL   A 1 84  ? 6.741   -13.654 -1.413  0.41 23.92  ? 84  VAL   A N   1 
ATOM   632  C  CA  . VAL   A 1 84  ? 5.257   -13.763 -1.314  0.41 23.04  ? 84  VAL   A CA  1 
ATOM   633  C  C   . VAL   A 1 84  ? 4.798   -14.902 -2.224  0.41 23.06  ? 84  VAL   A C   1 
ATOM   634  O  O   . VAL   A 1 84  ? 5.170   -14.906 -3.413  0.41 20.54  ? 84  VAL   A O   1 
ATOM   635  C  CB  . VAL   A 1 84  ? 4.561   -12.429 -1.657  0.41 22.75  ? 84  VAL   A CB  1 
ATOM   636  C  CG1 . VAL   A 1 84  ? 4.938   -11.896 -3.029  0.41 24.19  ? 84  VAL   A CG1 1 
ATOM   637  C  CG2 . VAL   A 1 84  ? 3.052   -12.522 -1.527  0.41 21.90  ? 84  VAL   A CG2 1 
ATOM   638  N  N   . GLU   A 1 85  ? 3.993   -15.813 -1.676  0.41 23.88  ? 85  GLU   A N   1 
ATOM   639  C  CA  . GLU   A 1 85  ? 3.428   -16.972 -2.411  0.41 24.52  ? 85  GLU   A CA  1 
ATOM   640  C  C   . GLU   A 1 85  ? 2.470   -16.456 -3.488  0.41 25.20  ? 85  GLU   A C   1 
ATOM   641  O  O   . GLU   A 1 85  ? 1.900   -15.363 -3.302  0.41 24.70  ? 85  GLU   A O   1 
ATOM   642  C  CB  . GLU   A 1 85  ? 2.742   -17.923 -1.430  0.41 24.76  ? 85  GLU   A CB  1 
ATOM   643  C  CG  . GLU   A 1 85  ? 3.680   -18.483 -0.375  0.41 25.22  ? 85  GLU   A CG  1 
ATOM   644  C  CD  . GLU   A 1 85  ? 4.852   -19.282 -0.923  0.41 25.98  ? 85  GLU   A CD  1 
ATOM   645  O  OE1 . GLU   A 1 85  ? 4.617   -20.116 -1.817  0.41 27.80  ? 85  GLU   A OE1 1 
ATOM   646  O  OE2 . GLU   A 1 85  ? 5.998   -19.054 -0.471  0.41 26.69  ? 85  GLU   A OE2 1 
ATOM   647  N  N   . ALA   A 1 86  ? 2.300   -17.222 -4.572  0.41 25.43  ? 86  ALA   A N   1 
ATOM   648  C  CA  . ALA   A 1 86  ? 1.413   -16.886 -5.711  0.41 24.99  ? 86  ALA   A CA  1 
ATOM   649  C  C   . ALA   A 1 86  ? 0.048   -16.413 -5.200  0.41 24.66  ? 86  ALA   A C   1 
ATOM   650  O  O   . ALA   A 1 86  ? -0.470  -17.000 -4.227  0.41 24.02  ? 86  ALA   A O   1 
ATOM   651  C  CB  . ALA   A 1 86  ? 1.261   -18.073 -6.626  0.41 25.06  ? 86  ALA   A CB  1 
ATOM   652  N  N   . SER   A 1 87  ? -0.508  -15.385 -5.840  0.41 24.70  ? 87  SER   A N   1 
ATOM   653  C  CA  . SER   A 1 87  ? -1.931  -14.975 -5.714  0.41 23.99  ? 87  SER   A CA  1 
ATOM   654  C  C   . SER   A 1 87  ? -2.602  -15.095 -7.087  0.41 23.76  ? 87  SER   A C   1 
ATOM   655  O  O   . SER   A 1 87  ? -1.964  -15.624 -8.018  0.41 23.26  ? 87  SER   A O   1 
ATOM   656  C  CB  . SER   A 1 87  ? -2.044  -13.581 -5.144  0.41 24.73  ? 87  SER   A CB  1 
ATOM   657  O  OG  . SER   A 1 87  ? -1.655  -12.606 -6.100  0.41 25.22  ? 87  SER   A OG  1 
ATOM   658  N  N   . GLU   A 1 88  ? -3.837  -14.604 -7.215  0.41 24.24  ? 88  GLU   A N   1 
ATOM   659  C  CA  . GLU   A 1 88  ? -4.577  -14.565 -8.510  0.41 25.18  ? 88  GLU   A CA  1 
ATOM   660  C  C   . GLU   A 1 88  ? -4.073  -13.412 -9.398  0.41 25.01  ? 88  GLU   A C   1 
ATOM   661  O  O   . GLU   A 1 88  ? -4.518  -13.340 -10.559 0.41 27.37  ? 88  GLU   A O   1 
ATOM   662  C  CB  . GLU   A 1 88  ? -6.092  -14.500 -8.278  0.41 26.70  ? 88  GLU   A CB  1 
ATOM   663  C  CG  . GLU   A 1 88  ? -6.542  -13.614 -7.123  0.41 29.02  ? 88  GLU   A CG  1 
ATOM   664  C  CD  . GLU   A 1 88  ? -7.329  -14.332 -6.034  0.41 30.78  ? 88  GLU   A CD  1 
ATOM   665  O  OE1 . GLU   A 1 88  ? -7.211  -15.577 -5.930  0.41 34.80  ? 88  GLU   A OE1 1 
ATOM   666  O  OE2 . GLU   A 1 88  ? -8.073  -13.650 -5.300  0.41 30.86  ? 88  GLU   A OE2 1 
ATOM   667  N  N   . TYR   A 1 89  ? -3.172  -12.555 -8.901  0.41 24.15  ? 89  TYR   A N   1 
ATOM   668  C  CA  . TYR   A 1 89  ? -2.642  -11.375 -9.640  0.41 22.72  ? 89  TYR   A CA  1 
ATOM   669  C  C   . TYR   A 1 89  ? -1.136  -11.502 -9.899  0.41 21.74  ? 89  TYR   A C   1 
ATOM   670  O  O   . TYR   A 1 89  ? -0.679  -10.976 -10.931 0.41 21.46  ? 89  TYR   A O   1 
ATOM   671  C  CB  . TYR   A 1 89  ? -2.995  -10.099 -8.876  0.41 22.35  ? 89  TYR   A CB  1 
ATOM   672  C  CG  . TYR   A 1 89  ? -4.480  -9.931  -8.670  0.41 22.88  ? 89  TYR   A CG  1 
ATOM   673  C  CD1 . TYR   A 1 89  ? -5.104  -10.381 -7.516  0.41 23.02  ? 89  TYR   A CD1 1 
ATOM   674  C  CD2 . TYR   A 1 89  ? -5.271  -9.371  -9.661  0.41 23.00  ? 89  TYR   A CD2 1 
ATOM   675  C  CE1 . TYR   A 1 89  ? -6.470  -10.246 -7.335  0.41 23.19  ? 89  TYR   A CE1 1 
ATOM   676  C  CE2 . TYR   A 1 89  ? -6.639  -9.228  -9.496  0.41 24.09  ? 89  TYR   A CE2 1 
ATOM   677  C  CZ  . TYR   A 1 89  ? -7.238  -9.663  -8.327  0.41 23.66  ? 89  TYR   A CZ  1 
ATOM   678  O  OH  . TYR   A 1 89  ? -8.582  -9.518  -8.171  0.41 25.88  ? 89  TYR   A OH  1 
ATOM   679  N  N   . TYR   A 1 90  ? -0.395  -12.176 -9.015  0.41 21.55  ? 90  TYR   A N   1 
ATOM   680  C  CA  . TYR   A 1 90  ? 1.078   -12.343 -9.117  0.41 21.11  ? 90  TYR   A CA  1 
ATOM   681  C  C   . TYR   A 1 90  ? 1.484   -13.788 -8.860  0.41 22.56  ? 90  TYR   A C   1 
ATOM   682  O  O   . TYR   A 1 90  ? 0.851   -14.487 -8.074  0.41 23.44  ? 90  TYR   A O   1 
ATOM   683  C  CB  . TYR   A 1 90  ? 1.817   -11.467 -8.102  0.41 20.24  ? 90  TYR   A CB  1 
ATOM   684  C  CG  . TYR   A 1 90  ? 1.595   -9.990  -8.275  0.41 18.68  ? 90  TYR   A CG  1 
ATOM   685  C  CD1 . TYR   A 1 90  ? 0.784   -9.290  -7.399  0.41 18.31  ? 90  TYR   A CD1 1 
ATOM   686  C  CD2 . TYR   A 1 90  ? 2.179   -9.288  -9.319  0.41 18.81  ? 90  TYR   A CD2 1 
ATOM   687  C  CE1 . TYR   A 1 90  ? 0.570   -7.933  -7.548  0.41 17.70  ? 90  TYR   A CE1 1 
ATOM   688  C  CE2 . TYR   A 1 90  ? 1.969   -7.930  -9.484  0.41 17.71  ? 90  TYR   A CE2 1 
ATOM   689  C  CZ  . TYR   A 1 90  ? 1.172   -7.245  -8.587  0.41 17.93  ? 90  TYR   A CZ  1 
ATOM   690  O  OH  . TYR   A 1 90  ? 0.944   -5.909  -8.740  0.41 16.93  ? 90  TYR   A OH  1 
ATOM   691  N  N   . PRO   A 1 91  ? 2.595   -14.252 -9.471  0.41 23.32  ? 91  PRO   A N   1 
ATOM   692  C  CA  . PRO   A 1 91  ? 3.169   -15.548 -9.139  0.41 24.02  ? 91  PRO   A CA  1 
ATOM   693  C  C   . PRO   A 1 91  ? 4.041   -15.417 -7.885  0.41 24.95  ? 91  PRO   A C   1 
ATOM   694  O  O   . PRO   A 1 91  ? 4.276   -14.295 -7.449  0.41 23.79  ? 91  PRO   A O   1 
ATOM   695  C  CB  . PRO   A 1 91  ? 3.973   -15.854 -10.405 0.41 23.26  ? 91  PRO   A CB  1 
ATOM   696  C  CG  . PRO   A 1 91  ? 4.520   -14.502 -10.810 0.41 22.97  ? 91  PRO   A CG  1 
ATOM   697  C  CD  . PRO   A 1 91  ? 3.391   -13.546 -10.483 0.41 23.41  ? 91  PRO   A CD  1 
ATOM   698  N  N   . ALA   A 1 92  ? 4.468   -16.551 -7.327  0.41 26.41  ? 92  ALA   A N   1 
ATOM   699  C  CA  . ALA   A 1 92  ? 5.381   -16.622 -6.161  0.41 28.22  ? 92  ALA   A CA  1 
ATOM   700  C  C   . ALA   A 1 92  ? 6.726   -15.984 -6.532  0.41 29.48  ? 92  ALA   A C   1 
ATOM   701  O  O   . ALA   A 1 92  ? 7.464   -16.582 -7.333  0.41 33.03  ? 92  ALA   A O   1 
ATOM   702  C  CB  . ALA   A 1 92  ? 5.553   -18.056 -5.720  0.41 28.37  ? 92  ALA   A CB  1 
ATOM   703  N  N   . ARG   A 1 93  ? 7.024   -14.799 -5.992  0.41 28.51  ? 93  ARG   A N   1 
ATOM   704  C  CA  . ARG   A 1 93  ? 8.369   -14.173 -6.103  0.41 28.12  ? 93  ARG   A CA  1 
ATOM   705  C  C   . ARG   A 1 93  ? 8.604   -13.210 -4.942  0.41 27.15  ? 93  ARG   A C   1 
ATOM   706  O  O   . ARG   A 1 93  ? 7.767   -13.141 -4.020  0.41 25.37  ? 93  ARG   A O   1 
ATOM   707  C  CB  . ARG   A 1 93  ? 8.568   -13.445 -7.439  0.41 29.72  ? 93  ARG   A CB  1 
ATOM   708  C  CG  . ARG   A 1 93  ? 7.328   -12.781 -8.012  0.41 30.22  ? 93  ARG   A CG  1 
ATOM   709  C  CD  . ARG   A 1 93  ? 6.629   -11.806 -7.078  0.41 31.05  ? 93  ARG   A CD  1 
ATOM   710  N  NE  . ARG   A 1 93  ? 6.158   -10.632 -7.800  0.41 31.39  ? 93  ARG   A NE  1 
ATOM   711  C  CZ  . ARG   A 1 93  ? 5.415   -9.658  -7.283  0.41 31.98  ? 93  ARG   A CZ  1 
ATOM   712  N  NH1 . ARG   A 1 93  ? 5.062   -8.634  -8.042  0.41 33.12  ? 93  ARG   A NH1 1 
ATOM   713  N  NH2 . ARG   A 1 93  ? 5.013   -9.713  -6.024  0.41 33.22  ? 93  ARG   A NH2 1 
ATOM   714  N  N   . TYR   A 1 94  ? 9.737   -12.518 -5.005  0.41 26.61  ? 94  TYR   A N   1 
ATOM   715  C  CA  . TYR   A 1 94  ? 10.117  -11.423 -4.086  0.41 27.24  ? 94  TYR   A CA  1 
ATOM   716  C  C   . TYR   A 1 94  ? 9.266   -10.198 -4.431  0.41 25.82  ? 94  TYR   A C   1 
ATOM   717  O  O   . TYR   A 1 94  ? 9.470   -9.578  -5.494  0.41 25.78  ? 94  TYR   A O   1 
ATOM   718  C  CB  . TYR   A 1 94  ? 11.630  -11.208 -4.160  0.41 28.51  ? 94  TYR   A CB  1 
ATOM   719  C  CG  . TYR   A 1 94  ? 12.430  -12.308 -3.510  0.41 30.19  ? 94  TYR   A CG  1 
ATOM   720  C  CD1 . TYR   A 1 94  ? 12.474  -12.433 -2.129  0.41 30.50  ? 94  TYR   A CD1 1 
ATOM   721  C  CD2 . TYR   A 1 94  ? 13.129  -13.239 -4.266  0.41 31.49  ? 94  TYR   A CD2 1 
ATOM   722  C  CE1 . TYR   A 1 94  ? 13.198  -13.442 -1.516  0.41 31.58  ? 94  TYR   A CE1 1 
ATOM   723  C  CE2 . TYR   A 1 94  ? 13.860  -14.253 -3.667  0.41 32.23  ? 94  TYR   A CE2 1 
ATOM   724  C  CZ  . TYR   A 1 94  ? 13.893  -14.356 -2.286  0.41 32.82  ? 94  TYR   A CZ  1 
ATOM   725  O  OH  . TYR   A 1 94  ? 14.601  -15.349 -1.674  0.41 32.91  ? 94  TYR   A OH  1 
ATOM   726  N  N   . GLN   A 1 95  ? 8.284   -9.913  -3.573  0.41 25.36  ? 95  GLN   A N   1 
ATOM   727  C  CA  . GLN   A 1 95  ? 7.558   -8.619  -3.549  0.41 24.97  ? 95  GLN   A CA  1 
ATOM   728  C  C   . GLN   A 1 95  ? 8.406   -7.665  -2.716  0.41 24.98  ? 95  GLN   A C   1 
ATOM   729  O  O   . GLN   A 1 95  ? 8.715   -8.007  -1.549  0.41 27.36  ? 95  GLN   A O   1 
ATOM   730  C  CB  . GLN   A 1 95  ? 6.147   -8.776  -2.984  0.41 24.09  ? 95  GLN   A CB  1 
ATOM   731  C  CG  . GLN   A 1 95  ? 5.412   -7.454  -2.820  0.41 23.73  ? 95  GLN   A CG  1 
ATOM   732  C  CD  . GLN   A 1 95  ? 3.910   -7.590  -2.826  0.41 22.97  ? 95  GLN   A CD  1 
ATOM   733  O  OE1 . GLN   A 1 95  ? 3.351   -8.613  -3.214  0.41 23.93  ? 95  GLN   A OE1 1 
ATOM   734  N  NE2 . GLN   A 1 95  ? 3.236   -6.534  -2.398  0.41 22.87  ? 95  GLN   A NE2 1 
ATOM   735  N  N   . SER   A 1 96  ? 8.812   -6.543  -3.301  1.00 25.18  ? 96  SER   A N   1 
ATOM   736  C  CA  . SER   A 1 96  ? 9.719   -5.581  -2.641  1.00 25.50  ? 96  SER   A CA  1 
ATOM   737  C  C   . SER   A 1 96  ? 8.919   -4.548  -1.832  1.00 26.58  ? 96  SER   A C   1 
ATOM   738  O  O   . SER   A 1 96  ? 7.666   -4.435  -2.051  1.00 22.09  ? 96  SER   A O   1 
ATOM   739  C  CB  . SER   A 1 96  ? 10.602  -4.932  -3.652  1.00 27.05  ? 96  SER   A CB  1 
ATOM   740  O  OG  . SER   A 1 96  ? 9.824   -4.246  -4.605  1.00 27.25  ? 96  SER   A OG  1 
ATOM   741  N  N   . HIS   A 1 97  ? 9.620   -3.848  -0.942  1.00 23.46  ? 97  HIS   A N   1 
ATOM   742  C  CA  . HIS   A 1 97  ? 9.113   -2.714  -0.124  1.00 23.29  ? 97  HIS   A CA  1 
ATOM   743  C  C   . HIS   A 1 97  ? 7.858   -3.167  0.635   1.00 21.19  ? 97  HIS   A C   1 
ATOM   744  O  O   . HIS   A 1 97  ? 6.961   -2.356  0.797   1.00 20.88  ? 97  HIS   A O   1 
ATOM   745  C  CB  . HIS   A 1 97  ? 8.884   -1.517  -1.020  1.00 24.65  ? 97  HIS   A CB  1 
ATOM   746  C  CG  . HIS   A 1 97  ? 10.126  -1.035  -1.661  1.00 26.59  ? 97  HIS   A CG  1 
ATOM   747  N  ND1 . HIS   A 1 97  ? 10.827  0.028   -1.158  1.00 24.19  ? 97  HIS   A ND1 1 
ATOM   748  C  CD2 . HIS   A 1 97  ? 10.756  -1.433  -2.795  1.00 28.87  ? 97  HIS   A CD2 1 
ATOM   749  C  CE1 . HIS   A 1 97  ? 11.833  0.308   -1.984  1.00 28.38  ? 97  HIS   A CE1 1 
ATOM   750  N  NE2 . HIS   A 1 97  ? 11.838  -0.608  -2.951  1.00 29.07  ? 97  HIS   A NE2 1 
ATOM   751  N  N   . LEU   A 1 98  ? 7.860   -4.392  1.097   1.00 20.28  ? 98  LEU   A N   1 
ATOM   752  C  CA  . LEU   A 1 98  ? 6.703   -4.984  1.797   1.00 20.27  ? 98  LEU   A CA  1 
ATOM   753  C  C   . LEU   A 1 98  ? 6.964   -5.008  3.317   1.00 19.89  ? 98  LEU   A C   1 
ATOM   754  O  O   . LEU   A 1 98  ? 8.048   -5.425  3.753   1.00 21.03  ? 98  LEU   A O   1 
ATOM   755  C  CB  . LEU   A 1 98  ? 6.447   -6.390  1.275   1.00 21.28  ? 98  LEU   A CB  1 
ATOM   756  C  CG  . LEU   A 1 98  ? 5.173   -7.064  1.775   1.00 22.28  ? 98  LEU   A CG  1 
ATOM   757  C  CD1 . LEU   A 1 98  ? 3.948   -6.378  1.233   1.00 19.53  ? 98  LEU   A CD1 1 
ATOM   758  C  CD2 . LEU   A 1 98  ? 5.154   -8.533  1.428   1.00 22.81  ? 98  LEU   A CD2 1 
ATOM   759  N  N   . MET   A 1 99  ? 5.925   -4.667  4.078   1.00 17.75  ? 99  MET   A N   1 
ATOM   760  C  CA  . MET   A 1 99  ? 5.916   -4.691  5.569   1.00 17.73  ? 99  MET   A CA  1 
ATOM   761  C  C   . MET   A 1 99  ? 4.921   -5.734  6.029   1.00 18.59  ? 99  MET   A C   1 
ATOM   762  O  O   . MET   A 1 99  ? 3.834   -5.826  5.466   1.00 18.87  ? 99  MET   A O   1 
ATOM   763  C  CB  . MET   A 1 99  ? 5.564   -3.313  6.128   1.00 15.81  ? 99  MET   A CB  1 
ATOM   764  C  CG  . MET   A 1 99  ? 6.593   -2.211  5.777   1.00 17.35  ? 99  MET   A CG  1 
ATOM   765  S  SD  . MET   A 1 99  ? 5.998   -0.613  6.054   1.00 19.57  ? 99  MET   A SD  1 
ATOM   766  C  CE  . MET   A 1 99  ? 4.624   -0.459  4.921   1.00 18.50  ? 99  MET   A CE  1 
ATOM   767  N  N   . LEU   A 1 100 ? 5.281   -6.578  7.006   1.00 18.22  ? 100 LEU   A N   1 
ATOM   768  C  CA  . LEU   A 1 100 ? 4.320   -7.609  7.465   1.00 16.76  ? 100 LEU   A CA  1 
ATOM   769  C  C   . LEU   A 1 100 ? 3.887   -7.326  8.905   1.00 16.90  ? 100 LEU   A C   1 
ATOM   770  O  O   . LEU   A 1 100 ? 4.687   -6.853  9.678   1.00 17.23  ? 100 LEU   A O   1 
ATOM   771  C  CB  . LEU   A 1 100 ? 4.974   -8.992  7.453   1.00 22.58  ? 100 LEU   A CB  1 
ATOM   772  C  CG  . LEU   A 1 100 ? 5.142   -9.625  6.084   1.00 24.45  ? 100 LEU   A CG  1 
ATOM   773  C  CD1 . LEU   A 1 100 ? 5.840   -10.970 6.217   1.00 27.81  ? 100 LEU   A CD1 1 
ATOM   774  C  CD2 . LEU   A 1 100 ? 3.796   -9.781  5.392   1.00 25.21  ? 100 LEU   A CD2 1 
ATOM   775  N  N   . ALA   A 1 101 ? 2.654   -7.635  9.195   1.00 16.32  ? 101 ALA   A N   1 
ATOM   776  C  CA  . ALA   A 1 101 ? 2.126   -7.603  10.566  1.00 16.03  ? 101 ALA   A CA  1 
ATOM   777  C  C   . ALA   A 1 101 ? 1.262   -8.821  10.772  1.00 17.77  ? 101 ALA   A C   1 
ATOM   778  O  O   . ALA   A 1 101 ? 0.803   -9.476  9.804   1.00 17.39  ? 101 ALA   A O   1 
ATOM   779  C  CB  . ALA   A 1 101 ? 1.283   -6.354  10.828  1.00 15.88  ? 101 ALA   A CB  1 
ATOM   780  N  N   . VAL   A 1 102 ? 1.019   -9.153  12.035  0.41 17.93  ? 102 VAL   A N   1 
ATOM   781  C  CA  . VAL   A 1 102 ? 0.080   -10.247 12.400  0.41 18.31  ? 102 VAL   A CA  1 
ATOM   782  C  C   . VAL   A 1 102 ? -1.325  -9.648  12.403  0.41 17.99  ? 102 VAL   A C   1 
ATOM   783  O  O   . VAL   A 1 102 ? -1.620  -8.801  13.271  0.41 18.99  ? 102 VAL   A O   1 
ATOM   784  C  CB  . VAL   A 1 102 ? 0.461   -10.908 13.736  0.41 18.66  ? 102 VAL   A CB  1 
ATOM   785  C  CG1 . VAL   A 1 102 ? -0.640  -11.823 14.243  0.41 18.79  ? 102 VAL   A CG1 1 
ATOM   786  C  CG2 . VAL   A 1 102 ? 1.778   -11.654 13.603  0.41 18.75  ? 102 VAL   A CG2 1 
ATOM   787  N  N   . GLY   A 1 103 ? -2.153  -10.061 11.445  0.41 18.23  ? 103 GLY   A N   1 
ATOM   788  C  CA  . GLY   A 1 103 ? -3.516  -9.536  11.283  0.41 18.66  ? 103 GLY   A CA  1 
ATOM   789  C  C   . GLY   A 1 103 ? -4.230  -10.199 10.128  0.41 18.97  ? 103 GLY   A C   1 
ATOM   790  O  O   . GLY   A 1 103 ? -3.563  -10.828 9.289   0.41 20.72  ? 103 GLY   A O   1 
ATOM   791  N  N   . HIS   A 1 104 ? -5.548  -10.052 10.086  0.41 19.77  ? 104 HIS   A N   1 
ATOM   792  C  CA  . HIS   A 1 104 ? -6.399  -10.646 9.031   0.41 20.25  ? 104 HIS   A CA  1 
ATOM   793  C  C   . HIS   A 1 104 ? -6.333  -9.796  7.758   0.41 20.31  ? 104 HIS   A C   1 
ATOM   794  O  O   . HIS   A 1 104 ? -6.200  -8.569  7.874   0.41 20.82  ? 104 HIS   A O   1 
ATOM   795  C  CB  . HIS   A 1 104 ? -7.837  -10.807 9.521   0.41 19.75  ? 104 HIS   A CB  1 
ATOM   796  C  CG  . HIS   A 1 104 ? -8.601  -11.669 8.586   0.41 19.71  ? 104 HIS   A CG  1 
ATOM   797  N  ND1 . HIS   A 1 104 ? -8.373  -13.020 8.507   0.41 19.43  ? 104 HIS   A ND1 1 
ATOM   798  C  CD2 . HIS   A 1 104 ? -9.487  -11.363 7.618   0.41 18.69  ? 104 HIS   A CD2 1 
ATOM   799  C  CE1 . HIS   A 1 104 ? -9.130  -13.523 7.552   0.41 18.92  ? 104 HIS   A CE1 1 
ATOM   800  N  NE2 . HIS   A 1 104 ? -9.822  -12.527 6.988   0.41 18.79  ? 104 HIS   A NE2 1 
ATOM   801  N  N   . SER   A 1 105 ? -6.477  -10.427 6.586   0.41 20.35  ? 105 SER   A N   1 
ATOM   802  C  CA  . SER   A 1 105 ? -6.395  -9.764  5.258   0.41 20.54  ? 105 SER   A CA  1 
ATOM   803  C  C   . SER   A 1 105 ? -7.110  -10.616 4.197   0.41 20.37  ? 105 SER   A C   1 
ATOM   804  O  O   . SER   A 1 105 ? -6.850  -11.825 4.161   0.41 23.76  ? 105 SER   A O   1 
ATOM   805  C  CB  . SER   A 1 105 ? -4.951  -9.508  4.892   0.41 21.04  ? 105 SER   A CB  1 
ATOM   806  O  OG  . SER   A 1 105 ? -4.872  -8.701  3.727   0.41 22.35  ? 105 SER   A OG  1 
ATOM   807  N  N   . GLU   A 1 106 ? -7.954  -9.997  3.363   0.41 20.20  ? 106 GLU   A N   1 
ATOM   808  C  CA  . GLU   A 1 106 ? -8.649  -10.632 2.205   0.41 20.11  ? 106 GLU   A CA  1 
ATOM   809  C  C   . GLU   A 1 106 ? -8.455  -9.770  0.958   0.41 20.20  ? 106 GLU   A C   1 
ATOM   810  O  O   . GLU   A 1 106 ? -8.165  -8.576  1.055   0.41 20.06  ? 106 GLU   A O   1 
ATOM   811  C  CB  . GLU   A 1 106 ? -10.124 -10.859 2.556   0.41 19.84  ? 106 GLU   A CB  1 
ATOM   812  C  CG  . GLU   A 1 106 ? -10.274 -11.706 3.804   0.41 19.57  ? 106 GLU   A CG  1 
ATOM   813  C  CD  . GLU   A 1 106 ? -11.634 -12.311 4.095   0.41 20.20  ? 106 GLU   A CD  1 
ATOM   814  O  OE1 . GLU   A 1 106 ? -12.095 -13.173 3.313   0.41 20.48  ? 106 GLU   A OE1 1 
ATOM   815  O  OE2 . GLU   A 1 106 ? -12.211 -11.934 5.125   0.41 19.30  ? 106 GLU   A OE2 1 
ATOM   816  N  N   . PRO   A 1 107 ? -8.594  -10.348 -0.260  0.41 19.45  ? 107 PRO   A N   1 
ATOM   817  C  CA  . PRO   A 1 107 ? -8.342  -9.610  -1.503  0.41 19.22  ? 107 PRO   A CA  1 
ATOM   818  C  C   . PRO   A 1 107 ? -9.000  -8.222  -1.588  0.41 18.11  ? 107 PRO   A C   1 
ATOM   819  O  O   . PRO   A 1 107 ? -8.341  -7.267  -2.016  0.41 17.64  ? 107 PRO   A O   1 
ATOM   820  C  CB  . PRO   A 1 107 ? -8.951  -10.534 -2.568  0.41 19.64  ? 107 PRO   A CB  1 
ATOM   821  C  CG  . PRO   A 1 107 ? -8.784  -11.927 -1.990  0.41 20.08  ? 107 PRO   A CG  1 
ATOM   822  C  CD  . PRO   A 1 107 ? -8.968  -11.748 -0.501  0.41 20.16  ? 107 PRO   A CD  1 
ATOM   823  N  N   . GLY   A 1 108 ? -10.265 -8.146  -1.168  0.41 18.16  ? 108 GLY   A N   1 
ATOM   824  C  CA  . GLY   A 1 108 ? -11.066 -6.906  -1.141  0.41 18.50  ? 108 GLY   A CA  1 
ATOM   825  C  C   . GLY   A 1 108 ? -10.556 -5.936  -0.089  0.41 16.90  ? 108 GLY   A C   1 
ATOM   826  O  O   . GLY   A 1 108 ? -11.017 -4.783  -0.080  0.41 16.84  ? 108 GLY   A O   1 
ATOM   827  N  N   . ASP   A 1 109 ? -9.631  -6.376  0.770   0.41 16.80  ? 109 ASP   A N   1 
ATOM   828  C  CA  . ASP   A 1 109 ? -8.937  -5.495  1.742   0.41 16.03  ? 109 ASP   A CA  1 
ATOM   829  C  C   . ASP   A 1 109 ? -7.733  -4.800  1.098   0.41 16.74  ? 109 ASP   A C   1 
ATOM   830  O  O   . ASP   A 1 109 ? -7.380  -3.705  1.619   0.41 15.16  ? 109 ASP   A O   1 
ATOM   831  C  CB  . ASP   A 1 109 ? -8.491  -6.239  3.001   0.41 15.37  ? 109 ASP   A CB  1 
ATOM   832  C  CG  . ASP   A 1 109 ? -9.652  -6.773  3.815   0.41 15.30  ? 109 ASP   A CG  1 
ATOM   833  O  OD1 . ASP   A 1 109 ? -10.707 -6.096  3.849   0.41 15.15  ? 109 ASP   A OD1 1 
ATOM   834  O  OD2 . ASP   A 1 109 ? -9.487  -7.837  4.414   0.41 15.70  ? 109 ASP   A OD2 1 
ATOM   835  N  N   . CYS   A 1 110 ? -7.134  -5.346  0.023   1.00 16.59  ? 110 CYS   A N   1 
ATOM   836  C  CA  . CYS   A 1 110 ? -6.055  -4.583  -0.632  1.00 16.70  ? 110 CYS   A CA  1 
ATOM   837  C  C   . CYS   A 1 110 ? -6.544  -3.129  -0.773  1.00 17.36  ? 110 CYS   A C   1 
ATOM   838  O  O   . CYS   A 1 110 ? -7.706  -2.863  -1.163  1.00 17.46  ? 110 CYS   A O   1 
ATOM   839  C  CB  . CYS   A 1 110 ? -5.656  -5.167  -1.981  1.00 17.63  ? 110 CYS   A CB  1 
ATOM   840  S  SG  . CYS   A 1 110 ? -4.620  -6.622  -1.820  1.00 20.24  ? 110 CYS   A SG  1 
ATOM   841  N  N   . GLY   A 1 111 ? -5.646  -2.177  -0.540  1.00 15.69  ? 111 GLY   A N   1 
ATOM   842  C  CA  . GLY   A 1 111 ? -5.952  -0.749  -0.593  1.00 14.71  ? 111 GLY   A CA  1 
ATOM   843  C  C   . GLY   A 1 111 ? -6.282  -0.103  0.741   1.00 14.98  ? 111 GLY   A C   1 
ATOM   844  O  O   . GLY   A 1 111 ? -6.288  1.139   0.809   1.00 16.26  ? 111 GLY   A O   1 
ATOM   845  N  N   . GLY   A 1 112 ? -6.556  -0.910  1.761   1.00 15.05  ? 112 GLY   A N   1 
ATOM   846  C  CA  . GLY   A 1 112 ? -6.719  -0.419  3.136   1.00 14.33  ? 112 GLY   A CA  1 
ATOM   847  C  C   . GLY   A 1 112 ? -5.492  0.378   3.546   1.00 14.84  ? 112 GLY   A C   1 
ATOM   848  O  O   . GLY   A 1 112 ? -4.417  -0.132  3.364   1.00 14.77  ? 112 GLY   A O   1 
ATOM   849  N  N   . ILE   A 1 113 ? -5.697  1.518   4.180   1.00 13.91  ? 113 ILE   A N   1 
ATOM   850  C  CA  . ILE   A 1 113 ? -4.554  2.356   4.636   1.00 13.95  ? 113 ILE   A CA  1 
ATOM   851  C  C   . ILE   A 1 113 ? -3.971  1.806   5.929   1.00 13.28  ? 113 ILE   A C   1 
ATOM   852  O  O   . ILE   A 1 113 ? -4.745  1.492   6.889   1.00 14.53  ? 113 ILE   A O   1 
ATOM   853  C  CB  . ILE   A 1 113 ? -5.019  3.804   4.807   1.00 16.04  ? 113 ILE   A CB  1 
ATOM   854  C  CG1 . ILE   A 1 113 ? -5.194  4.340   3.383   1.00 19.12  ? 113 ILE   A CG1 1 
ATOM   855  C  CG2 . ILE   A 1 113 ? -4.070  4.658   5.670   1.00 15.46  ? 113 ILE   A CG2 1 
ATOM   856  C  CD1 . ILE   A 1 113 ? -5.589  5.800   3.241   1.00 20.17  ? 113 ILE   A CD1 1 
ATOM   857  N  N   . LEU   A 1 114 ? -2.653  1.812   6.001   1.00 12.55  ? 114 LEU   A N   1 
ATOM   858  C  CA  . LEU   A 1 114 ? -1.875  1.717   7.266   1.00 12.93  ? 114 LEU   A CA  1 
ATOM   859  C  C   . LEU   A 1 114 ? -1.367  3.142   7.543   1.00 13.24  ? 114 LEU   A C   1 
ATOM   860  O  O   . LEU   A 1 114 ? -0.761  3.743   6.645   1.00 13.52  ? 114 LEU   A O   1 
ATOM   861  C  CB  . LEU   A 1 114 ? -0.730  0.721   7.071   1.00 12.92  ? 114 LEU   A CB  1 
ATOM   862  C  CG  . LEU   A 1 114 ? 0.307   0.693   8.196   1.00 13.96  ? 114 LEU   A CG  1 
ATOM   863  C  CD1 . LEU   A 1 114 ? -0.261  0.122   9.490   1.00 14.04  ? 114 LEU   A CD1 1 
ATOM   864  C  CD2 . LEU   A 1 114 ? 1.528   -0.103  7.719   1.00 14.55  ? 114 LEU   A CD2 1 
ATOM   865  N  N   . ARG   A 1 115 ? -1.572  3.606   8.773   1.00 13.69  ? 115 ARG   A N   1 
ATOM   866  C  CA  . ARG   A 1 115 ? -1.213  4.982   9.181   1.00 13.51  ? 115 ARG   A CA  1 
ATOM   867  C  C   . ARG   A 1 115 ? -0.519  4.937   10.533  1.00 14.10  ? 115 ARG   A C   1 
ATOM   868  O  O   . ARG   A 1 115 ? -0.802  4.082   11.408  1.00 14.73  ? 115 ARG   A O   1 
ATOM   869  C  CB  . ARG   A 1 115 ? -2.431  5.887   9.228   1.00 15.17  ? 115 ARG   A CB  1 
ATOM   870  C  CG  . ARG   A 1 115 ? -3.464  5.412   10.238  1.00 18.15  ? 115 ARG   A CG  1 
ATOM   871  C  CD  . ARG   A 1 115 ? -4.657  6.350   10.207  1.00 21.73  ? 115 ARG   A CD  1 
ATOM   872  N  NE  . ARG   A 1 115 ? -5.584  5.975   9.174   1.00 24.30  ? 115 ARG   A NE  1 
ATOM   873  C  CZ  . ARG   A 1 115 ? -6.022  6.750   8.172   1.00 25.43  ? 115 ARG   A CZ  1 
ATOM   874  N  NH1 . ARG   A 1 115 ? -5.567  7.977   7.970   1.00 27.49  ? 115 ARG   A NH1 1 
ATOM   875  N  NH2 . ARG   A 1 115 ? -6.915  6.264   7.341   1.00 28.70  ? 115 ARG   A NH2 1 
ATOM   876  N  N   . CYS   A 1 116 ? 0.395   5.881   10.661  1.00 13.44  ? 116 CYS   A N   1 
ATOM   877  C  CA  . CYS   A 1 116 ? 1.072   6.194   11.936  1.00 15.64  ? 116 CYS   A CA  1 
ATOM   878  C  C   . CYS   A 1 116 ? 0.868   7.677   12.240  1.00 18.27  ? 116 CYS   A C   1 
ATOM   879  O  O   . CYS   A 1 116 ? 0.239   8.395   11.437  1.00 21.43  ? 116 CYS   A O   1 
ATOM   880  C  CB  . CYS   A 1 116 ? 2.545   5.827   11.840  1.00 12.81  ? 116 CYS   A CB  1 
ATOM   881  S  SG  . CYS   A 1 116 ? 3.446   6.967   10.723  1.00 15.21  ? 116 CYS   A SG  1 
ATOM   882  N  N   . GLN   A 1 117 ? 1.456   8.135   13.339  1.00 20.74  ? 117 GLN   A N   1 
ATOM   883  C  CA  . GLN   A 1 117 ? 1.377   9.554   13.767  1.00 22.12  ? 117 GLN   A CA  1 
ATOM   884  C  C   . GLN   A 1 117 ? 1.919   10.485  12.683  1.00 23.02  ? 117 GLN   A C   1 
ATOM   885  O  O   . GLN   A 1 117 ? 1.663   11.704  12.736  1.00 29.57  ? 117 GLN   A O   1 
ATOM   886  C  CB  . GLN   A 1 117 ? 2.137   9.724   15.083  1.00 26.00  ? 117 GLN   A CB  1 
ATOM   887  C  CG  . GLN   A 1 117 ? 3.637   9.477   14.940  1.00 25.29  ? 117 GLN   A CG  1 
ATOM   888  C  CD  . GLN   A 1 117 ? 4.352   9.594   16.260  1.00 33.48  ? 117 GLN   A CD  1 
ATOM   889  O  OE1 . GLN   A 1 117 ? 4.681   8.603   16.903  1.00 37.99  ? 117 GLN   A OE1 1 
ATOM   890  N  NE2 . GLN   A 1 117 ? 4.597   10.832  16.666  1.00 40.49  ? 117 GLN   A NE2 1 
ATOM   891  N  N   . HIS   A 1 118 ? 2.694   10.013  11.726  1.00 20.30  ? 118 HIS   A N   1 
ATOM   892  C  CA  . HIS   A 1 118 ? 3.264   10.926  10.708  1.00 20.62  ? 118 HIS   A CA  1 
ATOM   893  C  C   . HIS   A 1 118 ? 2.450   10.938  9.415   1.00 24.63  ? 118 HIS   A C   1 
ATOM   894  O  O   . HIS   A 1 118 ? 2.917   11.628  8.476   1.00 28.32  ? 118 HIS   A O   1 
ATOM   895  C  CB  . HIS   A 1 118 ? 4.671   10.479  10.387  1.00 21.26  ? 118 HIS   A CB  1 
ATOM   896  C  CG  . HIS   A 1 118 ? 5.543   10.457  11.590  1.00 21.97  ? 118 HIS   A CG  1 
ATOM   897  N  ND1 . HIS   A 1 118 ? 5.839   9.315   12.251  1.00 19.72  ? 118 HIS   A ND1 1 
ATOM   898  C  CD2 . HIS   A 1 118 ? 6.176   11.452  12.259  1.00 20.61  ? 118 HIS   A CD2 1 
ATOM   899  C  CE1 . HIS   A 1 118 ? 6.627   9.578   13.289  1.00 21.35  ? 118 HIS   A CE1 1 
ATOM   900  N  NE2 . HIS   A 1 118 ? 6.854   10.873  13.287  1.00 20.85  ? 118 HIS   A NE2 1 
ATOM   901  N  N   . GLY   A 1 119 ? 1.357   10.157  9.364   1.00 21.60  ? 119 GLY   A N   1 
ATOM   902  C  CA  . GLY   A 1 119 ? 0.521   10.065  8.164   1.00 20.67  ? 119 GLY   A CA  1 
ATOM   903  C  C   . GLY   A 1 119 ? 0.424   8.659   7.582   1.00 18.12  ? 119 GLY   A C   1 
ATOM   904  O  O   . GLY   A 1 119 ? 0.569   7.678   8.321   1.00 17.44  ? 119 GLY   A O   1 
ATOM   905  N  N   . VAL   A 1 120 ? 0.168   8.580   6.277   1.00 18.25  ? 120 VAL   A N   1 
ATOM   906  C  CA  . VAL   A 1 120 ? -0.077  7.286   5.606   1.00 17.49  ? 120 VAL   A CA  1 
ATOM   907  C  C   . VAL   A 1 120 ? 1.258   6.580   5.373   1.00 17.15  ? 120 VAL   A C   1 
ATOM   908  O  O   . VAL   A 1 120 ? 2.215   7.172   4.780   1.00 17.89  ? 120 VAL   A O   1 
ATOM   909  C  CB  . VAL   A 1 120 ? -0.860  7.456   4.295   1.00 16.78  ? 120 VAL   A CB  1 
ATOM   910  C  CG1 . VAL   A 1 120 ? -0.967  6.108   3.581   1.00 16.86  ? 120 VAL   A CG1 1 
ATOM   911  C  CG2 . VAL   A 1 120 ? -2.213  8.071   4.549   1.00 18.41  ? 120 VAL   A CG2 1 
ATOM   912  N  N   . VAL   A 1 121 ? 1.369   5.343   5.835   1.00 15.50  ? 121 VAL   A N   1 
ATOM   913  C  CA  . VAL   A 1 121 ? 2.595   4.535   5.692   1.00 14.76  ? 121 VAL   A CA  1 
ATOM   914  C  C   . VAL   A 1 121 ? 2.542   3.679   4.434   1.00 14.41  ? 121 VAL   A C   1 
ATOM   915  O  O   . VAL   A 1 121 ? 3.538   3.460   3.783   1.00 16.20  ? 121 VAL   A O   1 
ATOM   916  C  CB  . VAL   A 1 121 ? 2.722   3.652   6.941   1.00 14.68  ? 121 VAL   A CB  1 
ATOM   917  C  CG1 . VAL   A 1 121 ? 3.812   2.637   6.832   1.00 15.07  ? 121 VAL   A CG1 1 
ATOM   918  C  CG2 . VAL   A 1 121 ? 2.886   4.483   8.192   1.00 16.78  ? 121 VAL   A CG2 1 
ATOM   919  N  N   . GLY   A 1 122 ? 1.381   3.107   4.145   1.00 13.60  ? 122 GLY   A N   1 
ATOM   920  C  CA  . GLY   A 1 122 ? 1.277   2.187   3.010   1.00 15.45  ? 122 GLY   A CA  1 
ATOM   921  C  C   . GLY   A 1 122 ? -0.148  1.670   2.880   1.00 13.05  ? 122 GLY   A C   1 
ATOM   922  O  O   . GLY   A 1 122 ? -1.065  2.170   3.588   1.00 13.43  ? 122 GLY   A O   1 
ATOM   923  N  N   . ILE   A 1 123 ? -0.324  0.700   1.988   1.00 13.59  ? 123 ILE   A N   1 
ATOM   924  C  CA  . ILE   A 1 123 ? -1.674  0.096   1.735   1.00 13.61  ? 123 ILE   A CA  1 
ATOM   925  C  C   . ILE   A 1 123 ? -1.555  -1.425  1.776   1.00 12.95  ? 123 ILE   A C   1 
ATOM   926  O  O   . ILE   A 1 123 ? -0.513  -1.973  1.411   1.00 13.72  ? 123 ILE   A O   1 
ATOM   927  C  CB  . ILE   A 1 123 ? -2.290  0.583   0.411   1.00 15.70  ? 123 ILE   A CB  1 
ATOM   928  C  CG1 . ILE   A 1 123 ? -1.370  0.384   -0.798  1.00 15.52  ? 123 ILE   A CG1 1 
ATOM   929  C  CG2 . ILE   A 1 123 ? -2.768  2.019   0.556   1.00 15.28  ? 123 ILE   A CG2 1 
ATOM   930  C  CD1 . ILE   A 1 123 ? -2.041  0.635   -2.151  1.00 17.37  ? 123 ILE   A CD1 1 
ATOM   931  N  N   . VAL   A 1 124 ? -2.621  -2.070  2.243   1.00 14.26  ? 124 VAL   A N   1 
ATOM   932  C  CA  . VAL   A 1 124 ? -2.713  -3.539  2.264   1.00 14.67  ? 124 VAL   A CA  1 
ATOM   933  C  C   . VAL   A 1 124 ? -2.429  -4.056  0.857   1.00 15.10  ? 124 VAL   A C   1 
ATOM   934  O  O   . VAL   A 1 124 ? -3.009  -3.517  -0.129  1.00 14.73  ? 124 VAL   A O   1 
ATOM   935  C  CB  . VAL   A 1 124 ? -4.078  -3.992  2.764   1.00 14.36  ? 124 VAL   A CB  1 
ATOM   936  C  CG1 . VAL   A 1 124 ? -4.228  -5.482  2.646   1.00 15.35  ? 124 VAL   A CG1 1 
ATOM   937  C  CG2 . VAL   A 1 124 ? -4.312  -3.558  4.196   1.00 15.29  ? 124 VAL   A CG2 1 
ATOM   938  N  N   . SER   A 1 125 ? -1.556  -5.038  0.761   1.00 15.83  ? 125 SER   A N   1 
ATOM   939  C  CA  . SER   A 1 125 ? -1.156  -5.646  -0.534  1.00 17.01  ? 125 SER   A CA  1 
ATOM   940  C  C   . SER   A 1 125 ? -1.208  -7.178  -0.473  1.00 18.87  ? 125 SER   A C   1 
ATOM   941  O  O   . SER   A 1 125 ? -1.455  -7.810  -1.528  1.00 20.01  ? 125 SER   A O   1 
ATOM   942  C  CB  . SER   A 1 125 ? 0.222   -5.170  -0.928  1.00 16.83  ? 125 SER   A CB  1 
ATOM   943  O  OG  . SER   A 1 125 ? 0.611   -5.707  -2.190  1.00 18.79  ? 125 SER   A OG  1 
ATOM   944  N  N   . THR   A 1 126 ? -0.975  -7.790  0.689   1.00 17.82  ? 126 THR   A N   1 
ATOM   945  C  CA  . THR   A 1 126 ? -0.906  -9.275  0.779   1.00 19.11  ? 126 THR   A CA  1 
ATOM   946  C  C   . THR   A 1 126 ? -1.663  -9.765  2.000   1.00 20.15  ? 126 THR   A C   1 
ATOM   947  O  O   . THR   A 1 126 ? -1.960  -8.987  2.925   1.00 19.25  ? 126 THR   A O   1 
ATOM   948  C  CB  . THR   A 1 126 ? 0.530   -9.810  0.810   1.00 20.14  ? 126 THR   A CB  1 
ATOM   949  O  OG1 . THR   A 1 126 ? 1.108   -9.584  2.101   1.00 22.13  ? 126 THR   A OG1 1 
ATOM   950  C  CG2 . THR   A 1 126 ? 1.432   -9.257  -0.270  1.00 19.35  ? 126 THR   A CG2 1 
ATOM   951  N  N   . GLY   A 1 127 ? -1.929  -11.077 2.038   1.00 22.74  ? 127 GLY   A N   1 
ATOM   952  C  CA  . GLY   A 1 127 ? -2.696  -11.703 3.130   1.00 24.63  ? 127 GLY   A CA  1 
ATOM   953  C  C   . GLY   A 1 127 ? -2.432  -13.195 3.185   1.00 26.31  ? 127 GLY   A C   1 
ATOM   954  O  O   . GLY   A 1 127 ? -1.663  -13.722 2.363   1.00 27.16  ? 127 GLY   A O   1 
ATOM   955  N  N   . GLY   A 1 128 ? -3.011  -13.841 4.182   1.00 30.39  ? 128 GLY   A N   1 
ATOM   956  C  CA  . GLY   A 1 128 ? -2.944  -15.302 4.374   1.00 28.40  ? 128 GLY   A CA  1 
ATOM   957  C  C   . GLY   A 1 128 ? -2.265  -15.655 5.674   1.00 28.29  ? 128 GLY   A C   1 
ATOM   958  O  O   . GLY   A 1 128 ? -1.341  -14.925 6.119   1.00 26.99  ? 128 GLY   A O   1 
ATOM   959  N  N   . ASN   A 1 129 ? -2.651  -16.792 6.246   1.00 32.07  ? 129 ASN   A N   1 
ATOM   960  C  CA  . ASN   A 1 129 ? -1.899  -17.432 7.357   1.00 32.04  ? 129 ASN   A CA  1 
ATOM   961  C  C   . ASN   A 1 129 ? -1.804  -16.467 8.541   1.00 26.98  ? 129 ASN   A C   1 
ATOM   962  O  O   . ASN   A 1 129 ? -0.817  -16.546 9.302   1.00 31.92  ? 129 ASN   A O   1 
ATOM   963  C  CB  . ASN   A 1 129 ? -0.478  -17.811 6.942   1.00 34.94  ? 129 ASN   A CB  1 
ATOM   964  C  CG  . ASN   A 1 129 ? -0.410  -19.016 6.032   1.00 42.75  ? 129 ASN   A CG  1 
ATOM   965  O  OD1 . ASN   A 1 129 ? -1.319  -19.852 6.019   1.00 42.87  ? 129 ASN   A OD1 1 
ATOM   966  N  ND2 . ASN   A 1 129 ? 0.693   -19.123 5.306   1.00 45.22  ? 129 ASN   A ND2 1 
ATOM   967  N  N   . GLY   A 1 130 ? -2.787  -15.590 8.699   1.00 24.99  ? 130 GLY   A N   1 
ATOM   968  C  CA  . GLY   A 1 130 ? -2.861  -14.699 9.874   1.00 23.71  ? 130 GLY   A CA  1 
ATOM   969  C  C   . GLY   A 1 130 ? -1.909  -13.523 9.762   1.00 20.85  ? 130 GLY   A C   1 
ATOM   970  O  O   . GLY   A 1 130 ? -1.625  -12.937 10.765  1.00 19.86  ? 130 GLY   A O   1 
ATOM   971  N  N   . LEU   A 1 131 ? -1.360  -13.266 8.574   1.00 21.35  ? 131 LEU   A N   1 
ATOM   972  C  CA  . LEU   A 1 131 ? -0.487  -12.094 8.354   1.00 20.99  ? 131 LEU   A CA  1 
ATOM   973  C  C   . LEU   A 1 131 ? -1.169  -11.144 7.376   1.00 20.38  ? 131 LEU   A C   1 
ATOM   974  O  O   . LEU   A 1 131 ? -1.963  -11.563 6.508   1.00 21.50  ? 131 LEU   A O   1 
ATOM   975  C  CB  . LEU   A 1 131 ? 0.866   -12.532 7.807   1.00 23.24  ? 131 LEU   A CB  1 
ATOM   976  C  CG  . LEU   A 1 131 ? 1.606   -13.558 8.662   1.00 25.94  ? 131 LEU   A CG  1 
ATOM   977  C  CD1 . LEU   A 1 131 ? 2.888   -13.969 7.977   1.00 28.99  ? 131 LEU   A CD1 1 
ATOM   978  C  CD2 . LEU   A 1 131 ? 1.887   -13.000 10.042  1.00 27.61  ? 131 LEU   A CD2 1 
ATOM   979  N  N   . VAL   A 1 132 ? -0.806  -9.878  7.503   1.00 18.29  ? 132 VAL   A N   1 
ATOM   980  C  CA  . VAL   A 1 132 ? -1.200  -8.830  6.528   1.00 17.15  ? 132 VAL   A CA  1 
ATOM   981  C  C   . VAL   A 1 132 ? 0.089   -8.163  6.062   1.00 16.97  ? 132 VAL   A C   1 
ATOM   982  O  O   . VAL   A 1 132 ? 0.983   -7.851  6.877   1.00 17.90  ? 132 VAL   A O   1 
ATOM   983  C  CB  . VAL   A 1 132 ? -2.196  -7.867  7.156   1.00 16.62  ? 132 VAL   A CB  1 
ATOM   984  C  CG1 . VAL   A 1 132 ? -1.704  -7.283  8.456   1.00 18.59  ? 132 VAL   A CG1 1 
ATOM   985  C  CG2 . VAL   A 1 132 ? -2.628  -6.793  6.172   1.00 16.08  ? 132 VAL   A CG2 1 
ATOM   986  N  N   . GLY   A 1 133 ? 0.222   -8.014  4.752   1.00 16.91  ? 133 GLY   A N   1 
ATOM   987  C  CA  . GLY   A 1 133 ? 1.361   -7.315  4.179   1.00 15.71  ? 133 GLY   A CA  1 
ATOM   988  C  C   . GLY   A 1 133 ? 0.916   -5.978  3.601   1.00 14.89  ? 133 GLY   A C   1 
ATOM   989  O  O   . GLY   A 1 133 ? -0.136  -5.921  2.954   1.00 15.85  ? 133 GLY   A O   1 
ATOM   990  N  N   . PHE   A 1 134 ? 1.761   -4.977  3.783   1.00 14.68  ? 134 PHE   A N   1 
ATOM   991  C  CA  . PHE   A 1 134 ? 1.517   -3.576  3.336   1.00 14.31  ? 134 PHE   A CA  1 
ATOM   992  C  C   . PHE   A 1 134 ? 2.626   -3.117  2.409   1.00 14.67  ? 134 PHE   A C   1 
ATOM   993  O  O   . PHE   A 1 134 ? 3.803   -3.326  2.748   1.00 17.28  ? 134 PHE   A O   1 
ATOM   994  C  CB  . PHE   A 1 134 ? 1.469   -2.610  4.518   1.00 14.40  ? 134 PHE   A CB  1 
ATOM   995  C  CG  . PHE   A 1 134 ? 0.578   -3.056  5.641   1.00 13.67  ? 134 PHE   A CG  1 
ATOM   996  C  CD1 . PHE   A 1 134 ? -0.774  -2.746  5.643   1.00 12.69  ? 134 PHE   A CD1 1 
ATOM   997  C  CD2 . PHE   A 1 134 ? 1.092   -3.754  6.733   1.00 13.79  ? 134 PHE   A CD2 1 
ATOM   998  C  CE1 . PHE   A 1 134 ? -1.594  -3.174  6.677   1.00 12.95  ? 134 PHE   A CE1 1 
ATOM   999  C  CE2 . PHE   A 1 134 ? 0.267   -4.118  7.788   1.00 14.51  ? 134 PHE   A CE2 1 
ATOM   1000 C  CZ  . PHE   A 1 134 ? -1.081  -3.810  7.765   1.00 14.58  ? 134 PHE   A CZ  1 
ATOM   1001 N  N   . ALA   A 1 135 ? 2.234   -2.553  1.288   1.00 14.75  ? 135 ALA   A N   1 
ATOM   1002 C  CA  . ALA   A 1 135 ? 3.173   -1.917  0.348   1.00 14.73  ? 135 ALA   A CA  1 
ATOM   1003 C  C   . ALA   A 1 135 ? 3.543   -0.558  0.909   1.00 15.70  ? 135 ALA   A C   1 
ATOM   1004 O  O   . ALA   A 1 135 ? 2.670   0.309   1.068   1.00 15.55  ? 135 ALA   A O   1 
ATOM   1005 C  CB  . ALA   A 1 135 ? 2.531   -1.769  -1.000  1.00 14.36  ? 135 ALA   A CB  1 
ATOM   1006 N  N   . ASP   A 1 136 ? 4.804   -0.365  1.250   1.00 15.55  ? 136 ASP   A N   1 
ATOM   1007 C  CA  . ASP   A 1 136 ? 5.282   0.910   1.791   1.00 16.56  ? 136 ASP   A CA  1 
ATOM   1008 C  C   . ASP   A 1 136 ? 5.225   2.000   0.719   1.00 15.72  ? 136 ASP   A C   1 
ATOM   1009 O  O   . ASP   A 1 136 ? 5.453   1.696   -0.497  1.00 17.48  ? 136 ASP   A O   1 
ATOM   1010 C  CB  . ASP   A 1 136 ? 6.700   0.791   2.340   1.00 17.39  ? 136 ASP   A CB  1 
ATOM   1011 C  CG  . ASP   A 1 136 ? 7.212   2.069   2.945   1.00 18.63  ? 136 ASP   A CG  1 
ATOM   1012 O  OD1 . ASP   A 1 136 ? 6.619   2.575   3.858   1.00 18.43  ? 136 ASP   A OD1 1 
ATOM   1013 O  OD2 . ASP   A 1 136 ? 8.272   2.579   2.452   1.00 22.63  ? 136 ASP   A OD2 1 
ATOM   1014 N  N   . VAL   A 1 137 ? 4.916   3.209   1.140   1.00 15.88  ? 137 VAL   A N   1 
ATOM   1015 C  CA  . VAL   A 1 137 ? 5.008   4.404   0.240   1.00 16.88  ? 137 VAL   A CA  1 
ATOM   1016 C  C   . VAL   A 1 137 ? 5.921   5.485   0.832   1.00 19.18  ? 137 VAL   A C   1 
ATOM   1017 O  O   . VAL   A 1 137 ? 6.006   6.562   0.219   1.00 18.35  ? 137 VAL   A O   1 
ATOM   1018 C  CB  . VAL   A 1 137 ? 3.624   4.979   -0.087  1.00 15.93  ? 137 VAL   A CB  1 
ATOM   1019 C  CG1 . VAL   A 1 137 ? 2.788   3.982   -0.885  1.00 17.25  ? 137 VAL   A CG1 1 
ATOM   1020 C  CG2 . VAL   A 1 137 ? 2.863   5.462   1.125   1.00 15.40  ? 137 VAL   A CG2 1 
ATOM   1021 N  N   . ARG   A 1 138 ? 6.479   5.289   2.038   1.00 19.32  ? 138 ARG   A N   1 
ATOM   1022 C  CA  . ARG   A 1 138 ? 7.215   6.380   2.723   1.00 19.11  ? 138 ARG   A CA  1 
ATOM   1023 C  C   . ARG   A 1 138 ? 8.535   6.700   2.003   1.00 19.91  ? 138 ARG   A C   1 
ATOM   1024 O  O   . ARG   A 1 138 ? 9.054   7.785   2.256   1.00 22.45  ? 138 ARG   A O   1 
ATOM   1025 C  CB  . ARG   A 1 138 ? 7.479   6.004   4.177   1.00 18.62  ? 138 ARG   A CB  1 
ATOM   1026 C  CG  . ARG   A 1 138 ? 6.220   5.769   4.990   1.00 17.30  ? 138 ARG   A CG  1 
ATOM   1027 C  CD  . ARG   A 1 138 ? 6.658   5.330   6.373   1.00 17.24  ? 138 ARG   A CD  1 
ATOM   1028 N  NE  . ARG   A 1 138 ? 7.138   3.982   6.340   1.00 17.24  ? 138 ARG   A NE  1 
ATOM   1029 C  CZ  . ARG   A 1 138 ? 7.464   3.240   7.382   1.00 16.92  ? 138 ARG   A CZ  1 
ATOM   1030 N  NH1 . ARG   A 1 138 ? 7.502   3.786   8.604   1.00 17.01  ? 138 ARG   A NH1 1 
ATOM   1031 N  NH2 . ARG   A 1 138 ? 7.733   1.960   7.173   1.00 15.96  ? 138 ARG   A NH2 1 
ATOM   1032 N  N   . ASP   A 1 139 ? 9.069   5.812   1.187   1.00 20.24  ? 139 ASP   A N   1 
ATOM   1033 C  CA  . ASP   A 1 139 ? 10.300  6.111   0.392   1.00 21.92  ? 139 ASP   A CA  1 
ATOM   1034 C  C   . ASP   A 1 139 ? 9.937   6.924   -0.865  1.00 23.65  ? 139 ASP   A C   1 
ATOM   1035 O  O   . ASP   A 1 139 ? 10.881  7.418   -1.470  1.00 24.31  ? 139 ASP   A O   1 
ATOM   1036 C  CB  . ASP   A 1 139 ? 11.055  4.866   -0.032  1.00 24.05  ? 139 ASP   A CB  1 
ATOM   1037 C  CG  . ASP   A 1 139 ? 10.277  3.941   -0.936  1.00 29.32  ? 139 ASP   A CG  1 
ATOM   1038 O  OD1 . ASP   A 1 139 ? 9.057   3.890   -0.747  1.00 28.01  ? 139 ASP   A OD1 1 
ATOM   1039 O  OD2 . ASP   A 1 139 ? 10.893  3.260   -1.772  1.00 30.08  ? 139 ASP   A OD2 1 
ATOM   1040 N  N   . LEU   A 1 140 ? 8.665   7.146   -1.204  1.00 20.52  ? 140 LEU   A N   1 
ATOM   1041 C  CA  . LEU   A 1 140 ? 8.278   7.839   -2.471  1.00 22.00  ? 140 LEU   A CA  1 
ATOM   1042 C  C   . LEU   A 1 140 ? 8.165   9.316   -2.151  1.00 21.10  ? 140 LEU   A C   1 
ATOM   1043 O  O   . LEU   A 1 140 ? 7.059   9.884   -2.007  1.00 22.24  ? 140 LEU   A O   1 
ATOM   1044 C  CB  . LEU   A 1 140 ? 6.973   7.219   -2.993  1.00 21.89  ? 140 LEU   A CB  1 
ATOM   1045 C  CG  . LEU   A 1 140 ? 7.065   5.726   -3.277  1.00 22.14  ? 140 LEU   A CG  1 
ATOM   1046 C  CD1 . LEU   A 1 140 ? 5.699   5.214   -3.741  1.00 21.67  ? 140 LEU   A CD1 1 
ATOM   1047 C  CD2 . LEU   A 1 140 ? 8.115   5.390   -4.304  1.00 23.63  ? 140 LEU   A CD2 1 
ATOM   1048 N  N   . LEU   A 1 141 ? 9.350   9.949   -1.999  1.00 23.55  ? 141 LEU   A N   1 
ATOM   1049 C  CA  . LEU   A 1 141 ? 9.417   11.351  -1.542  1.00 27.29  ? 141 LEU   A CA  1 
ATOM   1050 C  C   . LEU   A 1 141 ? 8.809   12.255  -2.609  1.00 26.85  ? 141 LEU   A C   1 
ATOM   1051 O  O   . LEU   A 1 141 ? 8.189   13.242  -2.268  1.00 26.17  ? 141 LEU   A O   1 
ATOM   1052 C  CB  . LEU   A 1 141 ? 10.868  11.751  -1.279  1.00 26.21  ? 141 LEU   A CB  1 
ATOM   1053 C  CG  . LEU   A 1 141 ? 11.552  10.995  -0.151  1.00 29.04  ? 141 LEU   A CG  1 
ATOM   1054 C  CD1 . LEU   A 1 141 ? 12.912  11.609  0.156   1.00 30.95  ? 141 LEU   A CD1 1 
ATOM   1055 C  CD2 . LEU   A 1 141 ? 10.677  10.969  1.078   1.00 27.78  ? 141 LEU   A CD2 1 
ATOM   1056 N  N   . TRP   A 1 142 ? 8.932   11.844  -3.868  1.00 28.57  ? 142 TRP   A N   1 
ATOM   1057 C  CA  . TRP   A 1 142 ? 8.405   12.629  -5.007  1.00 27.99  ? 142 TRP   A CA  1 
ATOM   1058 C  C   . TRP   A 1 142 ? 6.889   12.774  -4.913  1.00 26.59  ? 142 TRP   A C   1 
ATOM   1059 O  O   . TRP   A 1 142 ? 6.379   13.669  -5.594  1.00 28.96  ? 142 TRP   A O   1 
ATOM   1060 C  CB  . TRP   A 1 142 ? 8.867   12.016  -6.335  1.00 28.00  ? 142 TRP   A CB  1 
ATOM   1061 C  CG  . TRP   A 1 142 ? 8.489   10.580  -6.526  1.00 25.87  ? 142 TRP   A CG  1 
ATOM   1062 C  CD1 . TRP   A 1 142 ? 9.275   9.477   -6.368  1.00 25.27  ? 142 TRP   A CD1 1 
ATOM   1063 C  CD2 . TRP   A 1 142 ? 7.211   10.111  -6.988  1.00 27.51  ? 142 TRP   A CD2 1 
ATOM   1064 N  NE1 . TRP   A 1 142 ? 8.558   8.348   -6.681  1.00 27.86  ? 142 TRP   A NE1 1 
ATOM   1065 C  CE2 . TRP   A 1 142 ? 7.303   8.718   -7.076  1.00 26.79  ? 142 TRP   A CE2 1 
ATOM   1066 C  CE3 . TRP   A 1 142 ? 6.017   10.749  -7.351  1.00 27.88  ? 142 TRP   A CE3 1 
ATOM   1067 C  CZ2 . TRP   A 1 142 ? 6.222   7.946   -7.521  1.00 26.45  ? 142 TRP   A CZ2 1 
ATOM   1068 C  CZ3 . TRP   A 1 142 ? 4.952   9.984   -7.789  1.00 29.55  ? 142 TRP   A CZ3 1 
ATOM   1069 C  CH2 . TRP   A 1 142 ? 5.048   8.600   -7.833  1.00 25.32  ? 142 TRP   A CH2 1 
ATOM   1070 N  N   . LEU   A 1 143 ? 6.165   11.928  -4.137  1.00 25.58  ? 143 LEU   A N   1 
ATOM   1071 C  CA  . LEU   A 1 143 ? 4.702   12.088  -3.989  1.00 24.93  ? 143 LEU   A CA  1 
ATOM   1072 C  C   . LEU   A 1 143 ? 4.391   13.440  -3.333  1.00 30.16  ? 143 LEU   A C   1 
ATOM   1073 O  O   . LEU   A 1 143 ? 3.257   13.873  -3.442  1.00 31.13  ? 143 LEU   A O   1 
ATOM   1074 C  CB  . LEU   A 1 143 ? 4.052   10.968  -3.163  1.00 25.28  ? 143 LEU   A CB  1 
ATOM   1075 C  CG  . LEU   A 1 143 ? 3.943   9.576   -3.769  1.00 25.23  ? 143 LEU   A CG  1 
ATOM   1076 C  CD1 . LEU   A 1 143 ? 3.507   8.589   -2.685  1.00 24.97  ? 143 LEU   A CD1 1 
ATOM   1077 C  CD2 . LEU   A 1 143 ? 2.942   9.545   -4.920  1.00 25.12  ? 143 LEU   A CD2 1 
ATOM   1078 N  N   . ASP   A 1 144 ? 5.351   14.040  -2.599  1.00 34.47  ? 144 ASP   A N   1 
ATOM   1079 C  CA  . ASP   A 1 144 ? 5.139   15.278  -1.797  1.00 42.31  ? 144 ASP   A CA  1 
ATOM   1080 C  C   . ASP   A 1 144 ? 5.262   16.555  -2.649  1.00 44.96  ? 144 ASP   A C   1 
ATOM   1081 O  O   . ASP   A 1 144 ? 4.883   17.611  -2.125  1.00 51.73  ? 144 ASP   A O   1 
ATOM   1082 C  CB  . ASP   A 1 144 ? 6.141   15.370  -0.641  1.00 42.78  ? 144 ASP   A CB  1 
ATOM   1083 C  CG  . ASP   A 1 144 ? 6.007   14.257  0.382   1.00 44.49  ? 144 ASP   A CG  1 
ATOM   1084 O  OD1 . ASP   A 1 144 ? 4.930   13.628  0.424   1.00 41.61  ? 144 ASP   A OD1 1 
ATOM   1085 O  OD2 . ASP   A 1 144 ? 7.010   13.996  1.099   1.00 46.96  ? 144 ASP   A OD2 1 
ATOM   1086 N  N   . GLU   A 1 145 ? 5.728   16.482  -3.905  1.00 54.29  ? 145 GLU   A N   1 
ATOM   1087 C  CA  . GLU   A 1 145 ? 5.942   17.689  -4.762  1.00 62.07  ? 145 GLU   A CA  1 
ATOM   1088 C  C   . GLU   A 1 145 ? 5.421   17.482  -6.197  1.00 69.47  ? 145 GLU   A C   1 
ATOM   1089 O  O   . GLU   A 1 145 ? 4.848   16.404  -6.481  1.00 65.57  ? 145 GLU   A O   1 
ATOM   1090 C  CB  . GLU   A 1 145 ? 7.428   18.050  -4.761  1.00 65.67  ? 145 GLU   A CB  1 
ATOM   1091 C  CG  . GLU   A 1 145 ? 8.322   17.020  -5.433  1.00 63.64  ? 145 GLU   A CG  1 
ATOM   1092 C  CD  . GLU   A 1 145 ? 9.610   16.765  -4.672  1.00 66.95  ? 145 GLU   A CD  1 
ATOM   1093 O  OE1 . GLU   A 1 145 ? 10.700  16.943  -5.249  1.00 66.86  ? 145 GLU   A OE1 1 
ATOM   1094 O  OE2 . GLU   A 1 145 ? 9.513   16.396  -3.490  1.00 68.90  ? 145 GLU   A OE2 1 
ATOM   1095 N  N   . GLU   A 1 146 ? 5.585   18.516  -7.043  1.00 76.87  ? 146 GLU   A N   1 
ATOM   1096 C  CA  . GLU   A 1 146 ? 5.340   18.526  -8.517  1.00 77.91  ? 146 GLU   A CA  1 
ATOM   1097 C  C   . GLU   A 1 146 ? 4.189   17.574  -8.867  1.00 87.07  ? 146 GLU   A C   1 
ATOM   1098 O  O   . GLU   A 1 146 ? 3.206   17.967  -9.500  1.00 92.80  ? 146 GLU   A O   1 
ATOM   1099 C  CB  . GLU   A 1 146 ? 6.650   18.214  -9.250  1.00 78.37  ? 146 GLU   A CB  1 
ATOM   1100 C  CG  . GLU   A 1 146 ? 6.622   16.982  -10.146 1.00 82.14  ? 146 GLU   A CG  1 
ATOM   1101 C  CD  . GLU   A 1 146 ? 6.226   17.199  -11.598 1.00 86.84  ? 146 GLU   A CD  1 
ATOM   1102 O  OE1 . GLU   A 1 146 ? 7.123   17.135  -12.473 1.00 88.62  ? 146 GLU   A OE1 1 
ATOM   1103 O  OE2 . GLU   A 1 146 ? 5.023   17.398  -11.860 1.00 85.78  ? 146 GLU   A OE2 1 
HETATM 1104 N  N1  . A1AM4 B 2 .   ? -4.123  10.890  10.202  0.34 18.01  ? 201 A1AM4 A N1  1 
HETATM 1105 C  C4  . A1AM4 B 2 .   ? -1.842  11.882  13.785  0.34 17.12  ? 201 A1AM4 A C4  1 
HETATM 1106 C  C5  . A1AM4 B 2 .   ? -1.977  11.564  12.443  0.34 17.24  ? 201 A1AM4 A C5  1 
HETATM 1107 C  C6  . A1AM4 B 2 .   ? -2.129  10.233  12.058  0.34 17.22  ? 201 A1AM4 A C6  1 
HETATM 1108 C  C7  . A1AM4 B 2 .   ? -3.094  10.142  9.799   0.34 17.66  ? 201 A1AM4 A C7  1 
HETATM 1109 N  N   . A1AM4 B 2 .   ? -2.164  9.833   10.709  0.34 17.30  ? 201 A1AM4 A N   1 
HETATM 1110 C  C   . A1AM4 B 2 .   ? -2.141  6.876   13.452  0.34 16.42  ? 201 A1AM4 A C   1 
HETATM 1111 O  O   . A1AM4 B 2 .   ? -2.385  7.970   12.564  0.34 16.04  ? 201 A1AM4 A O   1 
HETATM 1112 C  C1  . A1AM4 B 2 .   ? -2.169  9.236   13.039  0.34 17.04  ? 201 A1AM4 A C1  1 
HETATM 1113 C  C2  . A1AM4 B 2 .   ? -2.024  9.562   14.377  0.34 16.63  ? 201 A1AM4 A C2  1 
HETATM 1114 C  C3  . A1AM4 B 2 .   ? -1.859  10.889  14.744  0.34 17.12  ? 201 A1AM4 A C3  1 
HETATM 1115 S  S   . A1AM4 B 2 .   ? -2.920  9.594   8.210   0.34 16.57  ? 201 A1AM4 A S   1 
HETATM 1116 N  N1  . A1AM4 C 2 .   ? -6.029  -16.067 5.855   0.41 34.32  ? 202 A1AM4 A N1  1 
HETATM 1117 C  C4  . A1AM4 C 2 .   ? -7.581  -15.815 1.456   0.41 33.69  ? 202 A1AM4 A C4  1 
HETATM 1118 C  C5  . A1AM4 C 2 .   ? -6.944  -15.187 2.516   0.41 33.85  ? 202 A1AM4 A C5  1 
HETATM 1119 C  C6  . A1AM4 C 2 .   ? -7.614  -15.010 3.723   0.41 33.98  ? 202 A1AM4 A C6  1 
HETATM 1120 C  C7  . A1AM4 C 2 .   ? -6.223  -14.761 5.786   0.41 33.72  ? 202 A1AM4 A C7  1 
HETATM 1121 N  N   . A1AM4 C 2 .   ? -7.028  -14.305 4.807   0.41 33.93  ? 202 A1AM4 A N   1 
HETATM 1122 C  C   . A1AM4 C 2 .   ? -9.524  -16.525 5.920   0.41 33.82  ? 202 A1AM4 A C   1 
HETATM 1123 O  O   . A1AM4 C 2 .   ? -9.474  -15.363 5.096   0.41 33.45  ? 202 A1AM4 A O   1 
HETATM 1124 C  C1  . A1AM4 C 2 .   ? -8.928  -15.503 3.854   0.41 34.16  ? 202 A1AM4 A C1  1 
HETATM 1125 C  C2  . A1AM4 C 2 .   ? -9.556  -16.128 2.788   0.41 33.87  ? 202 A1AM4 A C2  1 
HETATM 1126 C  C3  . A1AM4 C 2 .   ? -8.876  -16.278 1.591   0.41 33.86  ? 202 A1AM4 A C3  1 
HETATM 1127 S  S   . A1AM4 C 2 .   ? -5.419  -13.667 6.801   0.41 33.01  ? 202 A1AM4 A S   1 
HETATM 1128 N  N1  . A1AM4 D 2 .   ? -3.557  -9.435  -4.340  0.41 31.57  ? 203 A1AM4 A N1  1 
HETATM 1129 C  C4  . A1AM4 D 2 .   ? -3.716  -13.700 -0.339  0.41 34.41  ? 203 A1AM4 A C4  1 
HETATM 1130 C  C5  . A1AM4 D 2 .   ? -3.286  -12.904 -1.388  0.41 33.98  ? 203 A1AM4 A C5  1 
HETATM 1131 C  C6  . A1AM4 D 2 .   ? -3.617  -11.551 -1.408  0.41 34.11  ? 203 A1AM4 A C6  1 
HETATM 1132 C  C7  . A1AM4 D 2 .   ? -4.084  -10.211 -3.419  0.41 32.52  ? 203 A1AM4 A C7  1 
HETATM 1133 N  N   . A1AM4 D 2 .   ? -3.261  -10.695 -2.475  0.41 33.63  ? 203 A1AM4 A N   1 
HETATM 1134 C  C   . A1AM4 D 2 .   ? -4.606  -8.913  0.768   0.41 34.94  ? 203 A1AM4 A C   1 
HETATM 1135 O  O   . A1AM4 D 2 .   ? -4.603  -9.667  -0.441  0.41 35.95  ? 203 A1AM4 A O   1 
HETATM 1136 C  C1  . A1AM4 D 2 .   ? -4.372  -11.011 -0.353  0.41 34.85  ? 203 A1AM4 A C1  1 
HETATM 1137 C  C2  . A1AM4 D 2 .   ? -4.809  -11.820 0.685   0.41 33.96  ? 203 A1AM4 A C2  1 
HETATM 1138 C  C3  . A1AM4 D 2 .   ? -4.466  -13.163 0.688   0.41 34.81  ? 203 A1AM4 A C3  1 
HETATM 1139 S  S   . A1AM4 D 2 .   ? -5.730  -10.584 -3.383  0.41 31.17  ? 203 A1AM4 A S   1 
HETATM 1140 ZN ZN  . ZN    E 3 .   ? 5.515   7.347   11.530  1.00 17.46  ? 204 ZN    A ZN  1 
HETATM 1141 S  S   . DMS   F 4 .   ? 9.230   -3.562  -11.449 1.00 44.96  ? 205 DMS   A S   1 
HETATM 1142 O  O   . DMS   F 4 .   ? 8.610   -4.859  -11.041 1.00 39.48  ? 205 DMS   A O   1 
HETATM 1143 C  C1  . DMS   F 4 .   ? 10.799  -3.476  -10.607 1.00 44.33  ? 205 DMS   A C1  1 
HETATM 1144 C  C2  . DMS   F 4 .   ? 9.850   -3.791  -13.111 1.00 45.96  ? 205 DMS   A C2  1 
HETATM 1145 S  S   . DMS   G 4 .   ? -13.412 3.127   5.118   1.00 79.55  ? 206 DMS   A S   1 
HETATM 1146 O  O   . DMS   G 4 .   ? -14.684 2.877   5.884   1.00 74.12  ? 206 DMS   A O   1 
HETATM 1147 C  C1  . DMS   G 4 .   ? -13.370 4.873   4.774   1.00 79.58  ? 206 DMS   A C1  1 
HETATM 1148 C  C2  . DMS   G 4 .   ? -12.109 3.097   6.314   1.00 70.20  ? 206 DMS   A C2  1 
HETATM 1149 S  S   . DMS   H 4 .   ? -4.160  -10.703 15.640  1.00 56.48  ? 207 DMS   A S   1 
HETATM 1150 O  O   . DMS   H 4 .   ? -4.389  -11.443 14.348  1.00 55.29  ? 207 DMS   A O   1 
HETATM 1151 C  C1  . DMS   H 4 .   ? -5.674  -9.834  15.986  1.00 56.77  ? 207 DMS   A C1  1 
HETATM 1152 C  C2  . DMS   H 4 .   ? -4.283  -11.938 16.915  1.00 55.94  ? 207 DMS   A C2  1 
HETATM 1153 S  S   . SO4   I 5 .   ? 12.676  -19.664 -3.780  1.00 146.49 ? 208 SO4   A S   1 
HETATM 1154 O  O1  . SO4   I 5 .   ? 13.755  -18.827 -3.308  1.00 147.33 ? 208 SO4   A O1  1 
HETATM 1155 O  O2  . SO4   I 5 .   ? 12.475  -19.447 -5.192  1.00 154.02 ? 208 SO4   A O2  1 
HETATM 1156 O  O3  . SO4   I 5 .   ? 11.468  -19.332 -3.079  1.00 148.68 ? 208 SO4   A O3  1 
HETATM 1157 O  O4  . SO4   I 5 .   ? 13.006  -21.046 -3.548  1.00 141.13 ? 208 SO4   A O4  1 
HETATM 1158 O  O   . HOH   J 6 .   ? -12.495 -3.295  0.254   1.00 40.96  ? 301 HOH   A O   1 
HETATM 1159 O  O   . HOH   J 6 .   ? 0.362   16.565  -6.626  1.00 39.92  ? 302 HOH   A O   1 
HETATM 1160 O  O   . HOH   J 6 .   ? -16.125 -0.421  7.669   1.00 49.22  ? 303 HOH   A O   1 
HETATM 1161 O  O   . HOH   J 6 .   ? -5.985  9.447   -11.343 1.00 51.92  ? 304 HOH   A O   1 
HETATM 1162 O  O   . HOH   J 6 .   ? 8.120   -15.746 -9.444  1.00 50.59  ? 305 HOH   A O   1 
HETATM 1163 O  O   . HOH   J 6 .   ? 11.284  -9.363  -7.067  1.00 47.93  ? 306 HOH   A O   1 
HETATM 1164 O  O   . HOH   J 6 .   ? -7.107  8.156   0.858   1.00 28.14  ? 307 HOH   A O   1 
HETATM 1165 O  O   . HOH   J 6 .   ? 12.876  -6.014  7.374   1.00 45.65  ? 308 HOH   A O   1 
HETATM 1166 O  O   . HOH   J 6 .   ? 6.028   13.019  -10.777 1.00 61.23  ? 309 HOH   A O   1 
HETATM 1167 O  O   . HOH   J 6 .   ? -15.121 -1.075  4.075   1.00 29.74  ? 310 HOH   A O   1 
HETATM 1168 O  O   . HOH   J 6 .   ? -4.365  13.215  -5.284  1.00 31.66  ? 311 HOH   A O   1 
HETATM 1169 O  O   . HOH   J 6 .   ? 9.222   -6.521  6.046   1.00 33.54  ? 312 HOH   A O   1 
HETATM 1170 O  O   . HOH   J 6 .   ? 1.298   16.366  -9.414  1.00 54.08  ? 313 HOH   A O   1 
HETATM 1171 O  O   . HOH   J 6 .   ? -0.182  14.699  -11.337 1.00 49.35  ? 314 HOH   A O   1 
HETATM 1172 O  O   . HOH   J 6 .   ? -3.737  15.620  2.364   1.00 44.21  ? 315 HOH   A O   1 
HETATM 1173 O  O   . HOH   J 6 .   ? 6.789   14.971  -7.745  1.00 45.69  ? 316 HOH   A O   1 
HETATM 1174 O  O   . HOH   J 6 .   ? 2.637   -7.864  -12.742 1.00 41.59  ? 317 HOH   A O   1 
HETATM 1175 O  O   . HOH   J 6 .   ? 9.932   6.269   -7.307  1.00 39.36  ? 318 HOH   A O   1 
HETATM 1176 O  O   . HOH   J 6 .   ? -10.776 5.839   -3.705  1.00 41.60  ? 319 HOH   A O   1 
HETATM 1177 O  O   . HOH   J 6 .   ? -15.030 -8.573  14.413  1.00 31.75  ? 320 HOH   A O   1 
HETATM 1178 O  O   . HOH   J 6 .   ? 2.422   7.925   17.971  1.00 50.02  ? 321 HOH   A O   1 
HETATM 1179 O  O   . HOH   J 6 .   ? 3.944   13.336  16.832  1.00 58.94  ? 322 HOH   A O   1 
HETATM 1180 O  O   . HOH   J 6 .   ? 13.452  3.202   -1.338  1.00 59.59  ? 323 HOH   A O   1 
HETATM 1181 O  O   . HOH   J 6 .   ? -12.049 -8.427  15.158  1.00 31.20  ? 324 HOH   A O   1 
HETATM 1182 O  O   . HOH   J 6 .   ? 12.359  4.292   -3.652  1.00 41.97  ? 325 HOH   A O   1 
HETATM 1183 O  O   . HOH   J 6 .   ? -6.739  -7.990  -4.346  0.41 26.19  ? 326 HOH   A O   1 
HETATM 1184 O  O   . HOH   J 6 .   ? -6.473  -13.987 10.000  1.00 48.67  ? 327 HOH   A O   1 
HETATM 1185 O  O   . HOH   J 6 .   ? 0.838   -14.341 1.992   1.00 50.15  ? 328 HOH   A O   1 
HETATM 1186 O  O   . HOH   J 6 .   ? -8.248  7.054   -11.906 1.00 33.75  ? 329 HOH   A O   1 
HETATM 1187 O  O   . HOH   J 6 .   ? 6.601   1.858   -16.192 1.00 35.62  ? 330 HOH   A O   1 
HETATM 1188 O  O   . HOH   J 6 .   ? 2.521   16.175  -4.461  1.00 44.04  ? 331 HOH   A O   1 
HETATM 1189 O  O   . HOH   J 6 .   ? -10.188 4.960   -11.840 1.00 40.31  ? 332 HOH   A O   1 
HETATM 1190 O  O   . HOH   J 6 .   ? -4.687  18.627  -11.373 1.00 121.46 ? 333 HOH   A O   1 
HETATM 1191 O  O   . HOH   J 6 .   ? -9.069  0.616   -8.243  1.00 41.47  ? 334 HOH   A O   1 
HETATM 1192 O  O   . HOH   J 6 .   ? 11.477  1.938   8.291   1.00 29.61  ? 335 HOH   A O   1 
HETATM 1193 O  O   . HOH   J 6 .   ? -5.917  -0.374  -4.405  1.00 18.64  ? 336 HOH   A O   1 
HETATM 1194 O  O   . HOH   J 6 .   ? -0.249  19.078  -6.357  1.00 46.76  ? 337 HOH   A O   1 
HETATM 1195 O  O   . HOH   J 6 .   ? 3.844   17.236  0.272   1.00 89.91  ? 338 HOH   A O   1 
HETATM 1196 O  O   . HOH   J 6 .   ? 10.188  1.311   1.151   1.00 22.97  ? 339 HOH   A O   1 
HETATM 1197 O  O   . HOH   J 6 .   ? -5.533  13.409  -14.283 1.00 44.00  ? 340 HOH   A O   1 
HETATM 1198 O  O   . HOH   J 6 .   ? 11.053  7.930   12.416  1.00 23.40  ? 341 HOH   A O   1 
HETATM 1199 O  O   . HOH   J 6 .   ? -1.465  -7.961  15.785  1.00 28.04  ? 342 HOH   A O   1 
HETATM 1200 O  O   . HOH   J 6 .   ? -17.368 -2.706  12.339  1.00 35.97  ? 343 HOH   A O   1 
HETATM 1201 O  O   . HOH   J 6 .   ? -10.179 -1.055  2.251   1.00 25.36  ? 344 HOH   A O   1 
HETATM 1202 O  O   . HOH   J 6 .   ? -16.310 -3.721  4.170   1.00 43.38  ? 345 HOH   A O   1 
HETATM 1203 O  O   . HOH   J 6 .   ? -3.403  -13.351 12.756  1.00 25.11  ? 346 HOH   A O   1 
HETATM 1204 O  O   . HOH   J 6 .   ? 6.415   -3.025  -13.408 1.00 26.44  ? 347 HOH   A O   1 
HETATM 1205 O  O   . HOH   J 6 .   ? -11.477 -13.426 0.709   0.41 22.46  ? 348 HOH   A O   1 
HETATM 1206 O  O   . HOH   J 6 .   ? 2.234   -7.671  14.217  1.00 16.79  ? 349 HOH   A O   1 
HETATM 1207 O  O   . HOH   J 6 .   ? -0.573  6.576   -19.542 1.00 30.33  ? 350 HOH   A O   1 
HETATM 1208 O  O   . HOH   J 6 .   ? 5.098   -3.679  -1.753  1.00 21.26  ? 351 HOH   A O   1 
HETATM 1209 O  O   . HOH   J 6 .   ? 12.624  8.494   0.285   1.00 63.20  ? 352 HOH   A O   1 
HETATM 1210 O  O   . HOH   J 6 .   ? -5.414  21.176  -1.424  1.00 86.55  ? 353 HOH   A O   1 
HETATM 1211 O  O   . HOH   J 6 .   ? 9.153   0.718   9.114   1.00 23.11  ? 354 HOH   A O   1 
HETATM 1212 O  O   . HOH   J 6 .   ? -0.225  -5.849  -11.187 1.00 23.61  ? 355 HOH   A O   1 
HETATM 1213 O  O   . HOH   J 6 .   ? -4.193  -6.016  16.030  1.00 29.13  ? 356 HOH   A O   1 
HETATM 1214 O  O   . HOH   J 6 .   ? 11.238  -2.314  -7.053  1.00 50.42  ? 357 HOH   A O   1 
HETATM 1215 O  O   . HOH   J 6 .   ? 0.659   -8.773  -3.521  0.41 38.87  ? 358 HOH   A O   1 
HETATM 1216 O  O   . HOH   J 6 .   ? -6.493  -3.984  -12.462 1.00 69.56  ? 359 HOH   A O   1 
HETATM 1217 O  O   . HOH   J 6 .   ? -10.360 -13.688 11.856  1.00 37.85  ? 360 HOH   A O   1 
HETATM 1218 O  O   . HOH   J 6 .   ? 8.671   11.471  15.235  1.00 43.95  ? 361 HOH   A O   1 
HETATM 1219 O  O   . HOH   J 6 .   ? 7.523   16.160  2.684   1.00 33.91  ? 362 HOH   A O   1 
HETATM 1220 O  O   . HOH   J 6 .   ? -0.370  0.601   16.884  1.00 31.94  ? 363 HOH   A O   1 
HETATM 1221 O  O   . HOH   J 6 .   ? 0.699   -11.940 -4.880  0.41 19.05  ? 364 HOH   A O   1 
HETATM 1222 O  O   . HOH   J 6 .   ? 6.573   -18.150 -9.391  1.00 60.01  ? 365 HOH   A O   1 
HETATM 1223 O  O   . HOH   J 6 .   ? 7.800   2.482   15.716  1.00 32.64  ? 366 HOH   A O   1 
HETATM 1224 O  O   . HOH   J 6 .   ? -3.401  15.065  5.615   1.00 53.59  ? 367 HOH   A O   1 
HETATM 1225 O  O   . HOH   J 6 .   ? 10.760  3.840   6.713   1.00 20.82  ? 368 HOH   A O   1 
HETATM 1226 O  O   . HOH   J 6 .   ? -8.859  -3.110  3.866   1.00 16.47  ? 369 HOH   A O   1 
HETATM 1227 O  O   . HOH   J 6 .   ? -10.117 -2.236  -9.340  1.00 52.45  ? 370 HOH   A O   1 
HETATM 1228 O  O   . HOH   J 6 .   ? -4.615  -18.283 4.952   1.00 37.94  ? 371 HOH   A O   1 
HETATM 1229 O  O   . HOH   J 6 .   ? 6.926   12.673  8.589   1.00 26.30  ? 372 HOH   A O   1 
HETATM 1230 O  O   . HOH   J 6 .   ? 6.512   -8.933  -11.674 1.00 61.70  ? 373 HOH   A O   1 
HETATM 1231 O  O   . HOH   J 6 .   ? 10.285  3.564   4.103   1.00 22.18  ? 374 HOH   A O   1 
HETATM 1232 O  O   . HOH   J 6 .   ? -15.766 -11.007 6.076   1.00 21.32  ? 375 HOH   A O   1 
HETATM 1233 O  O   . HOH   J 6 .   ? 5.701   -0.704  -1.901  1.00 20.98  ? 376 HOH   A O   1 
HETATM 1234 O  O   . HOH   J 6 .   ? -7.688  3.520   1.279   1.00 28.52  ? 377 HOH   A O   1 
HETATM 1235 O  O   . HOH   J 6 .   ? -14.604 -13.372 4.864   1.00 27.55  ? 378 HOH   A O   1 
HETATM 1236 O  O   . HOH   J 6 .   ? 13.494  -3.320  13.479  1.00 48.82  ? 379 HOH   A O   1 
HETATM 1237 O  O   . HOH   J 6 .   ? -0.696  -15.077 0.097   1.00 39.01  ? 380 HOH   A O   1 
HETATM 1238 O  O   . HOH   J 6 .   ? -5.342  9.805   -21.014 1.00 31.67  ? 381 HOH   A O   1 
HETATM 1239 O  O   . HOH   J 6 .   ? -5.632  11.772  12.414  1.00 36.13  ? 382 HOH   A O   1 
HETATM 1240 O  O   . HOH   J 6 .   ? -10.897 -4.835  -3.798  1.00 31.92  ? 383 HOH   A O   1 
HETATM 1241 O  O   . HOH   J 6 .   ? 11.236  2.121   14.610  1.00 55.69  ? 384 HOH   A O   1 
HETATM 1242 O  O   . HOH   J 6 .   ? 2.560   14.060  1.936   1.00 31.38  ? 385 HOH   A O   1 
HETATM 1243 O  O   . HOH   J 6 .   ? 4.112   14.177  8.886   1.00 40.96  ? 386 HOH   A O   1 
HETATM 1244 O  O   . HOH   J 6 .   ? -7.126  13.849  -5.866  1.00 36.29  ? 387 HOH   A O   1 
HETATM 1245 O  O   . HOH   J 6 .   ? 4.663   -2.694  -16.572 1.00 29.83  ? 388 HOH   A O   1 
HETATM 1246 O  O   . HOH   J 6 .   ? 10.288  11.179  11.108  1.00 34.00  ? 389 HOH   A O   1 
HETATM 1247 O  O   . HOH   J 6 .   ? -6.003  -12.772 12.398  1.00 35.54  ? 390 HOH   A O   1 
HETATM 1248 O  O   . HOH   J 6 .   ? 8.354   -0.952  -13.229 1.00 47.71  ? 391 HOH   A O   1 
HETATM 1249 O  O   . HOH   J 6 .   ? -0.976  9.379   -20.242 1.00 34.12  ? 392 HOH   A O   1 
HETATM 1250 O  O   . HOH   J 6 .   ? 12.039  -4.696  10.615  1.00 26.96  ? 393 HOH   A O   1 
HETATM 1251 O  O   . HOH   J 6 .   ? -10.605 7.857   -7.824  1.00 42.09  ? 394 HOH   A O   1 
HETATM 1252 O  O   . HOH   J 6 .   ? -6.185  3.178   8.875   1.00 25.02  ? 395 HOH   A O   1 
HETATM 1253 O  O   . HOH   J 6 .   ? 6.771   -16.029 2.879   1.00 45.26  ? 396 HOH   A O   1 
HETATM 1254 O  O   . HOH   J 6 .   ? -11.198 3.613   -15.754 1.00 35.86  ? 397 HOH   A O   1 
HETATM 1255 O  O   . HOH   J 6 .   ? 2.480   -6.225  -16.876 1.00 40.73  ? 398 HOH   A O   1 
HETATM 1256 O  O   . HOH   J 6 .   ? -8.878  4.172   6.965   1.00 28.58  ? 399 HOH   A O   1 
HETATM 1257 O  O   . HOH   J 6 .   ? -11.889 -10.550 -1.108  1.00 41.06  ? 400 HOH   A O   1 
HETATM 1258 O  O   . HOH   J 6 .   ? -9.846  14.549  -8.718  1.00 58.50  ? 401 HOH   A O   1 
HETATM 1259 O  O   . HOH   J 6 .   ? -10.277 -11.194 12.767  1.00 35.63  ? 402 HOH   A O   1 
HETATM 1260 O  O   . HOH   J 6 .   ? -9.180  -2.528  -11.688 1.00 49.15  ? 403 HOH   A O   1 
HETATM 1261 O  O   . HOH   J 6 .   ? -12.789 -14.203 7.372   1.00 24.17  ? 404 HOH   A O   1 
HETATM 1262 O  O   . HOH   J 6 .   ? 1.710   8.021   -18.990 1.00 40.87  ? 405 HOH   A O   1 
HETATM 1263 O  O   . HOH   J 6 .   ? 0.648   -6.385  15.932  1.00 24.04  ? 406 HOH   A O   1 
HETATM 1264 O  O   . HOH   J 6 .   ? -3.172  11.832  6.085   1.00 33.05  ? 407 HOH   A O   1 
HETATM 1265 O  O   . HOH   J 6 .   ? -1.399  -4.357  18.522  1.00 43.38  ? 408 HOH   A O   1 
HETATM 1266 O  O   . HOH   J 6 .   ? -9.347  -2.976  16.893  1.00 37.40  ? 409 HOH   A O   1 
HETATM 1267 O  O   . HOH   J 6 .   ? -1.192  16.327  7.834   1.00 45.62  ? 410 HOH   A O   1 
HETATM 1268 O  O   . HOH   J 6 .   ? 12.547  -3.824  -0.531  1.00 30.95  ? 411 HOH   A O   1 
HETATM 1269 O  O   . HOH   J 6 .   ? -5.652  18.703  0.054   1.00 31.05  ? 412 HOH   A O   1 
HETATM 1270 O  O   . HOH   J 6 .   ? -12.387 0.197   14.174  1.00 27.68  ? 413 HOH   A O   1 
HETATM 1271 O  O   . HOH   J 6 .   ? 1.093   -14.254 4.552   1.00 37.68  ? 414 HOH   A O   1 
HETATM 1272 O  O   . HOH   J 6 .   ? 13.600  7.845   13.385  1.00 34.54  ? 415 HOH   A O   1 
HETATM 1273 O  O   . HOH   J 6 .   ? 9.669   14.695  -0.134  1.00 36.02  ? 416 HOH   A O   1 
HETATM 1274 O  O   . HOH   J 6 .   ? 10.744  -14.500 2.329   1.00 47.07  ? 417 HOH   A O   1 
HETATM 1275 O  O   . HOH   J 6 .   ? -8.395  2.773   4.343   1.00 22.78  ? 418 HOH   A O   1 
HETATM 1276 O  O   . HOH   J 6 .   ? 2.169   -12.270 2.863   1.00 34.45  ? 419 HOH   A O   1 
HETATM 1277 O  O   . HOH   J 6 .   ? 12.738  -2.271  1.102   1.00 36.92  ? 420 HOH   A O   1 
HETATM 1278 O  O   . HOH   J 6 .   ? -9.936  -0.360  -21.613 1.00 34.81  ? 421 HOH   A O   1 
HETATM 1279 O  O   . HOH   J 6 .   ? -21.596 -2.177  3.987   1.00 55.34  ? 422 HOH   A O   1 
HETATM 1280 O  O   . HOH   J 6 .   ? -4.205  -7.255  13.571  1.00 25.20  ? 423 HOH   A O   1 
HETATM 1281 O  O   . HOH   J 6 .   ? -8.151  6.372   -22.833 1.00 37.72  ? 424 HOH   A O   1 
HETATM 1282 O  O   . HOH   J 6 .   ? 10.816  1.480   -6.458  1.00 37.11  ? 425 HOH   A O   1 
HETATM 1283 O  O   . HOH   J 6 .   ? -9.907  5.152   -1.080  1.00 32.58  ? 426 HOH   A O   1 
HETATM 1284 O  O   . HOH   J 6 .   ? 5.342   10.280  -15.261 1.00 45.24  ? 427 HOH   A O   1 
HETATM 1285 O  O   . HOH   J 6 .   ? -12.217 1.797   -1.796  1.00 49.84  ? 428 HOH   A O   1 
HETATM 1286 O  O   . HOH   J 6 .   ? 15.212  -6.442  1.459   1.00 38.84  ? 429 HOH   A O   1 
HETATM 1287 O  O   . HOH   J 6 .   ? -8.555  -0.124  -5.201  1.00 24.55  ? 430 HOH   A O   1 
HETATM 1288 O  O   . HOH   J 6 .   ? 0.206   -6.930  -15.619 1.00 42.42  ? 431 HOH   A O   1 
HETATM 1289 O  O   . HOH   J 6 .   ? -0.392  -11.581 -1.692  0.41 35.74  ? 432 HOH   A O   1 
HETATM 1290 O  O   . HOH   J 6 .   ? -9.567  2.597   -5.507  1.00 33.71  ? 433 HOH   A O   1 
HETATM 1291 O  O   . HOH   J 6 .   ? 7.028   3.389   -14.074 1.00 30.53  ? 434 HOH   A O   1 
HETATM 1292 O  O   . HOH   J 6 .   ? 16.521  -20.068 -2.600  1.00 47.11  ? 435 HOH   A O   1 
HETATM 1293 O  O   . HOH   J 6 .   ? -6.621  -8.151  12.331  1.00 20.58  ? 436 HOH   A O   1 
HETATM 1294 O  O   . HOH   J 6 .   ? -2.197  19.308  -1.378  1.00 62.99  ? 437 HOH   A O   1 
HETATM 1295 O  O   . HOH   J 6 .   ? 6.400   -11.520 -10.846 1.00 51.86  ? 438 HOH   A O   1 
HETATM 1296 O  O   . HOH   J 6 .   ? -9.308  12.839  -0.956  1.00 56.12  ? 439 HOH   A O   1 
HETATM 1297 O  O   . HOH   J 6 .   ? -8.466  12.466  -11.299 1.00 53.80  ? 440 HOH   A O   1 
HETATM 1298 O  O   . HOH   J 6 .   ? 13.482  -0.192  4.954   1.00 59.33  ? 441 HOH   A O   1 
HETATM 1299 O  O   . HOH   J 6 .   ? 12.033  9.309   -3.844  1.00 39.15  ? 442 HOH   A O   1 
HETATM 1300 O  O   . HOH   J 6 .   ? -11.393 -0.076  -15.543 1.00 35.98  ? 443 HOH   A O   1 
HETATM 1301 O  O   . HOH   J 6 .   ? 4.097   -19.249 -9.219  1.00 58.18  ? 444 HOH   A O   1 
HETATM 1302 O  O   . HOH   J 6 .   ? -10.933 1.968   -8.200  1.00 42.42  ? 445 HOH   A O   1 
HETATM 1303 O  O   . HOH   J 6 .   ? 7.661   -19.848 -8.004  1.00 73.09  ? 446 HOH   A O   1 
HETATM 1304 O  O   . HOH   J 6 .   ? -14.607 0.862   12.604  1.00 43.77  ? 447 HOH   A O   1 
HETATM 1305 O  O   . HOH   J 6 .   ? -8.285  11.435  0.544   1.00 48.94  ? 448 HOH   A O   1 
HETATM 1306 O  O   . HOH   J 6 .   ? -5.305  20.655  -7.809  1.00 83.27  ? 449 HOH   A O   1 
HETATM 1307 O  O   . HOH   J 6 .   ? 1.633   17.833  5.077   1.00 66.42  ? 450 HOH   A O   1 
HETATM 1308 O  O   . HOH   J 6 .   ? 7.868   5.731   -13.961 1.00 51.91  ? 451 HOH   A O   1 
HETATM 1309 O  O   . HOH   J 6 .   ? 9.527   -9.121  -8.904  1.00 60.96  ? 452 HOH   A O   1 
HETATM 1310 O  O   . HOH   J 6 .   ? -11.445 4.129   -9.628  1.00 54.69  ? 453 HOH   A O   1 
HETATM 1311 O  O   . HOH   J 6 .   ? 11.938  14.037  -6.731  1.00 47.19  ? 454 HOH   A O   1 
HETATM 1312 O  O   . HOH   J 6 .   ? 9.261   6.872   14.301  1.00 26.51  ? 455 HOH   A O   1 
HETATM 1313 O  O   . HOH   J 6 .   ? 11.727  6.393   -4.721  1.00 43.03  ? 456 HOH   A O   1 
HETATM 1314 O  O   . HOH   J 6 .   ? -7.651  21.086  -7.196  1.00 37.54  ? 457 HOH   A O   1 
HETATM 1315 O  O   . HOH   J 6 .   ? -9.833  -7.855  -5.154  1.00 47.44  ? 458 HOH   A O   1 
HETATM 1316 O  O   . HOH   J 6 .   ? 12.266  11.268  -4.862  1.00 47.38  ? 459 HOH   A O   1 
HETATM 1317 O  O   . HOH   J 6 .   ? 11.679  -13.430 -7.839  1.00 62.37  ? 460 HOH   A O   1 
HETATM 1318 O  O   . HOH   J 6 .   ? 10.227  4.369   15.569  1.00 45.59  ? 461 HOH   A O   1 
HETATM 1319 O  O   . HOH   J 6 .   ? 0.844   -1.925  18.086  1.00 36.94  ? 462 HOH   A O   1 
HETATM 1320 O  O   . HOH   J 6 .   ? -3.012  -16.893 1.297   0.41 65.48  ? 463 HOH   A O   1 
HETATM 1321 O  O   . HOH   J 6 .   ? -13.579 -5.254  -2.662  1.00 40.84  ? 464 HOH   A O   1 
HETATM 1322 O  O   . HOH   J 6 .   ? -4.665  -15.891 -3.300  0.41 24.75  ? 465 HOH   A O   1 
HETATM 1323 O  O   . HOH   J 6 .   ? 2.773   -15.594 1.815   1.00 41.44  ? 466 HOH   A O   1 
HETATM 1324 O  O   . HOH   J 6 .   ? -11.981 -8.838  -4.394  1.00 52.50  ? 467 HOH   A O   1 
HETATM 1325 O  O   . HOH   J 6 .   ? 16.095  -12.124 -3.125  1.00 63.19  ? 468 HOH   A O   1 
HETATM 1326 O  O   . HOH   J 6 .   ? -8.007  -9.962  13.455  1.00 37.65  ? 469 HOH   A O   1 
HETATM 1327 O  O   . HOH   J 6 .   ? -5.769  13.955  8.531   1.00 32.57  ? 470 HOH   A O   1 
HETATM 1328 O  O   . HOH   J 6 .   ? 13.258  1.172   6.611   1.00 43.62  ? 471 HOH   A O   1 
HETATM 1329 O  O   . HOH   J 6 .   ? 0.974   -20.962 -2.999  0.41 25.39  ? 472 HOH   A O   1 
HETATM 1330 O  O   . HOH   J 6 .   ? -1.919  -19.570 -1.597  1.00 53.30  ? 473 HOH   A O   1 
HETATM 1331 O  O   . HOH   J 6 .   ? -9.202  9.821   -8.361  1.00 62.72  ? 474 HOH   A O   1 
HETATM 1332 O  O   . HOH   J 6 .   ? 8.830   9.002   16.172  1.00 48.42  ? 475 HOH   A O   1 
HETATM 1333 O  O   . HOH   J 6 .   ? -4.413  -18.952 10.193  1.00 48.00  ? 476 HOH   A O   1 
HETATM 1334 O  O   . HOH   J 6 .   ? 11.199  3.886   -6.764  1.00 53.29  ? 477 HOH   A O   1 
HETATM 1335 O  O   . HOH   J 6 .   ? 12.471  -6.936  -6.729  1.00 46.34  ? 478 HOH   A O   1 
HETATM 1336 O  O   . HOH   J 6 .   ? 8.469   9.458   -10.620 1.00 49.69  ? 479 HOH   A O   1 
HETATM 1337 O  O   . HOH   J 6 .   ? -11.097 -6.505  -6.990  1.00 45.04  ? 480 HOH   A O   1 
HETATM 1338 O  O   . HOH   J 6 .   ? 4.603   -13.431 2.829   1.00 39.22  ? 481 HOH   A O   1 
HETATM 1339 O  O   . HOH   J 6 .   ? 12.261  1.947   3.508   1.00 35.47  ? 482 HOH   A O   1 
HETATM 1340 O  O   . HOH   J 6 .   ? 13.325  -11.392 -6.953  1.00 60.99  ? 483 HOH   A O   1 
HETATM 1341 O  O   . HOH   J 6 .   ? -11.152 20.046  -8.687  1.00 55.34  ? 484 HOH   A O   1 
HETATM 1342 O  O   . HOH   J 6 .   ? -22.550 -2.126  9.229   1.00 59.92  ? 485 HOH   A O   1 
HETATM 1343 O  O   . HOH   J 6 .   ? -10.431 -1.529  -6.453  1.00 31.17  ? 486 HOH   A O   1 
HETATM 1344 O  O   . HOH   J 6 .   ? -6.061  -6.084  17.893  1.00 39.16  ? 487 HOH   A O   1 
HETATM 1345 O  O   . HOH   J 6 .   ? 12.403  8.891   -8.850  1.00 52.30  ? 488 HOH   A O   1 
HETATM 1346 O  O   . HOH   J 6 .   ? 1.062   13.459  -13.789 1.00 68.36  ? 489 HOH   A O   1 
HETATM 1347 O  O   . HOH   J 6 .   ? -19.564 -1.148  10.780  1.00 45.58  ? 490 HOH   A O   1 
HETATM 1348 O  O   . HOH   J 6 .   ? -19.395 -4.703  11.646  1.00 36.26  ? 491 HOH   A O   1 
HETATM 1349 O  O   . HOH   J 6 .   ? -9.043  -9.733  16.521  1.00 39.99  ? 492 HOH   A O   1 
HETATM 1350 O  O   . HOH   J 6 .   ? -7.054  8.550   -22.499 1.00 40.69  ? 493 HOH   A O   1 
HETATM 1351 O  O   . HOH   J 6 .   ? -9.039  12.337  -7.423  1.00 42.60  ? 494 HOH   A O   1 
HETATM 1352 O  O   . HOH   J 6 .   ? -11.552 -4.577  -6.052  1.00 41.76  ? 495 HOH   A O   1 
HETATM 1353 O  O   . HOH   J 6 .   ? -7.876  -4.739  17.950  1.00 49.54  ? 496 HOH   A O   1 
HETATM 1354 O  O   . HOH   J 6 .   ? -9.763  -13.954 -9.877  0.41 28.78  ? 497 HOH   A O   1 
HETATM 1355 O  O   . HOH   J 6 .   ? -10.191 11.812  -3.173  1.00 58.66  ? 498 HOH   A O   1 
HETATM 1356 O  O   . HOH   J 6 .   ? 12.610  11.163  -7.727  1.00 56.41  ? 499 HOH   A O   1 
HETATM 1357 O  O   . HOH   J 6 .   ? -12.454 -0.921  -11.411 1.00 73.87  ? 500 HOH   A O   1 
HETATM 1358 O  O   . HOH   J 6 .   ? 5.822   -14.658 5.029   1.00 46.04  ? 501 HOH   A O   1 
HETATM 1359 O  O   . HOH   J 6 .   ? -10.169 -5.488  17.892  1.00 41.24  ? 502 HOH   A O   1 
HETATM 1360 O  O   . HOH   J 6 .   ? 11.308  13.290  -9.028  1.00 50.71  ? 503 HOH   A O   1 
HETATM 1361 O  O   . HOH   J 6 .   ? -1.014  -20.808 0.485   1.00 63.59  ? 504 HOH   A O   1 
HETATM 1362 O  O   . HOH   J 6 .   ? -7.302  25.954  -5.813  1.00 83.34  ? 505 HOH   A O   1 
HETATM 1363 O  O   . HOH   J 6 .   ? 17.281  -9.940  -5.673  1.00 61.37  ? 506 HOH   A O   1 
# 
